data_5ZAS
# 
_entry.id   5ZAS 
# 
_audit_conform.dict_name       mmcif_pdbx.dic 
_audit_conform.dict_version    5.387 
_audit_conform.dict_location   http://mmcif.pdb.org/dictionaries/ascii/mmcif_pdbx.dic 
# 
loop_
_database_2.database_id 
_database_2.database_code 
_database_2.pdbx_database_accession 
_database_2.pdbx_DOI 
PDB   5ZAS         pdb_00005zas 10.2210/pdb5zas/pdb 
WWPDB D_1300006772 ?            ?                   
# 
loop_
_pdbx_audit_revision_history.ordinal 
_pdbx_audit_revision_history.data_content_type 
_pdbx_audit_revision_history.major_revision 
_pdbx_audit_revision_history.minor_revision 
_pdbx_audit_revision_history.revision_date 
1 'Structure model' 1 0 2019-02-13 
2 'Structure model' 1 1 2019-08-28 
3 'Structure model' 1 2 2019-09-18 
4 'Structure model' 1 3 2024-03-27 
# 
_pdbx_audit_revision_details.ordinal             1 
_pdbx_audit_revision_details.revision_ordinal    1 
_pdbx_audit_revision_details.data_content_type   'Structure model' 
_pdbx_audit_revision_details.provider            repository 
_pdbx_audit_revision_details.type                'Initial release' 
_pdbx_audit_revision_details.description         ? 
_pdbx_audit_revision_details.details             ? 
# 
loop_
_pdbx_audit_revision_group.ordinal 
_pdbx_audit_revision_group.revision_ordinal 
_pdbx_audit_revision_group.data_content_type 
_pdbx_audit_revision_group.group 
1 2 'Structure model' 'Data collection'     
2 2 'Structure model' 'Database references' 
3 3 'Structure model' 'Data collection'     
4 3 'Structure model' 'Database references' 
5 4 'Structure model' 'Data collection'     
6 4 'Structure model' 'Database references' 
# 
loop_
_pdbx_audit_revision_category.ordinal 
_pdbx_audit_revision_category.revision_ordinal 
_pdbx_audit_revision_category.data_content_type 
_pdbx_audit_revision_category.category 
1 2 'Structure model' citation        
2 2 'Structure model' citation_author 
3 3 'Structure model' citation        
4 3 'Structure model' citation_author 
5 4 'Structure model' chem_comp_atom  
6 4 'Structure model' chem_comp_bond  
7 4 'Structure model' database_2      
# 
loop_
_pdbx_audit_revision_item.ordinal 
_pdbx_audit_revision_item.revision_ordinal 
_pdbx_audit_revision_item.data_content_type 
_pdbx_audit_revision_item.item 
1  2 'Structure model' '_citation.country'                   
2  2 'Structure model' '_citation.journal_abbrev'            
3  2 'Structure model' '_citation.journal_id_CSD'            
4  2 'Structure model' '_citation.journal_id_ISSN'           
5  2 'Structure model' '_citation.pdbx_database_id_DOI'      
6  2 'Structure model' '_citation.title'                     
7  2 'Structure model' '_citation.year'                      
8  3 'Structure model' '_citation.journal_id_ISSN'           
9  3 'Structure model' '_citation.journal_volume'            
10 3 'Structure model' '_citation.page_first'                
11 3 'Structure model' '_citation.page_last'                 
12 3 'Structure model' '_citation.pdbx_database_id_PubMed'   
13 3 'Structure model' '_citation.title'                     
14 3 'Structure model' '_citation_author.identifier_ORCID'   
15 3 'Structure model' '_citation_author.name'               
16 4 'Structure model' '_database_2.pdbx_DOI'                
17 4 'Structure model' '_database_2.pdbx_database_accession' 
# 
_pdbx_database_status.status_code                     REL 
_pdbx_database_status.status_code_sf                  REL 
_pdbx_database_status.status_code_mr                  ? 
_pdbx_database_status.entry_id                        5ZAS 
_pdbx_database_status.recvd_initial_deposition_date   2018-02-08 
_pdbx_database_status.SG_entry                        N 
_pdbx_database_status.deposit_site                    PDBJ 
_pdbx_database_status.process_site                    PDBJ 
_pdbx_database_status.status_code_cs                  ? 
_pdbx_database_status.methods_development_category    ? 
_pdbx_database_status.pdb_format_compatible           Y 
_pdbx_database_status.status_code_nmr_data            ? 
# 
loop_
_audit_author.name 
_audit_author.pdbx_ordinal 
_audit_author.identifier_ORCID 
'Fu, T.R.'  1 ? 
'Zhang, L.' 2 ? 
# 
_citation.abstract                  ? 
_citation.abstract_id_CAS           ? 
_citation.book_id_ISBN              ? 
_citation.book_publisher            ? 
_citation.book_publisher_city       ? 
_citation.book_title                ? 
_citation.coordinate_linkage        ? 
_citation.country                   UK 
_citation.database_id_Medline       ? 
_citation.details                   ? 
_citation.id                        primary 
_citation.journal_abbrev            'Chem Sci' 
_citation.journal_id_ASTM           ? 
_citation.journal_id_CSD            ? 
_citation.journal_id_ISSN           2041-6520 
_citation.journal_full              ? 
_citation.journal_issue             ? 
_citation.journal_volume            10 
_citation.language                  ? 
_citation.page_first                7407 
_citation.page_last                 7417 
_citation.title                     
'Thymine DNA glycosylase recognizes the geometry alteration of minor grooves induced by 5-formylcytosine and 5-carboxylcytosine.' 
_citation.year                      2019 
_citation.database_id_CSD           ? 
_citation.pdbx_database_id_DOI      10.1039/c9sc02807b 
_citation.pdbx_database_id_PubMed   31489163 
_citation.unpublished_flag          ? 
# 
loop_
_citation_author.citation_id 
_citation_author.name 
_citation_author.ordinal 
_citation_author.identifier_ORCID 
primary 'Fu, T.'     1  ?                   
primary 'Liu, L.'    2  ?                   
primary 'Yang, Q.L.' 3  ?                   
primary 'Wang, Y.'   4  0000-0003-3892-7242 
primary 'Xu, P.'     5  ?                   
primary 'Zhang, L.'  6  0000-0002-3076-6993 
primary 'Liu, S.'    7  ?                   
primary 'Dai, Q.'    8  ?                   
primary 'Ji, Q.'     9  0000-0002-2321-8462 
primary 'Xu, G.L.'   10 ?                   
primary 'He, C.'     11 ?                   
primary 'Luo, C.'    12 0000-0003-3864-8382 
primary 'Zhang, L.'  13 0000-0002-7672-1168 
# 
loop_
_entity.id 
_entity.type 
_entity.src_method 
_entity.pdbx_description 
_entity.formula_weight 
_entity.pdbx_number_of_molecules 
_entity.pdbx_ec 
_entity.pdbx_mutation 
_entity.pdbx_fragment 
_entity.details 
1 polymer     syn 
;DNA (5'-D(*CP*CP*AP*GP*(5FC)P*GP*CP*TP*GP*G)-3')
;
3074.002 2   ? ? ? ? 
2 non-polymer syn 'BICARBONATE ION'                                  61.017   2   ? ? ? ? 
3 water       nat water                                              18.015   118 ? ? ? ? 
# 
_entity_poly.entity_id                      1 
_entity_poly.type                           polydeoxyribonucleotide 
_entity_poly.nstd_linkage                   no 
_entity_poly.nstd_monomer                   yes 
_entity_poly.pdbx_seq_one_letter_code       '(DC)(DC)(DA)(DG)(5FC)(DG)(DC)(DT)(DG)(DG)' 
_entity_poly.pdbx_seq_one_letter_code_can   CCAGCGCTGG 
_entity_poly.pdbx_strand_id                 A,B 
_entity_poly.pdbx_target_identifier         ? 
# 
loop_
_pdbx_entity_nonpoly.entity_id 
_pdbx_entity_nonpoly.name 
_pdbx_entity_nonpoly.comp_id 
2 'BICARBONATE ION' BCT 
3 water             HOH 
# 
loop_
_entity_poly_seq.entity_id 
_entity_poly_seq.num 
_entity_poly_seq.mon_id 
_entity_poly_seq.hetero 
1 1  DC  n 
1 2  DC  n 
1 3  DA  n 
1 4  DG  n 
1 5  5FC n 
1 6  DG  n 
1 7  DC  n 
1 8  DT  n 
1 9  DG  n 
1 10 DG  n 
# 
_pdbx_entity_src_syn.entity_id              1 
_pdbx_entity_src_syn.pdbx_src_id            1 
_pdbx_entity_src_syn.pdbx_alt_source_flag   sample 
_pdbx_entity_src_syn.pdbx_beg_seq_num       1 
_pdbx_entity_src_syn.pdbx_end_seq_num       10 
_pdbx_entity_src_syn.organism_scientific    'Homo sapiens' 
_pdbx_entity_src_syn.organism_common_name   ? 
_pdbx_entity_src_syn.ncbi_taxonomy_id       9606 
_pdbx_entity_src_syn.details                ? 
# 
loop_
_chem_comp.id 
_chem_comp.type 
_chem_comp.mon_nstd_flag 
_chem_comp.name 
_chem_comp.pdbx_synonyms 
_chem_comp.formula 
_chem_comp.formula_weight 
5FC 'DNA linking' n "5-FORMYL-2'-DEOXY-CYTIDINE-5'-MONOPHOSPHATE" "2'-DEOXY-5-FORMYLCYTIDINE-5'-MONOPHOSPHATE" 'C10 H14 N3 O8 P' 
335.207 
BCT non-polymer   . 'BICARBONATE ION'                             ?                                            'C H O3 -1'       
61.017  
DA  'DNA linking' y "2'-DEOXYADENOSINE-5'-MONOPHOSPHATE"          ?                                            'C10 H14 N5 O6 P' 
331.222 
DC  'DNA linking' y "2'-DEOXYCYTIDINE-5'-MONOPHOSPHATE"           ?                                            'C9 H14 N3 O7 P'  
307.197 
DG  'DNA linking' y "2'-DEOXYGUANOSINE-5'-MONOPHOSPHATE"          ?                                            'C10 H14 N5 O7 P' 
347.221 
DT  'DNA linking' y "THYMIDINE-5'-MONOPHOSPHATE"                  ?                                            'C10 H15 N2 O8 P' 
322.208 
HOH non-polymer   . WATER                                         ?                                            'H2 O'            
18.015  
# 
loop_
_pdbx_poly_seq_scheme.asym_id 
_pdbx_poly_seq_scheme.entity_id 
_pdbx_poly_seq_scheme.seq_id 
_pdbx_poly_seq_scheme.mon_id 
_pdbx_poly_seq_scheme.ndb_seq_num 
_pdbx_poly_seq_scheme.pdb_seq_num 
_pdbx_poly_seq_scheme.auth_seq_num 
_pdbx_poly_seq_scheme.pdb_mon_id 
_pdbx_poly_seq_scheme.auth_mon_id 
_pdbx_poly_seq_scheme.pdb_strand_id 
_pdbx_poly_seq_scheme.pdb_ins_code 
_pdbx_poly_seq_scheme.hetero 
A 1 1  DC  1  1  1  DC  DC  A . n 
A 1 2  DC  2  2  2  DC  DC  A . n 
A 1 3  DA  3  3  3  DA  DA  A . n 
A 1 4  DG  4  4  4  DG  DG  A . n 
A 1 5  5FC 5  5  5  5FC 5fC A . n 
A 1 6  DG  6  6  6  DG  DG  A . n 
A 1 7  DC  7  7  7  DC  DC  A . n 
A 1 8  DT  8  8  8  DT  DT  A . n 
A 1 9  DG  9  9  9  DG  DG  A . n 
A 1 10 DG  10 10 10 DG  DG  A . n 
B 1 1  DC  1  11 11 DC  DC  B . n 
B 1 2  DC  2  12 12 DC  DC  B . n 
B 1 3  DA  3  13 13 DA  DA  B . n 
B 1 4  DG  4  14 14 DG  DG  B . n 
B 1 5  5FC 5  15 15 5FC 5fC B . n 
B 1 6  DG  6  16 16 DG  DG  B . n 
B 1 7  DC  7  17 17 DC  DC  B . n 
B 1 8  DT  8  18 18 DT  DT  B . n 
B 1 9  DG  9  19 19 DG  DG  B . n 
B 1 10 DG  10 20 20 DG  DG  B . n 
# 
loop_
_pdbx_nonpoly_scheme.asym_id 
_pdbx_nonpoly_scheme.entity_id 
_pdbx_nonpoly_scheme.mon_id 
_pdbx_nonpoly_scheme.ndb_seq_num 
_pdbx_nonpoly_scheme.pdb_seq_num 
_pdbx_nonpoly_scheme.auth_seq_num 
_pdbx_nonpoly_scheme.pdb_mon_id 
_pdbx_nonpoly_scheme.auth_mon_id 
_pdbx_nonpoly_scheme.pdb_strand_id 
_pdbx_nonpoly_scheme.pdb_ins_code 
C 2 BCT 1  101 498 BCT BCT A . 
D 2 BCT 1  102 499 BCT BCT A . 
E 3 HOH 1  201 54  HOH HOH A . 
E 3 HOH 2  202 63  HOH HOH A . 
E 3 HOH 3  203 16  HOH HOH A . 
E 3 HOH 4  204 33  HOH HOH A . 
E 3 HOH 5  205 90  HOH HOH A . 
E 3 HOH 6  206 69  HOH HOH A . 
E 3 HOH 7  207 79  HOH HOH A . 
E 3 HOH 8  208 15  HOH HOH A . 
E 3 HOH 9  209 70  HOH HOH A . 
E 3 HOH 10 210 9   HOH HOH A . 
E 3 HOH 11 211 113 HOH HOH A . 
E 3 HOH 12 212 72  HOH HOH A . 
E 3 HOH 13 213 18  HOH HOH A . 
E 3 HOH 14 214 2   HOH HOH A . 
E 3 HOH 15 215 25  HOH HOH A . 
E 3 HOH 16 216 35  HOH HOH A . 
E 3 HOH 17 217 78  HOH HOH A . 
E 3 HOH 18 218 107 HOH HOH A . 
E 3 HOH 19 219 31  HOH HOH A . 
E 3 HOH 20 220 22  HOH HOH A . 
E 3 HOH 21 221 3   HOH HOH A . 
E 3 HOH 22 222 56  HOH HOH A . 
E 3 HOH 23 223 37  HOH HOH A . 
E 3 HOH 24 224 102 HOH HOH A . 
E 3 HOH 25 225 5   HOH HOH A . 
E 3 HOH 26 226 41  HOH HOH A . 
E 3 HOH 27 227 47  HOH HOH A . 
E 3 HOH 28 228 68  HOH HOH A . 
E 3 HOH 29 229 19  HOH HOH A . 
E 3 HOH 30 230 50  HOH HOH A . 
E 3 HOH 31 231 85  HOH HOH A . 
E 3 HOH 32 232 64  HOH HOH A . 
E 3 HOH 33 233 112 HOH HOH A . 
E 3 HOH 34 234 17  HOH HOH A . 
E 3 HOH 35 235 6   HOH HOH A . 
E 3 HOH 36 236 26  HOH HOH A . 
E 3 HOH 37 237 7   HOH HOH A . 
E 3 HOH 38 238 40  HOH HOH A . 
E 3 HOH 39 239 115 HOH HOH A . 
E 3 HOH 40 240 118 HOH HOH A . 
E 3 HOH 41 241 20  HOH HOH A . 
E 3 HOH 42 242 36  HOH HOH A . 
E 3 HOH 43 243 94  HOH HOH A . 
E 3 HOH 44 244 42  HOH HOH A . 
E 3 HOH 45 245 24  HOH HOH A . 
E 3 HOH 46 246 67  HOH HOH A . 
E 3 HOH 47 247 77  HOH HOH A . 
E 3 HOH 48 248 111 HOH HOH A . 
E 3 HOH 49 249 49  HOH HOH A . 
E 3 HOH 50 250 65  HOH HOH A . 
E 3 HOH 51 251 23  HOH HOH A . 
E 3 HOH 52 252 1   HOH HOH A . 
E 3 HOH 53 253 76  HOH HOH A . 
E 3 HOH 54 254 93  HOH HOH A . 
E 3 HOH 55 255 51  HOH HOH A . 
E 3 HOH 56 256 30  HOH HOH A . 
E 3 HOH 57 257 116 HOH HOH A . 
E 3 HOH 58 258 73  HOH HOH A . 
E 3 HOH 59 259 61  HOH HOH A . 
E 3 HOH 60 260 58  HOH HOH A . 
E 3 HOH 61 261 103 HOH HOH A . 
E 3 HOH 62 262 74  HOH HOH A . 
E 3 HOH 63 263 110 HOH HOH A . 
E 3 HOH 64 264 59  HOH HOH A . 
E 3 HOH 65 265 57  HOH HOH A . 
E 3 HOH 66 266 101 HOH HOH A . 
E 3 HOH 67 267 92  HOH HOH A . 
E 3 HOH 68 268 108 HOH HOH A . 
E 3 HOH 69 269 86  HOH HOH A . 
F 3 HOH 1  101 117 HOH HOH B . 
F 3 HOH 2  102 39  HOH HOH B . 
F 3 HOH 3  103 75  HOH HOH B . 
F 3 HOH 4  104 53  HOH HOH B . 
F 3 HOH 5  105 14  HOH HOH B . 
F 3 HOH 6  106 97  HOH HOH B . 
F 3 HOH 7  107 10  HOH HOH B . 
F 3 HOH 8  108 21  HOH HOH B . 
F 3 HOH 9  109 52  HOH HOH B . 
F 3 HOH 10 110 89  HOH HOH B . 
F 3 HOH 11 111 48  HOH HOH B . 
F 3 HOH 12 112 96  HOH HOH B . 
F 3 HOH 13 113 32  HOH HOH B . 
F 3 HOH 14 114 34  HOH HOH B . 
F 3 HOH 15 115 11  HOH HOH B . 
F 3 HOH 16 116 45  HOH HOH B . 
F 3 HOH 17 117 71  HOH HOH B . 
F 3 HOH 18 118 29  HOH HOH B . 
F 3 HOH 19 119 4   HOH HOH B . 
F 3 HOH 20 120 80  HOH HOH B . 
F 3 HOH 21 121 100 HOH HOH B . 
F 3 HOH 22 122 84  HOH HOH B . 
F 3 HOH 23 123 66  HOH HOH B . 
F 3 HOH 24 124 44  HOH HOH B . 
F 3 HOH 25 125 83  HOH HOH B . 
F 3 HOH 26 126 12  HOH HOH B . 
F 3 HOH 27 127 13  HOH HOH B . 
F 3 HOH 28 128 114 HOH HOH B . 
F 3 HOH 29 129 27  HOH HOH B . 
F 3 HOH 30 130 60  HOH HOH B . 
F 3 HOH 31 131 43  HOH HOH B . 
F 3 HOH 32 132 104 HOH HOH B . 
F 3 HOH 33 133 62  HOH HOH B . 
F 3 HOH 34 134 82  HOH HOH B . 
F 3 HOH 35 135 8   HOH HOH B . 
F 3 HOH 36 136 106 HOH HOH B . 
F 3 HOH 37 137 81  HOH HOH B . 
F 3 HOH 38 138 28  HOH HOH B . 
F 3 HOH 39 139 91  HOH HOH B . 
F 3 HOH 40 140 55  HOH HOH B . 
F 3 HOH 41 141 38  HOH HOH B . 
F 3 HOH 42 142 109 HOH HOH B . 
F 3 HOH 43 143 98  HOH HOH B . 
F 3 HOH 44 144 88  HOH HOH B . 
F 3 HOH 45 145 46  HOH HOH B . 
F 3 HOH 46 146 99  HOH HOH B . 
F 3 HOH 47 147 105 HOH HOH B . 
F 3 HOH 48 148 95  HOH HOH B . 
F 3 HOH 49 149 87  HOH HOH B . 
# 
loop_
_software.citation_id 
_software.classification 
_software.compiler_name 
_software.compiler_version 
_software.contact_author 
_software.contact_author_email 
_software.date 
_software.description 
_software.dependencies 
_software.hardware 
_software.language 
_software.location 
_software.mods 
_software.name 
_software.os 
_software.os_version 
_software.type 
_software.version 
_software.pdbx_ordinal 
? refinement       ? ? ? ? ? ? ? ? ? ? ? PHENIX   ? ? ? 5.8.0135 1 
? 'data reduction' ? ? ? ? ? ? ? ? ? ? ? HKL-3000 ? ? ? .        2 
? 'data scaling'   ? ? ? ? ? ? ? ? ? ? ? HKL-3000 ? ? ? .        3 
? phasing          ? ? ? ? ? ? ? ? ? ? ? PHENIX   ? ? ? .        4 
# 
_cell.angle_alpha                  90.00 
_cell.angle_alpha_esd              ? 
_cell.angle_beta                   90.00 
_cell.angle_beta_esd               ? 
_cell.angle_gamma                  120.00 
_cell.angle_gamma_esd              ? 
_cell.entry_id                     5ZAS 
_cell.details                      ? 
_cell.formula_units_Z              ? 
_cell.length_a                     54.548 
_cell.length_a_esd                 ? 
_cell.length_b                     54.548 
_cell.length_b_esd                 ? 
_cell.length_c                     45.819 
_cell.length_c_esd                 ? 
_cell.volume                       ? 
_cell.volume_esd                   ? 
_cell.Z_PDB                        12 
_cell.reciprocal_angle_alpha       ? 
_cell.reciprocal_angle_beta        ? 
_cell.reciprocal_angle_gamma       ? 
_cell.reciprocal_angle_alpha_esd   ? 
_cell.reciprocal_angle_beta_esd    ? 
_cell.reciprocal_angle_gamma_esd   ? 
_cell.reciprocal_length_a          ? 
_cell.reciprocal_length_b          ? 
_cell.reciprocal_length_c          ? 
_cell.reciprocal_length_a_esd      ? 
_cell.reciprocal_length_b_esd      ? 
_cell.reciprocal_length_c_esd      ? 
_cell.pdbx_unique_axis             ? 
# 
_symmetry.entry_id                         5ZAS 
_symmetry.cell_setting                     ? 
_symmetry.Int_Tables_number                169 
_symmetry.space_group_name_Hall            ? 
_symmetry.space_group_name_H-M             'P 61' 
_symmetry.pdbx_full_space_group_name_H-M   ? 
# 
_exptl.absorpt_coefficient_mu     ? 
_exptl.absorpt_correction_T_max   ? 
_exptl.absorpt_correction_T_min   ? 
_exptl.absorpt_correction_type    ? 
_exptl.absorpt_process_details    ? 
_exptl.entry_id                   5ZAS 
_exptl.crystals_number            1 
_exptl.details                    ? 
_exptl.method                     'X-RAY DIFFRACTION' 
_exptl.method_details             ? 
# 
_exptl_crystal.colour                      ? 
_exptl_crystal.density_diffrn              ? 
_exptl_crystal.density_Matthews            3.20 
_exptl_crystal.density_method              ? 
_exptl_crystal.density_percent_sol         61.57 
_exptl_crystal.description                 ? 
_exptl_crystal.F_000                       ? 
_exptl_crystal.id                          1 
_exptl_crystal.preparation                 ? 
_exptl_crystal.size_max                    ? 
_exptl_crystal.size_mid                    ? 
_exptl_crystal.size_min                    ? 
_exptl_crystal.size_rad                    ? 
_exptl_crystal.colour_lustre               ? 
_exptl_crystal.colour_modifier             ? 
_exptl_crystal.colour_primary              ? 
_exptl_crystal.density_meas                ? 
_exptl_crystal.density_meas_esd            ? 
_exptl_crystal.density_meas_gt             ? 
_exptl_crystal.density_meas_lt             ? 
_exptl_crystal.density_meas_temp           ? 
_exptl_crystal.density_meas_temp_esd       ? 
_exptl_crystal.density_meas_temp_gt        ? 
_exptl_crystal.density_meas_temp_lt        ? 
_exptl_crystal.pdbx_crystal_image_url      ? 
_exptl_crystal.pdbx_crystal_image_format   ? 
_exptl_crystal.pdbx_mosaicity              ? 
_exptl_crystal.pdbx_mosaicity_esd          ? 
# 
_exptl_crystal_grow.apparatus       ? 
_exptl_crystal_grow.atmosphere      ? 
_exptl_crystal_grow.crystal_id      1 
_exptl_crystal_grow.details         ? 
_exptl_crystal_grow.method          'VAPOR DIFFUSION, SITTING DROP' 
_exptl_crystal_grow.method_ref      ? 
_exptl_crystal_grow.pH              ? 
_exptl_crystal_grow.pressure        ? 
_exptl_crystal_grow.pressure_esd    ? 
_exptl_crystal_grow.seeding         ? 
_exptl_crystal_grow.seeding_ref     ? 
_exptl_crystal_grow.temp            277 
_exptl_crystal_grow.temp_details    ? 
_exptl_crystal_grow.temp_esd        ? 
_exptl_crystal_grow.time            ? 
_exptl_crystal_grow.pdbx_details    '50mM cacodylate pH 6.0, 20mM magnesium acetate, 0.5mM spermine, 100mM NaCl, 25% MPD' 
_exptl_crystal_grow.pdbx_pH_range   ? 
# 
_diffrn.ambient_environment    ? 
_diffrn.ambient_temp           180 
_diffrn.ambient_temp_details   ? 
_diffrn.ambient_temp_esd       ? 
_diffrn.crystal_id             1 
_diffrn.crystal_support        ? 
_diffrn.crystal_treatment      ? 
_diffrn.details                ? 
_diffrn.id                     1 
_diffrn.ambient_pressure       ? 
_diffrn.ambient_pressure_esd   ? 
_diffrn.ambient_pressure_gt    ? 
_diffrn.ambient_pressure_lt    ? 
_diffrn.ambient_temp_gt        ? 
_diffrn.ambient_temp_lt        ? 
# 
_diffrn_detector.details                      ? 
_diffrn_detector.detector                     PIXEL 
_diffrn_detector.diffrn_id                    1 
_diffrn_detector.type                         'DECTRIS PILATUS 300K' 
_diffrn_detector.area_resol_mean              ? 
_diffrn_detector.dtime                        ? 
_diffrn_detector.pdbx_frames_total            ? 
_diffrn_detector.pdbx_collection_time_total   ? 
_diffrn_detector.pdbx_collection_date         2016-06-13 
# 
_diffrn_radiation.collimation                      ? 
_diffrn_radiation.diffrn_id                        1 
_diffrn_radiation.filter_edge                      ? 
_diffrn_radiation.inhomogeneity                    ? 
_diffrn_radiation.monochromator                    ? 
_diffrn_radiation.polarisn_norm                    ? 
_diffrn_radiation.polarisn_ratio                   ? 
_diffrn_radiation.probe                            ? 
_diffrn_radiation.type                             ? 
_diffrn_radiation.xray_symbol                      ? 
_diffrn_radiation.wavelength_id                    1 
_diffrn_radiation.pdbx_monochromatic_or_laue_m_l   M 
_diffrn_radiation.pdbx_wavelength_list             ? 
_diffrn_radiation.pdbx_wavelength                  ? 
_diffrn_radiation.pdbx_diffrn_protocol             'SINGLE WAVELENGTH' 
_diffrn_radiation.pdbx_analyzer                    ? 
_diffrn_radiation.pdbx_scattering_type             x-ray 
# 
_diffrn_radiation_wavelength.id           1 
_diffrn_radiation_wavelength.wavelength   0.9676 
_diffrn_radiation_wavelength.wt           1.0 
# 
_diffrn_source.current                     ? 
_diffrn_source.details                     ? 
_diffrn_source.diffrn_id                   1 
_diffrn_source.power                       ? 
_diffrn_source.size                        ? 
_diffrn_source.source                      SYNCHROTRON 
_diffrn_source.target                      ? 
_diffrn_source.type                        'SSRF BEAMLINE BL19U1' 
_diffrn_source.voltage                     ? 
_diffrn_source.take-off_angle              ? 
_diffrn_source.pdbx_wavelength_list        0.9676 
_diffrn_source.pdbx_wavelength             ? 
_diffrn_source.pdbx_synchrotron_beamline   BL19U1 
_diffrn_source.pdbx_synchrotron_site       SSRF 
# 
_reflns.B_iso_Wilson_estimate            ? 
_reflns.entry_id                         5ZAS 
_reflns.data_reduction_details           ? 
_reflns.data_reduction_method            ? 
_reflns.d_resolution_high                1.56 
_reflns.d_resolution_low                 50 
_reflns.details                          ? 
_reflns.limit_h_max                      ? 
_reflns.limit_h_min                      ? 
_reflns.limit_k_max                      ? 
_reflns.limit_k_min                      ? 
_reflns.limit_l_max                      ? 
_reflns.limit_l_min                      ? 
_reflns.number_all                       ? 
_reflns.number_obs                       11176 
_reflns.observed_criterion               ? 
_reflns.observed_criterion_F_max         ? 
_reflns.observed_criterion_F_min         ? 
_reflns.observed_criterion_I_max         ? 
_reflns.observed_criterion_I_min         ? 
_reflns.observed_criterion_sigma_F       ? 
_reflns.observed_criterion_sigma_I       ? 
_reflns.percent_possible_obs             99.5 
_reflns.R_free_details                   ? 
_reflns.Rmerge_F_all                     ? 
_reflns.Rmerge_F_obs                     ? 
_reflns.Friedel_coverage                 ? 
_reflns.number_gt                        ? 
_reflns.threshold_expression             ? 
_reflns.pdbx_redundancy                  9.8 
_reflns.pdbx_Rmerge_I_obs                ? 
_reflns.pdbx_Rmerge_I_all                ? 
_reflns.pdbx_Rsym_value                  ? 
_reflns.pdbx_netI_over_av_sigmaI         ? 
_reflns.pdbx_netI_over_sigmaI            37.6 
_reflns.pdbx_res_netI_over_av_sigmaI_2   ? 
_reflns.pdbx_res_netI_over_sigmaI_2      ? 
_reflns.pdbx_chi_squared                 ? 
_reflns.pdbx_scaling_rejects             ? 
_reflns.pdbx_d_res_high_opt              ? 
_reflns.pdbx_d_res_low_opt               ? 
_reflns.pdbx_d_res_opt_method            ? 
_reflns.phase_calculation_details        ? 
_reflns.pdbx_Rrim_I_all                  ? 
_reflns.pdbx_Rpim_I_all                  ? 
_reflns.pdbx_d_opt                       ? 
_reflns.pdbx_number_measured_all         ? 
_reflns.pdbx_diffrn_id                   1 
_reflns.pdbx_ordinal                     1 
_reflns.pdbx_CC_half                     ? 
_reflns.pdbx_R_split                     ? 
# 
_reflns_shell.d_res_high                  1.56 
_reflns_shell.d_res_low                   1.62 
_reflns_shell.meanI_over_sigI_all         ? 
_reflns_shell.meanI_over_sigI_obs         ? 
_reflns_shell.number_measured_all         ? 
_reflns_shell.number_measured_obs         ? 
_reflns_shell.number_possible             ? 
_reflns_shell.number_unique_all           ? 
_reflns_shell.number_unique_obs           ? 
_reflns_shell.percent_possible_all        ? 
_reflns_shell.percent_possible_obs        ? 
_reflns_shell.Rmerge_F_all                ? 
_reflns_shell.Rmerge_F_obs                ? 
_reflns_shell.Rmerge_I_all                ? 
_reflns_shell.Rmerge_I_obs                ? 
_reflns_shell.meanI_over_sigI_gt          ? 
_reflns_shell.meanI_over_uI_all           ? 
_reflns_shell.meanI_over_uI_gt            ? 
_reflns_shell.number_measured_gt          ? 
_reflns_shell.number_unique_gt            ? 
_reflns_shell.percent_possible_gt         ? 
_reflns_shell.Rmerge_F_gt                 ? 
_reflns_shell.Rmerge_I_gt                 ? 
_reflns_shell.pdbx_redundancy             ? 
_reflns_shell.pdbx_Rsym_value             ? 
_reflns_shell.pdbx_chi_squared            ? 
_reflns_shell.pdbx_netI_over_sigmaI_all   ? 
_reflns_shell.pdbx_netI_over_sigmaI_obs   ? 
_reflns_shell.pdbx_Rrim_I_all             ? 
_reflns_shell.pdbx_Rpim_I_all             ? 
_reflns_shell.pdbx_rejects                ? 
_reflns_shell.pdbx_ordinal                1 
_reflns_shell.pdbx_diffrn_id              1 
_reflns_shell.pdbx_CC_half                ? 
_reflns_shell.pdbx_R_split                ? 
# 
_refine.aniso_B[1][1]                            -0.00 
_refine.aniso_B[1][2]                            -0.00 
_refine.aniso_B[1][3]                            -0.00 
_refine.aniso_B[2][2]                            -0.00 
_refine.aniso_B[2][3]                            0.00 
_refine.aniso_B[3][3]                            0.01 
_refine.B_iso_max                                ? 
_refine.B_iso_mean                               23.583 
_refine.B_iso_min                                ? 
_refine.correlation_coeff_Fo_to_Fc               0.973 
_refine.correlation_coeff_Fo_to_Fc_free          0.973 
_refine.details                                  'HYDROGENS HAVE BEEN ADDED IN THE RIDING POSITIONS' 
_refine.diff_density_max                         ? 
_refine.diff_density_max_esd                     ? 
_refine.diff_density_min                         ? 
_refine.diff_density_min_esd                     ? 
_refine.diff_density_rms                         ? 
_refine.diff_density_rms_esd                     ? 
_refine.entry_id                                 5ZAS 
_refine.pdbx_refine_id                           'X-RAY DIFFRACTION' 
_refine.ls_abs_structure_details                 ? 
_refine.ls_abs_structure_Flack                   ? 
_refine.ls_abs_structure_Flack_esd               ? 
_refine.ls_abs_structure_Rogers                  ? 
_refine.ls_abs_structure_Rogers_esd              ? 
_refine.ls_d_res_high                            1.56 
_refine.ls_d_res_low                             47.24 
_refine.ls_extinction_coef                       ? 
_refine.ls_extinction_coef_esd                   ? 
_refine.ls_extinction_expression                 ? 
_refine.ls_extinction_method                     ? 
_refine.ls_goodness_of_fit_all                   ? 
_refine.ls_goodness_of_fit_all_esd               ? 
_refine.ls_goodness_of_fit_obs                   ? 
_refine.ls_goodness_of_fit_obs_esd               ? 
_refine.ls_hydrogen_treatment                    ? 
_refine.ls_matrix_type                           ? 
_refine.ls_number_constraints                    ? 
_refine.ls_number_parameters                     ? 
_refine.ls_number_reflns_all                     ? 
_refine.ls_number_reflns_obs                     10569 
_refine.ls_number_reflns_R_free                  526 
_refine.ls_number_reflns_R_work                  ? 
_refine.ls_number_restraints                     ? 
_refine.ls_percent_reflns_obs                    99.62 
_refine.ls_percent_reflns_R_free                 4.7 
_refine.ls_R_factor_all                          ? 
_refine.ls_R_factor_obs                          0.14736 
_refine.ls_R_factor_R_free                       0.16210 
_refine.ls_R_factor_R_free_error                 ? 
_refine.ls_R_factor_R_free_error_details         ? 
_refine.ls_R_factor_R_work                       0.14666 
_refine.ls_R_Fsqd_factor_obs                     ? 
_refine.ls_R_I_factor_obs                        ? 
_refine.ls_redundancy_reflns_all                 ? 
_refine.ls_redundancy_reflns_obs                 ? 
_refine.ls_restrained_S_all                      ? 
_refine.ls_restrained_S_obs                      ? 
_refine.ls_shift_over_esd_max                    ? 
_refine.ls_shift_over_esd_mean                   ? 
_refine.ls_structure_factor_coef                 ? 
_refine.ls_weighting_details                     ? 
_refine.ls_weighting_scheme                      ? 
_refine.ls_wR_factor_all                         ? 
_refine.ls_wR_factor_obs                         ? 
_refine.ls_wR_factor_R_free                      ? 
_refine.ls_wR_factor_R_work                      ? 
_refine.occupancy_max                            ? 
_refine.occupancy_min                            ? 
_refine.solvent_model_details                    ? 
_refine.solvent_model_param_bsol                 ? 
_refine.solvent_model_param_ksol                 ? 
_refine.ls_R_factor_gt                           ? 
_refine.ls_goodness_of_fit_gt                    ? 
_refine.ls_goodness_of_fit_ref                   ? 
_refine.ls_shift_over_su_max                     ? 
_refine.ls_shift_over_su_max_lt                  ? 
_refine.ls_shift_over_su_mean                    ? 
_refine.ls_shift_over_su_mean_lt                 ? 
_refine.pdbx_ls_sigma_I                          ? 
_refine.pdbx_ls_sigma_F                          ? 
_refine.pdbx_ls_sigma_Fsqd                       ? 
_refine.pdbx_data_cutoff_high_absF               ? 
_refine.pdbx_data_cutoff_high_rms_absF           ? 
_refine.pdbx_data_cutoff_low_absF                ? 
_refine.pdbx_isotropic_thermal_model             ? 
_refine.pdbx_ls_cross_valid_method               THROUGHOUT 
_refine.pdbx_method_to_determine_struct          'MOLECULAR REPLACEMENT' 
_refine.pdbx_starting_model                      ? 
_refine.pdbx_stereochemistry_target_values       ? 
_refine.pdbx_R_Free_selection_details            RANDOM 
_refine.pdbx_stereochem_target_val_spec_case     ? 
_refine.pdbx_overall_ESU_R                       0.071 
_refine.pdbx_overall_ESU_R_Free                  0.058 
_refine.pdbx_solvent_vdw_probe_radii             1.20 
_refine.pdbx_solvent_ion_probe_radii             0.80 
_refine.pdbx_solvent_shrinkage_radii             0.80 
_refine.pdbx_real_space_R                        ? 
_refine.pdbx_density_correlation                 ? 
_refine.pdbx_pd_number_of_powder_patterns        ? 
_refine.pdbx_pd_number_of_points                 ? 
_refine.pdbx_pd_meas_number_of_points            ? 
_refine.pdbx_pd_proc_ls_prof_R_factor            ? 
_refine.pdbx_pd_proc_ls_prof_wR_factor           ? 
_refine.pdbx_pd_Marquardt_correlation_coeff      ? 
_refine.pdbx_pd_Fsqrd_R_factor                   ? 
_refine.pdbx_pd_ls_matrix_band_width             ? 
_refine.pdbx_overall_phase_error                 ? 
_refine.pdbx_overall_SU_R_free_Cruickshank_DPI   ? 
_refine.pdbx_overall_SU_R_free_Blow_DPI          ? 
_refine.pdbx_overall_SU_R_Blow_DPI               ? 
_refine.pdbx_TLS_residual_ADP_flag               ? 
_refine.pdbx_diffrn_id                           1 
_refine.overall_SU_B                             2.183 
_refine.overall_SU_ML                            0.036 
_refine.overall_SU_R_Cruickshank_DPI             ? 
_refine.overall_SU_R_free                        ? 
_refine.overall_FOM_free_R_set                   ? 
_refine.overall_FOM_work_R_set                   ? 
_refine.pdbx_average_fsc_overall                 ? 
_refine.pdbx_average_fsc_work                    ? 
_refine.pdbx_average_fsc_free                    ? 
# 
_refine_hist.pdbx_refine_id                   'X-RAY DIFFRACTION' 
_refine_hist.cycle_id                         1 
_refine_hist.pdbx_number_atoms_protein        0 
_refine_hist.pdbx_number_atoms_nucleic_acid   408 
_refine_hist.pdbx_number_atoms_ligand         8 
_refine_hist.number_atoms_solvent             118 
_refine_hist.number_atoms_total               534 
_refine_hist.d_res_high                       1.56 
_refine_hist.d_res_low                        47.24 
# 
loop_
_refine_ls_restr.pdbx_refine_id 
_refine_ls_restr.criterion 
_refine_ls_restr.dev_ideal 
_refine_ls_restr.dev_ideal_target 
_refine_ls_restr.number 
_refine_ls_restr.rejects 
_refine_ls_restr.type 
_refine_ls_restr.weight 
_refine_ls_restr.pdbx_restraint_function 
'X-RAY DIFFRACTION' ? 0.007  0.012  458 ? r_bond_refined_d             ? ? 
'X-RAY DIFFRACTION' ? 0.004  0.020  228 ? r_bond_other_d               ? ? 
'X-RAY DIFFRACTION' ? 1.338  1.332  690 ? r_angle_refined_deg          ? ? 
'X-RAY DIFFRACTION' ? 1.594  3.000  536 ? r_angle_other_deg            ? ? 
'X-RAY DIFFRACTION' ? ?      ?      ?   ? r_dihedral_angle_1_deg       ? ? 
'X-RAY DIFFRACTION' ? ?      ?      ?   ? r_dihedral_angle_2_deg       ? ? 
'X-RAY DIFFRACTION' ? ?      ?      ?   ? r_dihedral_angle_3_deg       ? ? 
'X-RAY DIFFRACTION' ? ?      ?      ?   ? r_dihedral_angle_4_deg       ? ? 
'X-RAY DIFFRACTION' ? 0.058  0.200  60  ? r_chiral_restr               ? ? 
'X-RAY DIFFRACTION' ? 0.013  0.020  250 ? r_gen_planes_refined         ? ? 
'X-RAY DIFFRACTION' ? 0.002  0.020  110 ? r_gen_planes_other           ? ? 
'X-RAY DIFFRACTION' ? ?      ?      ?   ? r_nbd_refined                ? ? 
'X-RAY DIFFRACTION' ? ?      ?      ?   ? r_nbd_other                  ? ? 
'X-RAY DIFFRACTION' ? ?      ?      ?   ? r_nbtor_refined              ? ? 
'X-RAY DIFFRACTION' ? ?      ?      ?   ? r_nbtor_other                ? ? 
'X-RAY DIFFRACTION' ? ?      ?      ?   ? r_xyhbond_nbd_refined        ? ? 
'X-RAY DIFFRACTION' ? ?      ?      ?   ? r_xyhbond_nbd_other          ? ? 
'X-RAY DIFFRACTION' ? ?      ?      ?   ? r_metal_ion_refined          ? ? 
'X-RAY DIFFRACTION' ? ?      ?      ?   ? r_metal_ion_other            ? ? 
'X-RAY DIFFRACTION' ? ?      ?      ?   ? r_symmetry_vdw_refined       ? ? 
'X-RAY DIFFRACTION' ? ?      ?      ?   ? r_symmetry_vdw_other         ? ? 
'X-RAY DIFFRACTION' ? ?      ?      ?   ? r_symmetry_hbond_refined     ? ? 
'X-RAY DIFFRACTION' ? ?      ?      ?   ? r_symmetry_hbond_other       ? ? 
'X-RAY DIFFRACTION' ? ?      ?      ?   ? r_symmetry_metal_ion_refined ? ? 
'X-RAY DIFFRACTION' ? ?      ?      ?   ? r_symmetry_metal_ion_other   ? ? 
'X-RAY DIFFRACTION' ? ?      ?      ?   ? r_mcbond_it                  ? ? 
'X-RAY DIFFRACTION' ? ?      ?      ?   ? r_mcbond_other               ? ? 
'X-RAY DIFFRACTION' ? ?      ?      ?   ? r_mcangle_it                 ? ? 
'X-RAY DIFFRACTION' ? ?      ?      ?   ? r_mcangle_other              ? ? 
'X-RAY DIFFRACTION' ? 2.045  2.165  458 ? r_scbond_it                  ? ? 
'X-RAY DIFFRACTION' ? 2.059  2.167  459 ? r_scbond_other               ? ? 
'X-RAY DIFFRACTION' ? ?      ?      ?   ? r_scangle_it                 ? ? 
'X-RAY DIFFRACTION' ? 2.514  3.257  691 ? r_scangle_other              ? ? 
'X-RAY DIFFRACTION' ? 2.970  22.995 805 ? r_long_range_B_refined       ? ? 
'X-RAY DIFFRACTION' ? 2.229  21.616 724 ? r_long_range_B_other         ? ? 
'X-RAY DIFFRACTION' ? 3.164  3.000  686 ? r_rigid_bond_restr           ? ? 
'X-RAY DIFFRACTION' ? 22.413 5.000  16  ? r_sphericity_free            ? ? 
'X-RAY DIFFRACTION' ? 7.948  5.000  746 ? r_sphericity_bonded          ? ? 
# 
_refine_ls_shell.pdbx_refine_id                   'X-RAY DIFFRACTION' 
_refine_ls_shell.d_res_high                       1.560 
_refine_ls_shell.d_res_low                        1.600 
_refine_ls_shell.number_reflns_all                ? 
_refine_ls_shell.number_reflns_obs                ? 
_refine_ls_shell.number_reflns_R_free             51 
_refine_ls_shell.number_reflns_R_work             760 
_refine_ls_shell.percent_reflns_obs               99.51 
_refine_ls_shell.percent_reflns_R_free            ? 
_refine_ls_shell.R_factor_all                     ? 
_refine_ls_shell.R_factor_obs                     ? 
_refine_ls_shell.R_factor_R_free                  0.201 
_refine_ls_shell.R_factor_R_free_error            ? 
_refine_ls_shell.R_factor_R_work                  0.146 
_refine_ls_shell.redundancy_reflns_all            ? 
_refine_ls_shell.redundancy_reflns_obs            ? 
_refine_ls_shell.wR_factor_all                    ? 
_refine_ls_shell.wR_factor_obs                    ? 
_refine_ls_shell.wR_factor_R_free                 ? 
_refine_ls_shell.wR_factor_R_work                 ? 
_refine_ls_shell.pdbx_total_number_of_bins_used   20 
_refine_ls_shell.pdbx_phase_error                 ? 
_refine_ls_shell.pdbx_fsc_work                    ? 
_refine_ls_shell.pdbx_fsc_free                    ? 
# 
_struct.entry_id                     5ZAS 
_struct.title                        'Crystal structure of 5-formylcytosine containing decamer dsDNA' 
_struct.pdbx_model_details           ? 
_struct.pdbx_formula_weight          ? 
_struct.pdbx_formula_weight_method   ? 
_struct.pdbx_model_type_details      ? 
_struct.pdbx_CASP_flag               N 
# 
_struct_keywords.entry_id        5ZAS 
_struct_keywords.text            'Cytosine modification, DNA' 
_struct_keywords.pdbx_keywords   DNA 
# 
loop_
_struct_asym.id 
_struct_asym.pdbx_blank_PDB_chainid_flag 
_struct_asym.pdbx_modified 
_struct_asym.entity_id 
_struct_asym.details 
A N N 1 ? 
B N N 1 ? 
C N N 2 ? 
D N N 2 ? 
E N N 3 ? 
F N N 3 ? 
# 
_struct_ref.id                         1 
_struct_ref.db_name                    PDB 
_struct_ref.db_code                    5ZAS 
_struct_ref.pdbx_db_accession          5ZAS 
_struct_ref.pdbx_db_isoform            ? 
_struct_ref.entity_id                  1 
_struct_ref.pdbx_seq_one_letter_code   ? 
_struct_ref.pdbx_align_begin           1 
# 
loop_
_struct_ref_seq.align_id 
_struct_ref_seq.ref_id 
_struct_ref_seq.pdbx_PDB_id_code 
_struct_ref_seq.pdbx_strand_id 
_struct_ref_seq.seq_align_beg 
_struct_ref_seq.pdbx_seq_align_beg_ins_code 
_struct_ref_seq.seq_align_end 
_struct_ref_seq.pdbx_seq_align_end_ins_code 
_struct_ref_seq.pdbx_db_accession 
_struct_ref_seq.db_align_beg 
_struct_ref_seq.pdbx_db_align_beg_ins_code 
_struct_ref_seq.db_align_end 
_struct_ref_seq.pdbx_db_align_end_ins_code 
_struct_ref_seq.pdbx_auth_seq_align_beg 
_struct_ref_seq.pdbx_auth_seq_align_end 
1 1 5ZAS A 1 ? 10 ? 5ZAS 1  ? 10 ? 1  10 
2 1 5ZAS B 1 ? 10 ? 5ZAS 11 ? 20 ? 11 20 
# 
_pdbx_struct_assembly.id                   1 
_pdbx_struct_assembly.details              author_and_software_defined_assembly 
_pdbx_struct_assembly.method_details       PISA 
_pdbx_struct_assembly.oligomeric_details   dimeric 
_pdbx_struct_assembly.oligomeric_count     2 
# 
loop_
_pdbx_struct_assembly_prop.biol_id 
_pdbx_struct_assembly_prop.type 
_pdbx_struct_assembly_prop.value 
_pdbx_struct_assembly_prop.details 
1 'ABSA (A^2)' 2590 ? 
1 MORE         4    ? 
1 'SSA (A^2)'  3480 ? 
# 
_pdbx_struct_assembly_gen.assembly_id       1 
_pdbx_struct_assembly_gen.oper_expression   1 
_pdbx_struct_assembly_gen.asym_id_list      A,B,C,D,E,F 
# 
_pdbx_struct_assembly_auth_evidence.id                     1 
_pdbx_struct_assembly_auth_evidence.assembly_id            1 
_pdbx_struct_assembly_auth_evidence.experimental_support   none 
_pdbx_struct_assembly_auth_evidence.details                ? 
# 
_pdbx_struct_oper_list.id                   1 
_pdbx_struct_oper_list.type                 'identity operation' 
_pdbx_struct_oper_list.name                 1_555 
_pdbx_struct_oper_list.symmetry_operation   x,y,z 
_pdbx_struct_oper_list.matrix[1][1]         1.0000000000 
_pdbx_struct_oper_list.matrix[1][2]         0.0000000000 
_pdbx_struct_oper_list.matrix[1][3]         0.0000000000 
_pdbx_struct_oper_list.vector[1]            0.0000000000 
_pdbx_struct_oper_list.matrix[2][1]         0.0000000000 
_pdbx_struct_oper_list.matrix[2][2]         1.0000000000 
_pdbx_struct_oper_list.matrix[2][3]         0.0000000000 
_pdbx_struct_oper_list.vector[2]            0.0000000000 
_pdbx_struct_oper_list.matrix[3][1]         0.0000000000 
_pdbx_struct_oper_list.matrix[3][2]         0.0000000000 
_pdbx_struct_oper_list.matrix[3][3]         1.0000000000 
_pdbx_struct_oper_list.vector[3]            0.0000000000 
# 
loop_
_struct_conn.id 
_struct_conn.conn_type_id 
_struct_conn.pdbx_leaving_atom_flag 
_struct_conn.pdbx_PDB_id 
_struct_conn.ptnr1_label_asym_id 
_struct_conn.ptnr1_label_comp_id 
_struct_conn.ptnr1_label_seq_id 
_struct_conn.ptnr1_label_atom_id 
_struct_conn.pdbx_ptnr1_label_alt_id 
_struct_conn.pdbx_ptnr1_PDB_ins_code 
_struct_conn.pdbx_ptnr1_standard_comp_id 
_struct_conn.ptnr1_symmetry 
_struct_conn.ptnr2_label_asym_id 
_struct_conn.ptnr2_label_comp_id 
_struct_conn.ptnr2_label_seq_id 
_struct_conn.ptnr2_label_atom_id 
_struct_conn.pdbx_ptnr2_label_alt_id 
_struct_conn.pdbx_ptnr2_PDB_ins_code 
_struct_conn.ptnr1_auth_asym_id 
_struct_conn.ptnr1_auth_comp_id 
_struct_conn.ptnr1_auth_seq_id 
_struct_conn.ptnr2_auth_asym_id 
_struct_conn.ptnr2_auth_comp_id 
_struct_conn.ptnr2_auth_seq_id 
_struct_conn.ptnr2_symmetry 
_struct_conn.pdbx_ptnr3_label_atom_id 
_struct_conn.pdbx_ptnr3_label_seq_id 
_struct_conn.pdbx_ptnr3_label_comp_id 
_struct_conn.pdbx_ptnr3_label_asym_id 
_struct_conn.pdbx_ptnr3_label_alt_id 
_struct_conn.pdbx_ptnr3_PDB_ins_code 
_struct_conn.details 
_struct_conn.pdbx_dist_value 
_struct_conn.pdbx_value_order 
_struct_conn.pdbx_role 
covale1  covale both ? A DG  4  "O3'" ? ? ? 1_555 A 5FC 5  P  ? ? A DG  4  A 5FC 5  1_555 ? ? ? ? ? ? ?            1.716 ? ? 
covale2  covale both ? A 5FC 5  "O3'" ? ? ? 1_555 A DG  6  P  ? ? A 5FC 5  A DG  6  1_555 ? ? ? ? ? ? ?            1.714 ? ? 
covale3  covale both ? B DG  4  "O3'" ? ? ? 1_555 B 5FC 5  P  ? ? B DG  14 B 5FC 15 1_555 ? ? ? ? ? ? ?            1.700 ? ? 
covale4  covale both ? B 5FC 5  "O3'" ? ? ? 1_555 B DG  6  P  ? ? B 5FC 15 B DG  16 1_555 ? ? ? ? ? ? ?            1.706 ? ? 
hydrog1  hydrog ?    ? A DC  1  N3    ? ? ? 1_555 B DG  10 N1 ? ? A DC  1  B DG  20 1_555 ? ? ? ? ? ? WATSON-CRICK ?     ? ? 
hydrog2  hydrog ?    ? A DC  1  N4    ? ? ? 1_555 B DG  10 O6 ? ? A DC  1  B DG  20 1_555 ? ? ? ? ? ? WATSON-CRICK ?     ? ? 
hydrog3  hydrog ?    ? A DC  1  O2    ? ? ? 1_555 B DG  10 N2 ? ? A DC  1  B DG  20 1_555 ? ? ? ? ? ? WATSON-CRICK ?     ? ? 
hydrog4  hydrog ?    ? A DC  2  N3    ? ? ? 1_555 B DG  9  N1 ? ? A DC  2  B DG  19 1_555 ? ? ? ? ? ? WATSON-CRICK ?     ? ? 
hydrog5  hydrog ?    ? A DC  2  N4    ? ? ? 1_555 B DG  9  O6 ? ? A DC  2  B DG  19 1_555 ? ? ? ? ? ? WATSON-CRICK ?     ? ? 
hydrog6  hydrog ?    ? A DC  2  O2    ? ? ? 1_555 B DG  9  N2 ? ? A DC  2  B DG  19 1_555 ? ? ? ? ? ? WATSON-CRICK ?     ? ? 
hydrog7  hydrog ?    ? A DA  3  N1    ? ? ? 1_555 B DT  8  N3 ? ? A DA  3  B DT  18 1_555 ? ? ? ? ? ? WATSON-CRICK ?     ? ? 
hydrog8  hydrog ?    ? A DA  3  N6    ? ? ? 1_555 B DT  8  O4 ? ? A DA  3  B DT  18 1_555 ? ? ? ? ? ? WATSON-CRICK ?     ? ? 
hydrog9  hydrog ?    ? A DG  4  N1    ? ? ? 1_555 B DC  7  N3 ? ? A DG  4  B DC  17 1_555 ? ? ? ? ? ? WATSON-CRICK ?     ? ? 
hydrog10 hydrog ?    ? A DG  4  N2    ? ? ? 1_555 B DC  7  O2 ? ? A DG  4  B DC  17 1_555 ? ? ? ? ? ? WATSON-CRICK ?     ? ? 
hydrog11 hydrog ?    ? A DG  4  O6    ? ? ? 1_555 B DC  7  N4 ? ? A DG  4  B DC  17 1_555 ? ? ? ? ? ? WATSON-CRICK ?     ? ? 
hydrog12 hydrog ?    ? A 5FC 5  N3    ? ? ? 1_555 B DG  6  N1 ? ? A 5FC 5  B DG  16 1_555 ? ? ? ? ? ? WATSON-CRICK ?     ? ? 
hydrog13 hydrog ?    ? A 5FC 5  N4    ? ? ? 1_555 B DG  6  O6 ? ? A 5FC 5  B DG  16 1_555 ? ? ? ? ? ? WATSON-CRICK ?     ? ? 
hydrog14 hydrog ?    ? A 5FC 5  O2    ? ? ? 1_555 B DG  6  N2 ? ? A 5FC 5  B DG  16 1_555 ? ? ? ? ? ? WATSON-CRICK ?     ? ? 
hydrog15 hydrog ?    ? A DG  6  N1    ? ? ? 1_555 B 5FC 5  N3 ? ? A DG  6  B 5FC 15 1_555 ? ? ? ? ? ? WATSON-CRICK ?     ? ? 
hydrog16 hydrog ?    ? A DG  6  N2    ? ? ? 1_555 B 5FC 5  O2 ? ? A DG  6  B 5FC 15 1_555 ? ? ? ? ? ? WATSON-CRICK ?     ? ? 
hydrog17 hydrog ?    ? A DG  6  O6    ? ? ? 1_555 B 5FC 5  N4 ? ? A DG  6  B 5FC 15 1_555 ? ? ? ? ? ? WATSON-CRICK ?     ? ? 
hydrog18 hydrog ?    ? A DC  7  N3    ? ? ? 1_555 B DG  4  N1 ? ? A DC  7  B DG  14 1_555 ? ? ? ? ? ? WATSON-CRICK ?     ? ? 
hydrog19 hydrog ?    ? A DC  7  N4    ? ? ? 1_555 B DG  4  O6 ? ? A DC  7  B DG  14 1_555 ? ? ? ? ? ? WATSON-CRICK ?     ? ? 
hydrog20 hydrog ?    ? A DC  7  O2    ? ? ? 1_555 B DG  4  N2 ? ? A DC  7  B DG  14 1_555 ? ? ? ? ? ? WATSON-CRICK ?     ? ? 
hydrog21 hydrog ?    ? A DT  8  N3    ? ? ? 1_555 B DA  3  N1 ? ? A DT  8  B DA  13 1_555 ? ? ? ? ? ? WATSON-CRICK ?     ? ? 
hydrog22 hydrog ?    ? A DT  8  O4    ? ? ? 1_555 B DA  3  N6 ? ? A DT  8  B DA  13 1_555 ? ? ? ? ? ? WATSON-CRICK ?     ? ? 
hydrog23 hydrog ?    ? A DG  9  N1    ? ? ? 1_555 B DC  2  N3 ? ? A DG  9  B DC  12 1_555 ? ? ? ? ? ? WATSON-CRICK ?     ? ? 
hydrog24 hydrog ?    ? A DG  9  N2    ? ? ? 1_555 B DC  2  O2 ? ? A DG  9  B DC  12 1_555 ? ? ? ? ? ? WATSON-CRICK ?     ? ? 
hydrog25 hydrog ?    ? A DG  9  O6    ? ? ? 1_555 B DC  2  N4 ? ? A DG  9  B DC  12 1_555 ? ? ? ? ? ? WATSON-CRICK ?     ? ? 
hydrog26 hydrog ?    ? A DG  10 N1    ? ? ? 1_555 B DC  1  N3 ? ? A DG  10 B DC  11 1_555 ? ? ? ? ? ? WATSON-CRICK ?     ? ? 
hydrog27 hydrog ?    ? A DG  10 N2    ? ? ? 1_555 B DC  1  O2 ? ? A DG  10 B DC  11 1_555 ? ? ? ? ? ? WATSON-CRICK ?     ? ? 
hydrog28 hydrog ?    ? A DG  10 O6    ? ? ? 1_555 B DC  1  N4 ? ? A DG  10 B DC  11 1_555 ? ? ? ? ? ? WATSON-CRICK ?     ? ? 
# 
loop_
_struct_conn_type.id 
_struct_conn_type.criteria 
_struct_conn_type.reference 
covale ? ? 
hydrog ? ? 
# 
loop_
_struct_site.id 
_struct_site.pdbx_evidence_code 
_struct_site.pdbx_auth_asym_id 
_struct_site.pdbx_auth_comp_id 
_struct_site.pdbx_auth_seq_id 
_struct_site.pdbx_auth_ins_code 
_struct_site.pdbx_num_residues 
_struct_site.details 
AC1 Software A BCT 101 ? 7  'binding site for residue BCT A 101'                  
AC2 Software A BCT 102 ? 6  'binding site for residue BCT A 102'                  
AC3 Software B DG  14  ? 18 'binding site for Di-nucleotide DG B 14 and 5FC B 15' 
AC4 Software B 5FC 15  ? 20 'binding site for Di-nucleotide 5FC B 15 and DG B 16' 
# 
loop_
_struct_site_gen.id 
_struct_site_gen.site_id 
_struct_site_gen.pdbx_num_res 
_struct_site_gen.label_comp_id 
_struct_site_gen.label_asym_id 
_struct_site_gen.label_seq_id 
_struct_site_gen.pdbx_auth_ins_code 
_struct_site_gen.auth_comp_id 
_struct_site_gen.auth_asym_id 
_struct_site_gen.auth_seq_id 
_struct_site_gen.label_atom_id 
_struct_site_gen.label_alt_id 
_struct_site_gen.symmetry 
_struct_site_gen.details 
1  AC1 7  5FC A 5  ? 5FC A 5   . ? 1_555 ? 
2  AC1 7  HOH E .  ? HOH A 201 . ? 1_555 ? 
3  AC1 7  HOH E .  ? HOH A 209 . ? 1_555 ? 
4  AC1 7  HOH E .  ? HOH A 215 . ? 1_555 ? 
5  AC1 7  HOH E .  ? HOH A 229 . ? 1_555 ? 
6  AC1 7  5FC B 5  ? 5FC B 15  . ? 1_555 ? 
7  AC1 7  HOH F .  ? HOH B 119 . ? 1_555 ? 
8  AC2 6  DC  A 2  ? DC  A 2   . ? 1_555 ? 
9  AC2 6  DA  A 3  ? DA  A 3   . ? 1_555 ? 
10 AC2 6  HOH E .  ? HOH A 204 . ? 1_555 ? 
11 AC2 6  HOH E .  ? HOH A 205 . ? 1_555 ? 
12 AC2 6  HOH E .  ? HOH A 241 . ? 1_555 ? 
13 AC2 6  HOH F .  ? HOH B 109 . ? 1_555 ? 
14 AC3 18 DC  A 1  ? DC  A 1   . ? 6_555 ? 
15 AC3 18 DG  A 6  ? DG  A 6   . ? 1_555 ? 
16 AC3 18 DC  A 7  ? DC  A 7   . ? 1_555 ? 
17 AC3 18 DT  A 8  ? DT  A 8   . ? 1_555 ? 
18 AC3 18 BCT C .  ? BCT A 101 . ? 1_555 ? 
19 AC3 18 HOH E .  ? HOH A 201 . ? 1_555 ? 
20 AC3 18 DA  B 3  ? DA  B 13  . ? 1_555 ? 
21 AC3 18 DG  B 6  ? DG  B 16  . ? 1_555 ? 
22 AC3 18 DG  B 10 ? DG  B 20  . ? 6_555 ? 
23 AC3 18 HOH F .  ? HOH B 108 . ? 1_555 ? 
24 AC3 18 HOH F .  ? HOH B 110 . ? 1_555 ? 
25 AC3 18 HOH F .  ? HOH B 116 . ? 1_555 ? 
26 AC3 18 HOH F .  ? HOH B 128 . ? 1_555 ? 
27 AC3 18 HOH F .  ? HOH B 131 . ? 1_555 ? 
28 AC3 18 HOH F .  ? HOH B 132 . ? 1_555 ? 
29 AC3 18 HOH F .  ? HOH B 133 . ? 1_555 ? 
30 AC3 18 HOH F .  ? HOH B 137 . ? 1_555 ? 
31 AC3 18 HOH F .  ? HOH B 139 . ? 1_555 ? 
32 AC4 20 DG  A 4  ? DG  A 4   . ? 1_555 ? 
33 AC4 20 5FC A 5  ? 5FC A 5   . ? 1_555 ? 
34 AC4 20 DG  A 6  ? DG  A 6   . ? 1_555 ? 
35 AC4 20 DC  A 7  ? DC  A 7   . ? 1_555 ? 
36 AC4 20 BCT C .  ? BCT A 101 . ? 1_555 ? 
37 AC4 20 DC  B 1  ? DC  B 11  . ? 4_544 ? 
38 AC4 20 DC  B 2  ? DC  B 12  . ? 4_544 ? 
39 AC4 20 DG  B 4  ? DG  B 14  . ? 1_555 ? 
40 AC4 20 DC  B 7  ? DC  B 17  . ? 1_555 ? 
41 AC4 20 DG  B 10 ? DG  B 20  . ? 6_555 ? 
42 AC4 20 HOH F .  ? HOH B 110 . ? 1_555 ? 
43 AC4 20 HOH F .  ? HOH B 115 . ? 1_555 ? 
44 AC4 20 HOH F .  ? HOH B 119 . ? 1_555 ? 
45 AC4 20 HOH F .  ? HOH B 121 . ? 6_555 ? 
46 AC4 20 HOH F .  ? HOH B 123 . ? 1_555 ? 
47 AC4 20 HOH F .  ? HOH B 126 . ? 1_555 ? 
48 AC4 20 HOH F .  ? HOH B 128 . ? 1_555 ? 
49 AC4 20 HOH F .  ? HOH B 131 . ? 1_555 ? 
50 AC4 20 HOH F .  ? HOH B 133 . ? 1_555 ? 
51 AC4 20 HOH F .  ? HOH B 149 . ? 6_555 ? 
# 
loop_
_pdbx_validate_rmsd_bond.id 
_pdbx_validate_rmsd_bond.PDB_model_num 
_pdbx_validate_rmsd_bond.auth_atom_id_1 
_pdbx_validate_rmsd_bond.auth_asym_id_1 
_pdbx_validate_rmsd_bond.auth_comp_id_1 
_pdbx_validate_rmsd_bond.auth_seq_id_1 
_pdbx_validate_rmsd_bond.PDB_ins_code_1 
_pdbx_validate_rmsd_bond.label_alt_id_1 
_pdbx_validate_rmsd_bond.auth_atom_id_2 
_pdbx_validate_rmsd_bond.auth_asym_id_2 
_pdbx_validate_rmsd_bond.auth_comp_id_2 
_pdbx_validate_rmsd_bond.auth_seq_id_2 
_pdbx_validate_rmsd_bond.PDB_ins_code_2 
_pdbx_validate_rmsd_bond.label_alt_id_2 
_pdbx_validate_rmsd_bond.bond_value 
_pdbx_validate_rmsd_bond.bond_target_value 
_pdbx_validate_rmsd_bond.bond_deviation 
_pdbx_validate_rmsd_bond.bond_standard_deviation 
_pdbx_validate_rmsd_bond.linker_flag 
1 1 "O3'" A DG  4  ? ? P A 5FC 5  ? ? 1.716 1.607 0.109 0.012 Y 
2 1 "O3'" A 5FC 5  ? ? P A DG  6  ? ? 1.714 1.607 0.107 0.012 Y 
3 1 "O3'" B DG  14 ? ? P B 5FC 15 ? ? 1.700 1.607 0.093 0.012 Y 
4 1 "O3'" B 5FC 15 ? ? P B DG  16 ? ? 1.706 1.607 0.099 0.012 Y 
# 
loop_
_chem_comp_atom.comp_id 
_chem_comp_atom.atom_id 
_chem_comp_atom.type_symbol 
_chem_comp_atom.pdbx_aromatic_flag 
_chem_comp_atom.pdbx_stereo_config 
_chem_comp_atom.pdbx_ordinal 
5FC P      P N N 1   
5FC OP2    O N N 2   
5FC OP1    O N N 3   
5FC "O5'"  O N N 4   
5FC N1     N N N 5   
5FC C6     C N N 6   
5FC C2     C N N 7   
5FC O2     O N N 8   
5FC N3     N N N 9   
5FC C4     C N N 10  
5FC N4     N N N 11  
5FC C5     C N N 12  
5FC "C2'"  C N N 13  
5FC "C5'"  C N N 14  
5FC "C4'"  C N R 15  
5FC "O4'"  O N N 16  
5FC "C1'"  C N R 17  
5FC "C3'"  C N S 18  
5FC "O3'"  O N N 19  
5FC C5A    C N N 20  
5FC O5A    O N N 21  
5FC OP3    O N N 22  
5FC HOP2   H N N 23  
5FC H6     H N N 24  
5FC HN41   H N N 25  
5FC HN42   H N N 26  
5FC "H2'"  H N N 27  
5FC "H2''" H N N 28  
5FC "H5'"  H N N 29  
5FC "H5''" H N N 30  
5FC "H4'"  H N N 31  
5FC "H1'"  H N N 32  
5FC "H3'"  H N N 33  
5FC "HO3'" H N N 34  
5FC H5A    H N N 35  
5FC HOP3   H N N 36  
BCT C      C N N 37  
BCT O1     O N N 38  
BCT O2     O N N 39  
BCT O3     O N N 40  
BCT HO3    H N N 41  
DA  OP3    O N N 42  
DA  P      P N N 43  
DA  OP1    O N N 44  
DA  OP2    O N N 45  
DA  "O5'"  O N N 46  
DA  "C5'"  C N N 47  
DA  "C4'"  C N R 48  
DA  "O4'"  O N N 49  
DA  "C3'"  C N S 50  
DA  "O3'"  O N N 51  
DA  "C2'"  C N N 52  
DA  "C1'"  C N R 53  
DA  N9     N Y N 54  
DA  C8     C Y N 55  
DA  N7     N Y N 56  
DA  C5     C Y N 57  
DA  C6     C Y N 58  
DA  N6     N N N 59  
DA  N1     N Y N 60  
DA  C2     C Y N 61  
DA  N3     N Y N 62  
DA  C4     C Y N 63  
DA  HOP3   H N N 64  
DA  HOP2   H N N 65  
DA  "H5'"  H N N 66  
DA  "H5''" H N N 67  
DA  "H4'"  H N N 68  
DA  "H3'"  H N N 69  
DA  "HO3'" H N N 70  
DA  "H2'"  H N N 71  
DA  "H2''" H N N 72  
DA  "H1'"  H N N 73  
DA  H8     H N N 74  
DA  H61    H N N 75  
DA  H62    H N N 76  
DA  H2     H N N 77  
DC  OP3    O N N 78  
DC  P      P N N 79  
DC  OP1    O N N 80  
DC  OP2    O N N 81  
DC  "O5'"  O N N 82  
DC  "C5'"  C N N 83  
DC  "C4'"  C N R 84  
DC  "O4'"  O N N 85  
DC  "C3'"  C N S 86  
DC  "O3'"  O N N 87  
DC  "C2'"  C N N 88  
DC  "C1'"  C N R 89  
DC  N1     N N N 90  
DC  C2     C N N 91  
DC  O2     O N N 92  
DC  N3     N N N 93  
DC  C4     C N N 94  
DC  N4     N N N 95  
DC  C5     C N N 96  
DC  C6     C N N 97  
DC  HOP3   H N N 98  
DC  HOP2   H N N 99  
DC  "H5'"  H N N 100 
DC  "H5''" H N N 101 
DC  "H4'"  H N N 102 
DC  "H3'"  H N N 103 
DC  "HO3'" H N N 104 
DC  "H2'"  H N N 105 
DC  "H2''" H N N 106 
DC  "H1'"  H N N 107 
DC  H41    H N N 108 
DC  H42    H N N 109 
DC  H5     H N N 110 
DC  H6     H N N 111 
DG  OP3    O N N 112 
DG  P      P N N 113 
DG  OP1    O N N 114 
DG  OP2    O N N 115 
DG  "O5'"  O N N 116 
DG  "C5'"  C N N 117 
DG  "C4'"  C N R 118 
DG  "O4'"  O N N 119 
DG  "C3'"  C N S 120 
DG  "O3'"  O N N 121 
DG  "C2'"  C N N 122 
DG  "C1'"  C N R 123 
DG  N9     N Y N 124 
DG  C8     C Y N 125 
DG  N7     N Y N 126 
DG  C5     C Y N 127 
DG  C6     C N N 128 
DG  O6     O N N 129 
DG  N1     N N N 130 
DG  C2     C N N 131 
DG  N2     N N N 132 
DG  N3     N N N 133 
DG  C4     C Y N 134 
DG  HOP3   H N N 135 
DG  HOP2   H N N 136 
DG  "H5'"  H N N 137 
DG  "H5''" H N N 138 
DG  "H4'"  H N N 139 
DG  "H3'"  H N N 140 
DG  "HO3'" H N N 141 
DG  "H2'"  H N N 142 
DG  "H2''" H N N 143 
DG  "H1'"  H N N 144 
DG  H8     H N N 145 
DG  H1     H N N 146 
DG  H21    H N N 147 
DG  H22    H N N 148 
DT  OP3    O N N 149 
DT  P      P N N 150 
DT  OP1    O N N 151 
DT  OP2    O N N 152 
DT  "O5'"  O N N 153 
DT  "C5'"  C N N 154 
DT  "C4'"  C N R 155 
DT  "O4'"  O N N 156 
DT  "C3'"  C N S 157 
DT  "O3'"  O N N 158 
DT  "C2'"  C N N 159 
DT  "C1'"  C N R 160 
DT  N1     N N N 161 
DT  C2     C N N 162 
DT  O2     O N N 163 
DT  N3     N N N 164 
DT  C4     C N N 165 
DT  O4     O N N 166 
DT  C5     C N N 167 
DT  C7     C N N 168 
DT  C6     C N N 169 
DT  HOP3   H N N 170 
DT  HOP2   H N N 171 
DT  "H5'"  H N N 172 
DT  "H5''" H N N 173 
DT  "H4'"  H N N 174 
DT  "H3'"  H N N 175 
DT  "HO3'" H N N 176 
DT  "H2'"  H N N 177 
DT  "H2''" H N N 178 
DT  "H1'"  H N N 179 
DT  H3     H N N 180 
DT  H71    H N N 181 
DT  H72    H N N 182 
DT  H73    H N N 183 
DT  H6     H N N 184 
HOH O      O N N 185 
HOH H1     H N N 186 
HOH H2     H N N 187 
# 
loop_
_chem_comp_bond.comp_id 
_chem_comp_bond.atom_id_1 
_chem_comp_bond.atom_id_2 
_chem_comp_bond.value_order 
_chem_comp_bond.pdbx_aromatic_flag 
_chem_comp_bond.pdbx_stereo_config 
_chem_comp_bond.pdbx_ordinal 
5FC P     OP2    sing N N 1   
5FC P     OP1    doub N N 2   
5FC P     "O5'"  sing N N 3   
5FC P     OP3    sing N N 4   
5FC OP2   HOP2   sing N N 5   
5FC "O5'" "C5'"  sing N N 6   
5FC N1    C6     sing N N 7   
5FC N1    C2     sing N N 8   
5FC N1    "C1'"  sing N N 9   
5FC C6    C5     doub N N 10  
5FC C6    H6     sing N N 11  
5FC C2    O2     doub N N 12  
5FC C2    N3     sing N N 13  
5FC N3    C4     doub N N 14  
5FC C4    N4     sing N N 15  
5FC C4    C5     sing N N 16  
5FC N4    HN41   sing N N 17  
5FC N4    HN42   sing N N 18  
5FC C5    C5A    sing N N 19  
5FC "C2'" "C1'"  sing N N 20  
5FC "C2'" "C3'"  sing N N 21  
5FC "C2'" "H2'"  sing N N 22  
5FC "C2'" "H2''" sing N N 23  
5FC "C5'" "C4'"  sing N N 24  
5FC "C5'" "H5'"  sing N N 25  
5FC "C5'" "H5''" sing N N 26  
5FC "C4'" "O4'"  sing N N 27  
5FC "C4'" "C3'"  sing N N 28  
5FC "C4'" "H4'"  sing N N 29  
5FC "O4'" "C1'"  sing N N 30  
5FC "C1'" "H1'"  sing N N 31  
5FC "C3'" "O3'"  sing N N 32  
5FC "C3'" "H3'"  sing N N 33  
5FC "O3'" "HO3'" sing N N 34  
5FC C5A   O5A    doub N N 35  
5FC C5A   H5A    sing N N 36  
5FC OP3   HOP3   sing N N 37  
BCT C     O1     doub N N 38  
BCT C     O2     sing N N 39  
BCT C     O3     sing N N 40  
BCT O3    HO3    sing N N 41  
DA  OP3   P      sing N N 42  
DA  OP3   HOP3   sing N N 43  
DA  P     OP1    doub N N 44  
DA  P     OP2    sing N N 45  
DA  P     "O5'"  sing N N 46  
DA  OP2   HOP2   sing N N 47  
DA  "O5'" "C5'"  sing N N 48  
DA  "C5'" "C4'"  sing N N 49  
DA  "C5'" "H5'"  sing N N 50  
DA  "C5'" "H5''" sing N N 51  
DA  "C4'" "O4'"  sing N N 52  
DA  "C4'" "C3'"  sing N N 53  
DA  "C4'" "H4'"  sing N N 54  
DA  "O4'" "C1'"  sing N N 55  
DA  "C3'" "O3'"  sing N N 56  
DA  "C3'" "C2'"  sing N N 57  
DA  "C3'" "H3'"  sing N N 58  
DA  "O3'" "HO3'" sing N N 59  
DA  "C2'" "C1'"  sing N N 60  
DA  "C2'" "H2'"  sing N N 61  
DA  "C2'" "H2''" sing N N 62  
DA  "C1'" N9     sing N N 63  
DA  "C1'" "H1'"  sing N N 64  
DA  N9    C8     sing Y N 65  
DA  N9    C4     sing Y N 66  
DA  C8    N7     doub Y N 67  
DA  C8    H8     sing N N 68  
DA  N7    C5     sing Y N 69  
DA  C5    C6     sing Y N 70  
DA  C5    C4     doub Y N 71  
DA  C6    N6     sing N N 72  
DA  C6    N1     doub Y N 73  
DA  N6    H61    sing N N 74  
DA  N6    H62    sing N N 75  
DA  N1    C2     sing Y N 76  
DA  C2    N3     doub Y N 77  
DA  C2    H2     sing N N 78  
DA  N3    C4     sing Y N 79  
DC  OP3   P      sing N N 80  
DC  OP3   HOP3   sing N N 81  
DC  P     OP1    doub N N 82  
DC  P     OP2    sing N N 83  
DC  P     "O5'"  sing N N 84  
DC  OP2   HOP2   sing N N 85  
DC  "O5'" "C5'"  sing N N 86  
DC  "C5'" "C4'"  sing N N 87  
DC  "C5'" "H5'"  sing N N 88  
DC  "C5'" "H5''" sing N N 89  
DC  "C4'" "O4'"  sing N N 90  
DC  "C4'" "C3'"  sing N N 91  
DC  "C4'" "H4'"  sing N N 92  
DC  "O4'" "C1'"  sing N N 93  
DC  "C3'" "O3'"  sing N N 94  
DC  "C3'" "C2'"  sing N N 95  
DC  "C3'" "H3'"  sing N N 96  
DC  "O3'" "HO3'" sing N N 97  
DC  "C2'" "C1'"  sing N N 98  
DC  "C2'" "H2'"  sing N N 99  
DC  "C2'" "H2''" sing N N 100 
DC  "C1'" N1     sing N N 101 
DC  "C1'" "H1'"  sing N N 102 
DC  N1    C2     sing N N 103 
DC  N1    C6     sing N N 104 
DC  C2    O2     doub N N 105 
DC  C2    N3     sing N N 106 
DC  N3    C4     doub N N 107 
DC  C4    N4     sing N N 108 
DC  C4    C5     sing N N 109 
DC  N4    H41    sing N N 110 
DC  N4    H42    sing N N 111 
DC  C5    C6     doub N N 112 
DC  C5    H5     sing N N 113 
DC  C6    H6     sing N N 114 
DG  OP3   P      sing N N 115 
DG  OP3   HOP3   sing N N 116 
DG  P     OP1    doub N N 117 
DG  P     OP2    sing N N 118 
DG  P     "O5'"  sing N N 119 
DG  OP2   HOP2   sing N N 120 
DG  "O5'" "C5'"  sing N N 121 
DG  "C5'" "C4'"  sing N N 122 
DG  "C5'" "H5'"  sing N N 123 
DG  "C5'" "H5''" sing N N 124 
DG  "C4'" "O4'"  sing N N 125 
DG  "C4'" "C3'"  sing N N 126 
DG  "C4'" "H4'"  sing N N 127 
DG  "O4'" "C1'"  sing N N 128 
DG  "C3'" "O3'"  sing N N 129 
DG  "C3'" "C2'"  sing N N 130 
DG  "C3'" "H3'"  sing N N 131 
DG  "O3'" "HO3'" sing N N 132 
DG  "C2'" "C1'"  sing N N 133 
DG  "C2'" "H2'"  sing N N 134 
DG  "C2'" "H2''" sing N N 135 
DG  "C1'" N9     sing N N 136 
DG  "C1'" "H1'"  sing N N 137 
DG  N9    C8     sing Y N 138 
DG  N9    C4     sing Y N 139 
DG  C8    N7     doub Y N 140 
DG  C8    H8     sing N N 141 
DG  N7    C5     sing Y N 142 
DG  C5    C6     sing N N 143 
DG  C5    C4     doub Y N 144 
DG  C6    O6     doub N N 145 
DG  C6    N1     sing N N 146 
DG  N1    C2     sing N N 147 
DG  N1    H1     sing N N 148 
DG  C2    N2     sing N N 149 
DG  C2    N3     doub N N 150 
DG  N2    H21    sing N N 151 
DG  N2    H22    sing N N 152 
DG  N3    C4     sing N N 153 
DT  OP3   P      sing N N 154 
DT  OP3   HOP3   sing N N 155 
DT  P     OP1    doub N N 156 
DT  P     OP2    sing N N 157 
DT  P     "O5'"  sing N N 158 
DT  OP2   HOP2   sing N N 159 
DT  "O5'" "C5'"  sing N N 160 
DT  "C5'" "C4'"  sing N N 161 
DT  "C5'" "H5'"  sing N N 162 
DT  "C5'" "H5''" sing N N 163 
DT  "C4'" "O4'"  sing N N 164 
DT  "C4'" "C3'"  sing N N 165 
DT  "C4'" "H4'"  sing N N 166 
DT  "O4'" "C1'"  sing N N 167 
DT  "C3'" "O3'"  sing N N 168 
DT  "C3'" "C2'"  sing N N 169 
DT  "C3'" "H3'"  sing N N 170 
DT  "O3'" "HO3'" sing N N 171 
DT  "C2'" "C1'"  sing N N 172 
DT  "C2'" "H2'"  sing N N 173 
DT  "C2'" "H2''" sing N N 174 
DT  "C1'" N1     sing N N 175 
DT  "C1'" "H1'"  sing N N 176 
DT  N1    C2     sing N N 177 
DT  N1    C6     sing N N 178 
DT  C2    O2     doub N N 179 
DT  C2    N3     sing N N 180 
DT  N3    C4     sing N N 181 
DT  N3    H3     sing N N 182 
DT  C4    O4     doub N N 183 
DT  C4    C5     sing N N 184 
DT  C5    C7     sing N N 185 
DT  C5    C6     doub N N 186 
DT  C7    H71    sing N N 187 
DT  C7    H72    sing N N 188 
DT  C7    H73    sing N N 189 
DT  C6    H6     sing N N 190 
HOH O     H1     sing N N 191 
HOH O     H2     sing N N 192 
# 
_ndb_struct_conf_na.entry_id   5ZAS 
_ndb_struct_conf_na.feature    'a-form double helix' 
# 
loop_
_ndb_struct_na_base_pair.model_number 
_ndb_struct_na_base_pair.i_label_asym_id 
_ndb_struct_na_base_pair.i_label_comp_id 
_ndb_struct_na_base_pair.i_label_seq_id 
_ndb_struct_na_base_pair.i_symmetry 
_ndb_struct_na_base_pair.j_label_asym_id 
_ndb_struct_na_base_pair.j_label_comp_id 
_ndb_struct_na_base_pair.j_label_seq_id 
_ndb_struct_na_base_pair.j_symmetry 
_ndb_struct_na_base_pair.shear 
_ndb_struct_na_base_pair.stretch 
_ndb_struct_na_base_pair.stagger 
_ndb_struct_na_base_pair.buckle 
_ndb_struct_na_base_pair.propeller 
_ndb_struct_na_base_pair.opening 
_ndb_struct_na_base_pair.pair_number 
_ndb_struct_na_base_pair.pair_name 
_ndb_struct_na_base_pair.i_auth_asym_id 
_ndb_struct_na_base_pair.i_auth_seq_id 
_ndb_struct_na_base_pair.i_PDB_ins_code 
_ndb_struct_na_base_pair.j_auth_asym_id 
_ndb_struct_na_base_pair.j_auth_seq_id 
_ndb_struct_na_base_pair.j_PDB_ins_code 
_ndb_struct_na_base_pair.hbond_type_28 
_ndb_struct_na_base_pair.hbond_type_12 
1 A DC  1  1_555 B DG  10 1_555 0.138  -0.061 0.121  -6.176 -3.693  -4.457 1  A_DC1:DG20_B  A 1  ? B 20 ? 19 1 
1 A DC  2  1_555 B DG  9  1_555 0.231  -0.073 0.064  -2.517 -8.737  0.153  2  A_DC2:DG19_B  A 2  ? B 19 ? 19 1 
1 A DA  3  1_555 B DT  8  1_555 0.033  -0.080 0.026  -3.936 -12.503 0.085  3  A_DA3:DT18_B  A 3  ? B 18 ? 20 1 
1 A DG  4  1_555 B DC  7  1_555 -0.337 -0.123 0.089  -7.139 -11.008 2.229  4  A_DG4:DC17_B  A 4  ? B 17 ? 19 1 
1 A 5FC 5  1_555 B DG  6  1_555 0.232  -0.140 0.086  -4.407 -12.030 -0.898 5  A_5FC5:DG16_B A 5  ? B 16 ? 19 1 
1 A DG  6  1_555 B 5FC 5  1_555 -0.162 -0.138 0.016  -2.224 -8.462  -1.175 6  A_DG6:5FC15_B A 6  ? B 15 ? 19 1 
1 A DC  7  1_555 B DG  4  1_555 0.400  -0.167 0.113  2.098  -9.972  1.750  7  A_DC7:DG14_B  A 7  ? B 14 ? 19 1 
1 A DT  8  1_555 B DA  3  1_555 -0.118 -0.121 -0.063 6.839  -12.910 4.813  8  A_DT8:DA13_B  A 8  ? B 13 ? 20 1 
1 A DG  9  1_555 B DC  2  1_555 -0.272 -0.178 -0.026 -0.847 -7.258  0.057  9  A_DG9:DC12_B  A 9  ? B 12 ? 19 1 
1 A DG  10 1_555 B DC  1  1_555 -0.072 -0.073 -0.072 4.207  1.353   0.035  10 A_DG10:DC11_B A 10 ? B 11 ? 19 1 
# 
loop_
_ndb_struct_na_base_pair_step.model_number 
_ndb_struct_na_base_pair_step.i_label_asym_id_1 
_ndb_struct_na_base_pair_step.i_label_comp_id_1 
_ndb_struct_na_base_pair_step.i_label_seq_id_1 
_ndb_struct_na_base_pair_step.i_symmetry_1 
_ndb_struct_na_base_pair_step.j_label_asym_id_1 
_ndb_struct_na_base_pair_step.j_label_comp_id_1 
_ndb_struct_na_base_pair_step.j_label_seq_id_1 
_ndb_struct_na_base_pair_step.j_symmetry_1 
_ndb_struct_na_base_pair_step.i_label_asym_id_2 
_ndb_struct_na_base_pair_step.i_label_comp_id_2 
_ndb_struct_na_base_pair_step.i_label_seq_id_2 
_ndb_struct_na_base_pair_step.i_symmetry_2 
_ndb_struct_na_base_pair_step.j_label_asym_id_2 
_ndb_struct_na_base_pair_step.j_label_comp_id_2 
_ndb_struct_na_base_pair_step.j_label_seq_id_2 
_ndb_struct_na_base_pair_step.j_symmetry_2 
_ndb_struct_na_base_pair_step.shift 
_ndb_struct_na_base_pair_step.slide 
_ndb_struct_na_base_pair_step.rise 
_ndb_struct_na_base_pair_step.tilt 
_ndb_struct_na_base_pair_step.roll 
_ndb_struct_na_base_pair_step.twist 
_ndb_struct_na_base_pair_step.x_displacement 
_ndb_struct_na_base_pair_step.y_displacement 
_ndb_struct_na_base_pair_step.helical_rise 
_ndb_struct_na_base_pair_step.inclination 
_ndb_struct_na_base_pair_step.tip 
_ndb_struct_na_base_pair_step.helical_twist 
_ndb_struct_na_base_pair_step.step_number 
_ndb_struct_na_base_pair_step.step_name 
_ndb_struct_na_base_pair_step.i_auth_asym_id_1 
_ndb_struct_na_base_pair_step.i_auth_seq_id_1 
_ndb_struct_na_base_pair_step.i_PDB_ins_code_1 
_ndb_struct_na_base_pair_step.j_auth_asym_id_1 
_ndb_struct_na_base_pair_step.j_auth_seq_id_1 
_ndb_struct_na_base_pair_step.j_PDB_ins_code_1 
_ndb_struct_na_base_pair_step.i_auth_asym_id_2 
_ndb_struct_na_base_pair_step.i_auth_seq_id_2 
_ndb_struct_na_base_pair_step.i_PDB_ins_code_2 
_ndb_struct_na_base_pair_step.j_auth_asym_id_2 
_ndb_struct_na_base_pair_step.j_auth_seq_id_2 
_ndb_struct_na_base_pair_step.j_PDB_ins_code_2 
1 A DC  1 1_555 B DG  10 1_555 A DC  2  1_555 B DG  9 1_555 1.094  -1.010 3.116 4.598  5.977  38.221 -2.203 -1.111 3.037 9.021  
-6.939 38.930 1 AA_DC1DC2:DG19DG20_BB   A 1 ? B 20 ? A 2  ? B 19 ? 
1 A DC  2 1_555 B DG  9  1_555 A DA  3  1_555 B DT  8 1_555 0.483  -1.530 3.224 0.936  12.458 27.199 -5.271 -0.763 2.329 24.892 
-1.871 29.882 2 AA_DC2DA3:DT18DG19_BB   A 2 ? B 19 ? A 3  ? B 18 ? 
1 A DA  3 1_555 B DT  8  1_555 A DG  4  1_555 B DC  7 1_555 -0.047 -1.697 3.333 -2.733 4.777  30.678 -4.054 -0.423 3.033 8.938  
5.113  31.156 3 AA_DA3DG4:DC17DT18_BB   A 3 ? B 18 ? A 4  ? B 17 ? 
1 A DG  4 1_555 B DC  7  1_555 A 5FC 5  1_555 B DG  6 1_555 -0.909 -1.304 3.190 -0.841 4.375  35.398 -2.735 1.368  3.032 7.159  
1.377  35.668 4 AA_DG45FC5:DG16DC17_BB  A 4 ? B 17 ? A 5  ? B 16 ? 
1 A 5FC 5 1_555 B DG  6  1_555 A DG  6  1_555 B 5FC 5 1_555 1.051  -1.875 3.128 3.074  12.255 25.030 -6.335 -1.557 2.108 26.249 
-6.583 27.993 5 AA_5FC5DG6:5FC15DG16_BB A 5 ? B 16 ? A 6  ? B 15 ? 
1 A DG  6 1_555 B 5FC 5  1_555 A DC  7  1_555 B DG  4 1_555 0.783  -1.892 3.186 1.440  2.268  33.787 -3.596 -1.120 3.086 3.894  
-2.472 33.891 6 AA_DG6DC7:DG145FC15_BB  A 6 ? B 15 ? A 7  ? B 14 ? 
1 A DC  7 1_555 B DG  4  1_555 A DT  8  1_555 B DA  3 1_555 -0.680 -2.004 3.103 0.153  6.352  26.658 -5.613 1.469  2.561 13.532 
-0.327 27.391 7 AA_DC7DT8:DA13DG14_BB   A 7 ? B 14 ? A 8  ? B 13 ? 
1 A DT  8 1_555 B DA  3  1_555 A DG  9  1_555 B DC  2 1_555 -0.405 -1.310 3.367 -1.625 11.328 32.655 -3.903 0.439  2.788 19.418 
2.785  34.551 8 AA_DT8DG9:DC12DA13_BB   A 8 ? B 13 ? A 9  ? B 12 ? 
1 A DG  9 1_555 B DC  2  1_555 A DG  10 1_555 B DC  1 1_555 0.622  -2.016 3.151 0.558  2.181  29.686 -4.354 -1.101 3.010 4.250  
-1.088 29.769 9 AA_DG9DG10:DC11DC12_BB  A 9 ? B 12 ? A 10 ? B 11 ? 
# 
_atom_sites.entry_id                    5ZAS 
_atom_sites.fract_transf_matrix[1][1]   -0.02085666 
_atom_sites.fract_transf_matrix[1][2]   0.00352721 
_atom_sites.fract_transf_matrix[1][3]   -0.00080122 
_atom_sites.fract_transf_matrix[2][1]   -0.00735131 
_atom_sites.fract_transf_matrix[2][2]   0.01831016 
_atom_sites.fract_transf_matrix[2][3]   -0.00766961 
_atom_sites.fract_transf_matrix[3][1]   -0.00069635 
_atom_sites.fract_transf_matrix[3][2]   -0.00866500 
_atom_sites.fract_transf_matrix[3][3]   -0.02001908 
_atom_sites.fract_transf_vector[1]      -0.052083 
_atom_sites.fract_transf_vector[2]      -0.464110 
_atom_sites.fract_transf_vector[3]      0.023189 
# 
loop_
_atom_type.symbol 
C 
N 
O 
P 
# 
loop_
_atom_site.group_PDB 
_atom_site.id 
_atom_site.type_symbol 
_atom_site.label_atom_id 
_atom_site.label_alt_id 
_atom_site.label_comp_id 
_atom_site.label_asym_id 
_atom_site.label_entity_id 
_atom_site.label_seq_id 
_atom_site.pdbx_PDB_ins_code 
_atom_site.Cartn_x 
_atom_site.Cartn_y 
_atom_site.Cartn_z 
_atom_site.occupancy 
_atom_site.B_iso_or_equiv 
_atom_site.pdbx_formal_charge 
_atom_site.auth_seq_id 
_atom_site.auth_comp_id 
_atom_site.auth_asym_id 
_atom_site.auth_atom_id 
_atom_site.pdbx_PDB_model_num 
ATOM   1   O "O5'" . DC  A 1 1  ? 9.369   6.681   -6.577  1.00 42.09 ? 1   DC  A "O5'" 1 
ATOM   2   C "C5'" . DC  A 1 1  ? 10.432  6.248   -7.437  1.00 53.69 ? 1   DC  A "C5'" 1 
ATOM   3   C "C4'" . DC  A 1 1  ? 11.582  5.713   -6.617  1.00 51.39 ? 1   DC  A "C4'" 1 
ATOM   4   O "O4'" . DC  A 1 1  ? 12.048  6.711   -5.683  1.00 37.31 ? 1   DC  A "O4'" 1 
ATOM   5   C "C3'" . DC  A 1 1  ? 11.265  4.505   -5.747  1.00 48.03 ? 1   DC  A "C3'" 1 
ATOM   6   O "O3'" . DC  A 1 1  ? 11.396  3.303   -6.492  1.00 31.69 ? 1   DC  A "O3'" 1 
ATOM   7   C "C2'" . DC  A 1 1  ? 12.360  4.574   -4.706  1.00 46.10 ? 1   DC  A "C2'" 1 
ATOM   8   C "C1'" . DC  A 1 1  ? 12.487  6.071   -4.484  1.00 44.25 ? 1   DC  A "C1'" 1 
ATOM   9   N N1    . DC  A 1 1  ? 11.683  6.582   -3.357  1.00 27.88 ? 1   DC  A N1    1 
ATOM   10  C C2    . DC  A 1 1  ? 12.134  6.333   -2.056  1.00 21.56 ? 1   DC  A C2    1 
ATOM   11  O O2    . DC  A 1 1  ? 13.173  5.680   -1.897  1.00 20.05 ? 1   DC  A O2    1 
ATOM   12  N N3    . DC  A 1 1  ? 11.428  6.815   -1.007  1.00 19.31 ? 1   DC  A N3    1 
ATOM   13  C C4    . DC  A 1 1  ? 10.320  7.528   -1.219  1.00 22.47 ? 1   DC  A C4    1 
ATOM   14  N N4    . DC  A 1 1  ? 9.665   7.994   -0.156  1.00 21.76 ? 1   DC  A N4    1 
ATOM   15  C C5    . DC  A 1 1  ? 9.826   7.778   -2.533  1.00 26.02 ? 1   DC  A C5    1 
ATOM   16  C C6    . DC  A 1 1  ? 10.537  7.301   -3.563  1.00 28.20 ? 1   DC  A C6    1 
ATOM   17  P P     . DC  A 1 2  ? 10.535  2.017   -6.123  1.00 33.76 ? 2   DC  A P     1 
ATOM   18  O OP1   . DC  A 1 2  ? 10.777  0.999   -7.175  1.00 30.73 ? 2   DC  A OP1   1 
ATOM   19  O OP2   . DC  A 1 2  ? 9.152   2.449   -5.857  1.00 29.64 ? 2   DC  A OP2   1 
ATOM   20  O "O5'" . DC  A 1 2  ? 11.145  1.513   -4.742  1.00 31.71 ? 2   DC  A "O5'" 1 
ATOM   21  C "C5'" . DC  A 1 2  ? 12.514  1.099   -4.619  1.00 47.23 ? 2   DC  A "C5'" 1 
ATOM   22  C "C4'" . DC  A 1 2  ? 12.858  0.943   -3.156  1.00 47.73 ? 2   DC  A "C4'" 1 
ATOM   23  O "O4'" . DC  A 1 2  ? 12.690  2.205   -2.482  1.00 30.26 ? 2   DC  A "O4'" 1 
ATOM   24  C "C3'" . DC  A 1 2  ? 11.954  -0.019  -2.401  1.00 49.31 ? 2   DC  A "C3'" 1 
ATOM   25  O "O3'" . DC  A 1 2  ? 12.504  -1.324  -2.445  1.00 30.35 ? 2   DC  A "O3'" 1 
ATOM   26  C "C2'" . DC  A 1 2  ? 11.993  0.504   -0.980  1.00 49.06 ? 2   DC  A "C2'" 1 
ATOM   27  C "C1'" . DC  A 1 2  ? 12.247  1.990   -1.147  1.00 38.53 ? 2   DC  A "C1'" 1 
ATOM   28  N N1    . DC  A 1 2  ? 11.072  2.846   -0.912  1.00 24.18 ? 2   DC  A N1    1 
ATOM   29  C C2    . DC  A 1 2  ? 10.827  3.290   0.390   1.00 21.32 ? 2   DC  A C2    1 
ATOM   30  O O2    . DC  A 1 2  ? 11.586  2.927   1.300   1.00 19.14 ? 2   DC  A O2    1 
ATOM   31  N N3    . DC  A 1 2  ? 9.774   4.104   0.626   1.00 18.97 ? 2   DC  A N3    1 
ATOM   32  C C4    . DC  A 1 2  ? 8.973   4.466   -0.378  1.00 20.11 ? 2   DC  A C4    1 
ATOM   33  N N4    . DC  A 1 2  ? 7.942   5.265   -0.096  1.00 19.71 ? 2   DC  A N4    1 
ATOM   34  C C5    . DC  A 1 2  ? 9.194   4.024   -1.715  1.00 22.15 ? 2   DC  A C5    1 
ATOM   35  C C6    . DC  A 1 2  ? 10.248  3.226   -1.937  1.00 23.52 ? 2   DC  A C6    1 
ATOM   36  P P     . DA  A 1 3  ? 11.596  -2.570  -2.092  1.00 32.19 ? 3   DA  A P     1 
ATOM   37  O OP1   . DA  A 1 3  ? 12.375  -3.793  -2.396  1.00 31.80 ? 3   DA  A OP1   1 
ATOM   38  O OP2   . DA  A 1 3  ? 10.282  -2.367  -2.717  1.00 27.88 ? 3   DA  A OP2   1 
ATOM   39  O "O5'" . DA  A 1 3  ? 11.419  -2.439  -0.517  1.00 34.09 ? 3   DA  A "O5'" 1 
ATOM   40  C "C5'" . DA  A 1 3  ? 10.152  -2.657  0.108   1.00 49.67 ? 3   DA  A "C5'" 1 
ATOM   41  C "C4'" . DA  A 1 3  ? 10.245  -2.191  1.539   1.00 48.82 ? 3   DA  A "C4'" 1 
ATOM   42  O "O4'" . DA  A 1 3  ? 10.453  -0.767  1.569   1.00 31.99 ? 3   DA  A "O4'" 1 
ATOM   43  C "C3'" . DA  A 1 3  ? 8.994   -2.403  2.372   1.00 48.26 ? 3   DA  A "C3'" 1 
ATOM   44  O "O3'" . DA  A 1 3  ? 8.987   -3.738  2.849   1.00 31.72 ? 3   DA  A "O3'" 1 
ATOM   45  C "C2'" . DA  A 1 3  ? 9.191   -1.382  3.469   1.00 48.19 ? 3   DA  A "C2'" 1 
ATOM   46  C "C1'" . DA  A 1 3  ? 9.747   -0.213  2.674   1.00 38.75 ? 3   DA  A "C1'" 1 
ATOM   47  N N9    . DA  A 1 3  ? 8.731   0.691   2.146   1.00 23.93 ? 3   DA  A N9    1 
ATOM   48  C C8    . DA  A 1 3  ? 8.355   0.911   0.843   1.00 22.42 ? 3   DA  A C8    1 
ATOM   49  N N7    . DA  A 1 3  ? 7.411   1.813   0.710   1.00 20.18 ? 3   DA  A N7    1 
ATOM   50  C C5    . DA  A 1 3  ? 7.169   2.234   2.011   1.00 18.84 ? 3   DA  A C5    1 
ATOM   51  C C6    . DA  A 1 3  ? 6.291   3.192   2.548   1.00 17.01 ? 3   DA  A C6    1 
ATOM   52  N N6    . DA  A 1 3  ? 5.462   3.934   1.810   1.00 19.11 ? 3   DA  A N6    1 
ATOM   53  N N1    . DA  A 1 3  ? 6.296   3.367   3.891   1.00 17.32 ? 3   DA  A N1    1 
ATOM   54  C C2    . DA  A 1 3  ? 7.120   2.616   4.631   1.00 17.08 ? 3   DA  A C2    1 
ATOM   55  N N3    . DA  A 1 3  ? 8.001   1.696   4.240   1.00 19.17 ? 3   DA  A N3    1 
ATOM   56  C C4    . DA  A 1 3  ? 7.974   1.551   2.905   1.00 18.53 ? 3   DA  A C4    1 
ATOM   57  P P     . DG  A 1 4  ? 7.605   -4.478  3.124   1.00 24.18 ? 4   DG  A P     1 
ATOM   58  O OP1   . DG  A 1 4  ? 7.920   -5.874  3.485   1.00 28.46 ? 4   DG  A OP1   1 
ATOM   59  O OP2   . DG  A 1 4  ? 6.668   -4.186  2.021   1.00 25.11 ? 4   DG  A OP2   1 
ATOM   60  O "O5'" . DG  A 1 4  ? 7.050   -3.732  4.415   1.00 22.57 ? 4   DG  A "O5'" 1 
ATOM   61  C "C5'" . DG  A 1 4  ? 7.724   -3.854  5.672   1.00 23.04 ? 4   DG  A "C5'" 1 
ATOM   62  C "C4'" . DG  A 1 4  ? 7.121   -2.886  6.658   1.00 20.68 ? 4   DG  A "C4'" 1 
ATOM   63  O "O4'" . DG  A 1 4  ? 7.181   -1.541  6.146   1.00 19.74 ? 4   DG  A "O4'" 1 
ATOM   64  C "C3'" . DG  A 1 4  ? 5.645   -3.105  6.937   1.00 19.50 ? 4   DG  A "C3'" 1 
ATOM   65  O "O3'" . DG  A 1 4  ? 5.487   -4.085  7.954   1.00 20.14 ? 4   DG  A "O3'" 1 
ATOM   66  C "C2'" . DG  A 1 4  ? 5.222   -1.756  7.462   1.00 18.83 ? 4   DG  A "C2'" 1 
ATOM   67  C "C1'" . DG  A 1 4  ? 6.021   -0.831  6.575   1.00 18.33 ? 4   DG  A "C1'" 1 
ATOM   68  N N9    . DG  A 1 4  ? 5.329   -0.311  5.402   1.00 18.36 ? 4   DG  A N9    1 
ATOM   69  C C8    . DG  A 1 4  ? 5.569   -0.572  4.072   1.00 19.20 ? 4   DG  A C8    1 
ATOM   70  N N7    . DG  A 1 4  ? 4.821   0.137   3.270   1.00 18.36 ? 4   DG  A N7    1 
ATOM   71  C C5    . DG  A 1 4  ? 4.067   0.935   4.119   1.00 18.29 ? 4   DG  A C5    1 
ATOM   72  C C6    . DG  A 1 4  ? 3.084   1.918   3.830   1.00 16.93 ? 4   DG  A C6    1 
ATOM   73  O O6    . DG  A 1 4  ? 2.707   2.329   2.727   1.00 17.05 ? 4   DG  A O6    1 
ATOM   74  N N1    . DG  A 1 4  ? 2.565   2.480   4.992   1.00 16.74 ? 4   DG  A N1    1 
ATOM   75  C C2    . DG  A 1 4  ? 2.929   2.134   6.270   1.00 16.80 ? 4   DG  A C2    1 
ATOM   76  N N2    . DG  A 1 4  ? 2.301   2.779   7.265   1.00 17.60 ? 4   DG  A N2    1 
ATOM   77  N N3    . DG  A 1 4  ? 3.846   1.222   6.553   1.00 17.45 ? 4   DG  A N3    1 
ATOM   78  C C4    . DG  A 1 4  ? 4.366   0.666   5.439   1.00 17.54 ? 4   DG  A C4    1 
HETATM 79  P P     . 5FC A 1 5  ? 3.964   -4.874  8.003   1.00 20.86 ? 5   5FC A P     1 
HETATM 80  O OP2   . 5FC A 1 5  ? 3.443   -5.153  6.618   1.00 20.93 ? 5   5FC A OP2   1 
HETATM 81  O OP1   . 5FC A 1 5  ? 4.158   -5.985  9.023   1.00 22.12 ? 5   5FC A OP1   1 
HETATM 82  O "O5'" . 5FC A 1 5  ? 2.979   -3.772  8.608   1.00 19.89 ? 5   5FC A "O5'" 1 
HETATM 83  N N1    . 5FC A 1 5  ? 0.791   -0.608  7.716   1.00 17.84 ? 5   5FC A N1    1 
HETATM 84  C C6    . 5FC A 1 5  ? 1.510   -1.408  6.904   1.00 18.62 ? 5   5FC A C6    1 
HETATM 85  C C2    . 5FC A 1 5  ? -0.051  0.351   7.127   1.00 18.02 ? 5   5FC A C2    1 
HETATM 86  O O2    . 5FC A 1 5  ? -0.801  1.123   7.936   1.00 19.08 ? 5   5FC A O2    1 
HETATM 87  N N3    . 5FC A 1 5  ? -0.104  0.493   5.778   1.00 17.34 ? 5   5FC A N3    1 
HETATM 88  C C4    . 5FC A 1 5  ? 0.635   -0.300  4.964   1.00 17.19 ? 5   5FC A C4    1 
HETATM 89  N N4    . 5FC A 1 5  ? 0.563   -0.114  3.632   1.00 18.90 ? 5   5FC A N4    1 
HETATM 90  C C5    . 5FC A 1 5  ? 1.468   -1.279  5.516   1.00 17.49 ? 5   5FC A C5    1 
HETATM 91  C "C2'" . 5FC A 1 5  ? -0.228  -1.636  9.710   1.00 18.48 ? 5   5FC A "C2'" 1 
HETATM 92  C "C5'" . 5FC A 1 5  ? 3.034   -3.421  9.981   1.00 20.95 ? 5   5FC A "C5'" 1 
HETATM 93  C "C4'" . 5FC A 1 5  ? 1.927   -2.424  10.269  1.00 18.34 ? 5   5FC A "C4'" 1 
HETATM 94  O "O4'" . 5FC A 1 5  ? 2.103   -1.192  9.591   1.00 18.35 ? 5   5FC A "O4'" 1 
HETATM 95  C "C1'" . 5FC A 1 5  ? 0.827   -0.696  9.191   1.00 17.95 ? 5   5FC A "C1'" 1 
HETATM 96  C "C3'" . 5FC A 1 5  ? 0.568   -2.895  9.816   1.00 19.66 ? 5   5FC A "C3'" 1 
HETATM 97  O "O3'" . 5FC A 1 5  ? 0.012   -3.780  10.768  1.00 20.23 ? 5   5FC A "O3'" 1 
HETATM 98  C C5A   . 5FC A 1 5  ? 2.308   -2.209  4.720   1.00 19.31 ? 5   5FC A C5A   1 
HETATM 99  O O5A   . 5FC A 1 5  ? 2.288   -2.208  3.504   1.00 21.62 ? 5   5FC A O5A   1 
ATOM   100 P P     . DG  A 1 6  ? -1.070  -4.996  10.230  1.00 20.58 ? 6   DG  A P     1 
ATOM   101 O OP1   . DG  A 1 6  ? -1.380  -5.808  11.439  1.00 22.81 ? 6   DG  A OP1   1 
ATOM   102 O OP2   . DG  A 1 6  ? -0.571  -5.652  8.986   1.00 21.33 ? 6   DG  A OP2   1 
ATOM   103 O "O5'" . DG  A 1 6  ? -2.320  -4.075  9.891   1.00 20.24 ? 6   DG  A "O5'" 1 
ATOM   104 C "C5'" . DG  A 1 6  ? -3.140  -4.334  8.741   1.00 19.89 ? 6   DG  A "C5'" 1 
ATOM   105 C "C4'" . DG  A 1 6  ? -4.082  -3.172  8.551   1.00 19.66 ? 6   DG  A "C4'" 1 
ATOM   106 O "O4'" . DG  A 1 6  ? -3.332  -1.986  8.192   1.00 20.04 ? 6   DG  A "O4'" 1 
ATOM   107 C "C3'" . DG  A 1 6  ? -5.104  -3.338  7.434   1.00 19.32 ? 6   DG  A "C3'" 1 
ATOM   108 O "O3'" . DG  A 1 6  ? -6.221  -4.106  7.902   1.00 20.85 ? 6   DG  A "O3'" 1 
ATOM   109 C "C2'" . DG  A 1 6  ? -5.436  -1.895  7.118   1.00 19.06 ? 6   DG  A "C2'" 1 
ATOM   110 C "C1'" . DG  A 1 6  ? -4.063  -1.236  7.222   1.00 18.71 ? 6   DG  A "C1'" 1 
ATOM   111 N N9    . DG  A 1 6  ? -3.355  -1.315  5.949   1.00 18.49 ? 6   DG  A N9    1 
ATOM   112 C C8    . DG  A 1 6  ? -2.337  -2.168  5.587   1.00 18.82 ? 6   DG  A C8    1 
ATOM   113 N N7    . DG  A 1 6  ? -1.970  -2.028  4.343   1.00 18.01 ? 6   DG  A N7    1 
ATOM   114 C C5    . DG  A 1 6  ? -2.801  -1.031  3.851   1.00 17.61 ? 6   DG  A C5    1 
ATOM   115 C C6    . DG  A 1 6  ? -2.868  -0.443  2.560   1.00 16.20 ? 6   DG  A C6    1 
ATOM   116 O O6    . DG  A 1 6  ? -2.191  -0.708  1.554   1.00 16.46 ? 6   DG  A O6    1 
ATOM   117 N N1    . DG  A 1 6  ? -3.871  0.522   2.488   1.00 16.19 ? 6   DG  A N1    1 
ATOM   118 C C2    . DG  A 1 6  ? -4.684  0.896   3.532   1.00 16.70 ? 6   DG  A C2    1 
ATOM   119 N N2    . DG  A 1 6  ? -5.592  1.854   3.275   1.00 17.66 ? 6   DG  A N2    1 
ATOM   120 N N3    . DG  A 1 6  ? -4.623  0.362   4.741   1.00 17.48 ? 6   DG  A N3    1 
ATOM   121 C C4    . DG  A 1 6  ? -3.666  -0.588  4.827   1.00 18.17 ? 6   DG  A C4    1 
ATOM   122 P P     . DC  A 1 7  ? -6.967  -5.147  6.937   1.00 21.38 ? 7   DC  A P     1 
ATOM   123 O OP1   . DC  A 1 7  ? -8.020  -5.820  7.729   1.00 24.30 ? 7   DC  A OP1   1 
ATOM   124 O OP2   . DC  A 1 7  ? -5.959  -5.950  6.207   1.00 23.07 ? 7   DC  A OP2   1 
ATOM   125 O "O5'" . DC  A 1 7  ? -7.674  -4.206  5.870   1.00 19.41 ? 7   DC  A "O5'" 1 
ATOM   126 C "C5'" . DC  A 1 7  ? -8.710  -3.317  6.281   1.00 19.45 ? 7   DC  A "C5'" 1 
ATOM   127 C "C4'" . DC  A 1 7  ? -9.007  -2.325  5.183   1.00 18.49 ? 7   DC  A "C4'" 1 
ATOM   128 O "O4'" . DC  A 1 7  ? -7.805  -1.617  4.813   1.00 18.62 ? 7   DC  A "O4'" 1 
ATOM   129 C "C3'" . DC  A 1 7  ? -9.534  -2.885  3.865   1.00 18.16 ? 7   DC  A "C3'" 1 
ATOM   130 O "O3'" . DC  A 1 7  ? -10.937 -3.154  3.977   1.00 19.10 ? 7   DC  A "O3'" 1 
ATOM   131 C "C2'" . DC  A 1 7  ? -9.237  -1.736  2.924   1.00 17.09 ? 7   DC  A "C2'" 1 
ATOM   132 C "C1'" . DC  A 1 7  ? -7.882  -1.246  3.437   1.00 16.45 ? 7   DC  A "C1'" 1 
ATOM   133 N N1    . DC  A 1 7  ? -6.747  -1.854  2.707   1.00 16.86 ? 7   DC  A N1    1 
ATOM   134 C C2    . DC  A 1 7  ? -6.495  -1.389  1.414   1.00 15.58 ? 7   DC  A C2    1 
ATOM   135 O O2    . DC  A 1 7  ? -7.198  -0.474  0.959   1.00 17.45 ? 7   DC  A O2    1 
ATOM   136 N N3    . DC  A 1 7  ? -5.484  -1.932  0.696   1.00 16.64 ? 7   DC  A N3    1 
ATOM   137 C C4    . DC  A 1 7  ? -4.764  -2.930  1.212   1.00 17.24 ? 7   DC  A C4    1 
ATOM   138 N N4    . DC  A 1 7  ? -3.775  -3.432  0.469   1.00 18.70 ? 7   DC  A N4    1 
ATOM   139 C C5    . DC  A 1 7  ? -5.012  -3.439  2.522   1.00 17.00 ? 7   DC  A C5    1 
ATOM   140 C C6    . DC  A 1 7  ? -6.005  -2.879  3.227   1.00 17.49 ? 7   DC  A C6    1 
ATOM   141 P P     . DT  A 1 8  ? -11.721 -4.056  2.900   1.00 19.55 ? 8   DT  A P     1 
ATOM   142 O OP1   . DT  A 1 8  ? -13.123 -4.191  3.392   1.00 22.22 ? 8   DT  A OP1   1 
ATOM   143 O OP2   . DT  A 1 8  ? -10.916 -5.262  2.601   1.00 19.63 ? 8   DT  A OP2   1 
ATOM   144 O "O5'" . DT  A 1 8  ? -11.721 -3.178  1.576   1.00 19.58 ? 8   DT  A "O5'" 1 
ATOM   145 C "C5'" . DT  A 1 8  ? -12.518 -2.007  1.425   1.00 19.06 ? 8   DT  A "C5'" 1 
ATOM   146 C "C4'" . DT  A 1 8  ? -12.400 -1.484  0.012   1.00 19.17 ? 8   DT  A "C4'" 1 
ATOM   147 O "O4'" . DT  A 1 8  ? -11.062 -1.006  -0.256  1.00 18.28 ? 8   DT  A "O4'" 1 
ATOM   148 C "C3'" . DT  A 1 8  ? -12.656 -2.494  -1.101  1.00 19.08 ? 8   DT  A "C3'" 1 
ATOM   149 O "O3'" . DT  A 1 8  ? -14.047 -2.741  -1.304  1.00 20.16 ? 8   DT  A "O3'" 1 
ATOM   150 C "C2'" . DT  A 1 8  ? -12.025 -1.793  -2.281  1.00 17.41 ? 8   DT  A "C2'" 1 
ATOM   151 C "C1'" . DT  A 1 8  ? -10.759 -1.259  -1.637  1.00 17.86 ? 8   DT  A "C1'" 1 
ATOM   152 N N1    . DT  A 1 8  ? -9.594  -2.165  -1.700  1.00 16.60 ? 8   DT  A N1    1 
ATOM   153 C C2    . DT  A 1 8  ? -8.808  -2.085  -2.829  1.00 17.43 ? 8   DT  A C2    1 
ATOM   154 O O2    . DT  A 1 8  ? -9.067  -1.352  -3.767  1.00 19.02 ? 8   DT  A O2    1 
ATOM   155 N N3    . DT  A 1 8  ? -7.702  -2.901  -2.817  1.00 16.79 ? 8   DT  A N3    1 
ATOM   156 C C4    . DT  A 1 8  ? -7.313  -3.766  -1.811  1.00 17.64 ? 8   DT  A C4    1 
ATOM   157 O O4    . DT  A 1 8  ? -6.281  -4.419  -1.935  1.00 20.84 ? 8   DT  A O4    1 
ATOM   158 C C5    . DT  A 1 8  ? -8.201  -3.820  -0.664  1.00 16.79 ? 8   DT  A C5    1 
ATOM   159 C C7    . DT  A 1 8  ? -7.870  -4.735  0.475   1.00 18.33 ? 8   DT  A C7    1 
ATOM   160 C C6    . DT  A 1 8  ? -9.274  -3.018  -0.662  1.00 16.66 ? 8   DT  A C6    1 
ATOM   161 P P     . DG  A 1 9  ? -14.535 -4.124  -1.966  1.00 19.78 ? 9   DG  A P     1 
ATOM   162 O OP1   . DG  A 1 9  ? -16.015 -4.159  -1.865  1.00 22.25 ? 9   DG  A OP1   1 
ATOM   163 O OP2   . DG  A 1 9  ? -13.740 -5.246  -1.407  1.00 20.97 ? 9   DG  A OP2   1 
ATOM   164 O "O5'" . DG  A 1 9  ? -14.127 -4.012  -3.501  1.00 19.80 ? 9   DG  A "O5'" 1 
ATOM   165 C "C5'" . DG  A 1 9  ? -14.808 -3.131  -4.401  1.00 19.73 ? 9   DG  A "C5'" 1 
ATOM   166 C "C4'" . DG  A 1 9  ? -14.156 -3.198  -5.762  1.00 19.19 ? 9   DG  A "C4'" 1 
ATOM   167 O "O4'" . DG  A 1 9  ? -12.809 -2.683  -5.698  1.00 18.74 ? 9   DG  A "O4'" 1 
ATOM   168 C "C3'" . DG  A 1 9  ? -13.977 -4.599  -6.329  1.00 18.99 ? 9   DG  A "C3'" 1 
ATOM   169 O "O3'" . DG  A 1 9  ? -15.181 -5.120  -6.892  1.00 19.86 ? 9   DG  A "O3'" 1 
ATOM   170 C "C2'" . DG  A 1 9  ? -12.909 -4.358  -7.371  1.00 19.34 ? 9   DG  A "C2'" 1 
ATOM   171 C "C1'" . DG  A 1 9  ? -11.992 -3.401  -6.626  1.00 18.31 ? 9   DG  A "C1'" 1 
ATOM   172 N N9    . DG  A 1 9  ? -10.959 -4.103  -5.874  1.00 17.54 ? 9   DG  A N9    1 
ATOM   173 C C8    . DG  A 1 9  ? -10.964 -4.466  -4.549  1.00 17.65 ? 9   DG  A C8    1 
ATOM   174 N N7    . DG  A 1 9  ? -9.892  -5.118  -4.192  1.00 18.34 ? 9   DG  A N7    1 
ATOM   175 C C5    . DG  A 1 9  ? -9.141  -5.203  -5.355  1.00 17.40 ? 9   DG  A C5    1 
ATOM   176 C C6    . DG  A 1 9  ? -7.873  -5.795  -5.590  1.00 16.31 ? 9   DG  A C6    1 
ATOM   177 O O6    . DG  A 1 9  ? -7.141  -6.390  -4.790  1.00 17.34 ? 9   DG  A O6    1 
ATOM   178 N N1    . DG  A 1 9  ? -7.487  -5.668  -6.922  1.00 16.32 ? 9   DG  A N1    1 
ATOM   179 C C2    . DG  A 1 9  ? -8.225  -5.044  -7.901  1.00 17.38 ? 9   DG  A C2    1 
ATOM   180 N N2    . DG  A 1 9  ? -7.693  -5.021  -9.131  1.00 18.10 ? 9   DG  A N2    1 
ATOM   181 N N3    . DG  A 1 9  ? -9.399  -4.471  -7.689  1.00 16.98 ? 9   DG  A N3    1 
ATOM   182 C C4    . DG  A 1 9  ? -9.791  -4.588  -6.404  1.00 17.84 ? 9   DG  A C4    1 
ATOM   183 P P     . DG  A 1 10 ? -15.412 -6.715  -6.948  1.00 19.49 ? 10  DG  A P     1 
ATOM   184 O OP1   . DG  A 1 10 ? -16.750 -6.929  -7.542  1.00 22.10 ? 10  DG  A OP1   1 
ATOM   185 O OP2   . DG  A 1 10 ? -15.082 -7.312  -5.634  1.00 19.87 ? 10  DG  A OP2   1 
ATOM   186 O "O5'" . DG  A 1 10 ? -14.277 -7.224  -7.946  1.00 19.42 ? 10  DG  A "O5'" 1 
ATOM   187 C "C5'" . DG  A 1 10 ? -14.309 -6.833  -9.333  1.00 21.59 ? 10  DG  A "C5'" 1 
ATOM   188 C "C4'" . DG  A 1 10 ? -13.056 -7.284  -10.049 1.00 21.29 ? 10  DG  A "C4'" 1 
ATOM   189 O "O4'" . DG  A 1 10 ? -11.875 -6.765  -9.394  1.00 20.28 ? 10  DG  A "O4'" 1 
ATOM   190 C "C3'" . DG  A 1 10 ? -12.820 -8.788  -10.105 1.00 20.82 ? 10  DG  A "C3'" 1 
ATOM   191 O "O3'" . DG  A 1 10 ? -13.605 -9.437  -11.120 1.00 22.40 ? 10  DG  A "O3'" 1 
ATOM   192 C "C2'" . DG  A 1 10 ? -11.331 -8.851  -10.386 1.00 19.53 ? 10  DG  A "C2'" 1 
ATOM   193 C "C1'" . DG  A 1 10 ? -10.774 -7.642  -9.640  1.00 18.54 ? 10  DG  A "C1'" 1 
ATOM   194 N N9    . DG  A 1 10 ? -10.164 -7.998  -8.361  1.00 18.01 ? 10  DG  A N9    1 
ATOM   195 C C8    . DG  A 1 10 ? -10.733 -7.940  -7.112  1.00 18.72 ? 10  DG  A C8    1 
ATOM   196 N N7    . DG  A 1 10 ? -9.948  -8.390  -6.171  1.00 17.75 ? 10  DG  A N7    1 
ATOM   197 C C5    . DG  A 1 10 ? -8.796  -8.777  -6.838  1.00 18.70 ? 10  DG  A C5    1 
ATOM   198 C C6    . DG  A 1 10 ? -7.588  -9.342  -6.342  1.00 18.73 ? 10  DG  A C6    1 
ATOM   199 O O6    . DG  A 1 10 ? -7.291  -9.623  -5.174  1.00 20.83 ? 10  DG  A O6    1 
ATOM   200 N N1    . DG  A 1 10 ? -6.684  -9.603  -7.367  1.00 19.00 ? 10  DG  A N1    1 
ATOM   201 C C2    . DG  A 1 10 ? -6.907  -9.345  -8.699  1.00 18.36 ? 10  DG  A C2    1 
ATOM   202 N N2    . DG  A 1 10 ? -5.908  -9.654  -9.538  1.00 19.23 ? 10  DG  A N2    1 
ATOM   203 N N3    . DG  A 1 10 ? -8.025  -8.812  -9.173  1.00 18.66 ? 10  DG  A N3    1 
ATOM   204 C C4    . DG  A 1 10 ? -8.917  -8.554  -8.193  1.00 18.17 ? 10  DG  A C4    1 
ATOM   205 O "O5'" . DC  B 1 1  ? 1.497   -12.286 -5.687  1.00 35.93 ? 11  DC  B "O5'" 1 
ATOM   206 C "C5'" . DC  B 1 1  ? 2.092   -12.610 -6.957  1.00 32.80 ? 11  DC  B "C5'" 1 
ATOM   207 C "C4'" . DC  B 1 1  ? 1.151   -12.295 -8.098  1.00 31.21 ? 11  DC  B "C4'" 1 
ATOM   208 O "O4'" . DC  B 1 1  ? -0.097  -13.015 -7.959  1.00 33.50 ? 11  DC  B "O4'" 1 
ATOM   209 C "C3'" . DC  B 1 1  ? 0.738   -10.837 -8.238  1.00 27.56 ? 11  DC  B "C3'" 1 
ATOM   210 O "O3'" . DC  B 1 1  ? 1.732   -10.075 -8.925  1.00 26.56 ? 11  DC  B "O3'" 1 
ATOM   211 C "C2'" . DC  B 1 1  ? -0.523  -10.961 -9.068  1.00 27.12 ? 11  DC  B "C2'" 1 
ATOM   212 C "C1'" . DC  B 1 1  ? -1.164  -12.218 -8.480  1.00 26.79 ? 11  DC  B "C1'" 1 
ATOM   213 N N1    . DC  B 1 1  ? -2.109  -11.933 -7.387  1.00 25.87 ? 11  DC  B N1    1 
ATOM   214 C C2    . DC  B 1 1  ? -3.301  -11.270 -7.702  1.00 22.50 ? 11  DC  B C2    1 
ATOM   215 O O2    . DC  B 1 1  ? -3.522  -10.961 -8.880  1.00 22.66 ? 11  DC  B O2    1 
ATOM   216 N N3    . DC  B 1 1  ? -4.184  -10.992 -6.716  1.00 25.00 ? 11  DC  B N3    1 
ATOM   217 C C4    . DC  B 1 1  ? -3.911  -11.342 -5.457  1.00 25.97 ? 11  DC  B C4    1 
ATOM   218 N N4    . DC  B 1 1  ? -4.810  -11.045 -4.518  1.00 26.31 ? 11  DC  B N4    1 
ATOM   219 C C5    . DC  B 1 1  ? -2.700  -12.009 -5.106  1.00 27.54 ? 11  DC  B C5    1 
ATOM   220 C C6    . DC  B 1 1  ? -1.837  -12.286 -6.093  1.00 27.08 ? 11  DC  B C6    1 
ATOM   221 P P     . DC  B 1 2  ? 1.818   -8.492  -8.720  1.00 24.55 ? 12  DC  B P     1 
ATOM   222 O OP1   . DC  B 1 2  ? 3.040   -8.007  -9.416  1.00 28.96 ? 12  DC  B OP1   1 
ATOM   223 O OP2   . DC  B 1 2  ? 1.612   -8.187  -7.279  1.00 26.81 ? 12  DC  B OP2   1 
ATOM   224 O "O5'" . DC  B 1 2  ? 0.550   -7.948  -9.517  1.00 24.24 ? 12  DC  B "O5'" 1 
ATOM   225 C "C5'" . DC  B 1 2  ? 0.465   -8.089  -10.935 1.00 23.63 ? 12  DC  B "C5'" 1 
ATOM   226 C "C4'" . DC  B 1 2  ? -0.848  -7.543  -11.445 1.00 23.33 ? 12  DC  B "C4'" 1 
ATOM   227 O "O4'" . DC  B 1 2  ? -1.957  -8.274  -10.875 1.00 22.09 ? 12  DC  B "O4'" 1 
ATOM   228 C "C3'" . DC  B 1 2  ? -1.134  -6.087  -11.107 1.00 22.50 ? 12  DC  B "C3'" 1 
ATOM   229 O "O3'" . DC  B 1 2  ? -0.460  -5.231  -12.031 1.00 23.78 ? 12  DC  B "O3'" 1 
ATOM   230 C "C2'" . DC  B 1 2  ? -2.639  -6.032  -11.250 1.00 21.15 ? 12  DC  B "C2'" 1 
ATOM   231 C "C1'" . DC  B 1 2  ? -3.048  -7.374  -10.671 1.00 19.83 ? 12  DC  B "C1'" 1 
ATOM   232 N N1    . DC  B 1 2  ? -3.370  -7.359  -9.232  1.00 19.20 ? 12  DC  B N1    1 
ATOM   233 C C2    . DC  B 1 2  ? -4.609  -6.854  -8.849  1.00 18.06 ? 12  DC  B C2    1 
ATOM   234 O O2    . DC  B 1 2  ? -5.362  -6.402  -9.720  1.00 18.48 ? 12  DC  B O2    1 
ATOM   235 N N3    . DC  B 1 2  ? -4.953  -6.862  -7.538  1.00 17.57 ? 12  DC  B N3    1 
ATOM   236 C C4    . DC  B 1 2  ? -4.109  -7.359  -6.631  1.00 18.04 ? 12  DC  B C4    1 
ATOM   237 N N4    . DC  B 1 2  ? -4.488  -7.354  -5.352  1.00 19.07 ? 12  DC  B N4    1 
ATOM   238 C C5    . DC  B 1 2  ? -2.831  -7.871  -6.995  1.00 19.18 ? 12  DC  B C5    1 
ATOM   239 C C6    . DC  B 1 2  ? -2.506  -7.852  -8.293  1.00 19.79 ? 12  DC  B C6    1 
ATOM   240 P P     . DA  B 1 3  ? 0.011   -3.788  -11.571 1.00 26.84 ? 13  DA  B P     1 
ATOM   241 O OP1   . DA  B 1 3  ? 0.688   -3.146  -12.720 1.00 30.73 ? 13  DA  B OP1   1 
ATOM   242 O OP2   . DA  B 1 3  ? 0.711   -3.926  -10.267 1.00 28.71 ? 13  DA  B OP2   1 
ATOM   243 O "O5'" . DA  B 1 3  ? -1.358  -3.024  -11.325 1.00 23.97 ? 13  DA  B "O5'" 1 
ATOM   244 C "C5'" . DA  B 1 3  ? -2.225  -2.723  -12.428 1.00 22.54 ? 13  DA  B "C5'" 1 
ATOM   245 C "C4'" . DA  B 1 3  ? -3.511  -2.127  -11.913 1.00 23.12 ? 13  DA  B "C4'" 1 
ATOM   246 O "O4'" . DA  B 1 3  ? -4.217  -3.087  -11.099 1.00 22.31 ? 13  DA  B "O4'" 1 
ATOM   247 C "C3'" . DA  B 1 3  ? -3.345  -0.914  -11.009 1.00 22.75 ? 13  DA  B "C3'" 1 
ATOM   248 O "O3'" . DA  B 1 3  ? -3.121  0.254   -11.794 1.00 25.18 ? 13  DA  B "O3'" 1 
ATOM   249 C "C2'" . DA  B 1 3  ? -4.658  -0.914  -10.254 1.00 21.66 ? 13  DA  B "C2'" 1 
ATOM   250 C "C1'" . DA  B 1 3  ? -4.930  -2.401  -10.070 1.00 20.59 ? 13  DA  B "C1'" 1 
ATOM   251 N N9    . DA  B 1 3  ? -4.506  -2.947  -8.783  1.00 19.53 ? 13  DA  B N9    1 
ATOM   252 C C8    . DA  B 1 3  ? -3.357  -3.631  -8.467  1.00 19.48 ? 13  DA  B C8    1 
ATOM   253 N N7    . DA  B 1 3  ? -3.291  -3.999  -7.210  1.00 19.87 ? 13  DA  B N7    1 
ATOM   254 C C5    . DA  B 1 3  ? -4.470  -3.519  -6.659  1.00 19.02 ? 13  DA  B C5    1 
ATOM   255 C C6    . DA  B 1 3  ? -5.000  -3.575  -5.356  1.00 18.25 ? 13  DA  B C6    1 
ATOM   256 N N6    . DA  B 1 3  ? -4.391  -4.172  -4.329  1.00 19.18 ? 13  DA  B N6    1 
ATOM   257 N N1    . DA  B 1 3  ? -6.190  -2.975  -5.138  1.00 18.59 ? 13  DA  B N1    1 
ATOM   258 C C2    . DA  B 1 3  ? -6.805  -2.372  -6.166  1.00 17.91 ? 13  DA  B C2    1 
ATOM   259 N N3    . DA  B 1 3  ? -6.411  -2.258  -7.432  1.00 19.23 ? 13  DA  B N3    1 
ATOM   260 C C4    . DA  B 1 3  ? -5.224  -2.861  -7.615  1.00 18.96 ? 13  DA  B C4    1 
ATOM   261 P P     . DG  B 1 4  ? -2.477  1.548   -11.134 1.00 25.37 ? 14  DG  B P     1 
ATOM   262 O OP1   . DG  B 1 4  ? -2.394  2.608   -12.181 1.00 29.92 ? 14  DG  B OP1   1 
ATOM   263 O OP2   . DG  B 1 4  ? -1.258  1.145   -10.396 1.00 24.78 ? 14  DG  B OP2   1 
ATOM   264 O "O5'" . DG  B 1 4  ? -3.623  1.995   -10.135 1.00 24.71 ? 14  DG  B "O5'" 1 
ATOM   265 C "C5'" . DG  B 1 4  ? -3.324  2.622   -8.900  1.00 24.25 ? 14  DG  B "C5'" 1 
ATOM   266 C "C4'" . DG  B 1 4  ? -4.604  2.720   -8.114  1.00 22.10 ? 14  DG  B "C4'" 1 
ATOM   267 O "O4'" . DG  B 1 4  ? -5.067  1.395   -7.789  1.00 20.96 ? 14  DG  B "O4'" 1 
ATOM   268 C "C3'" . DG  B 1 4  ? -4.462  3.411   -6.772  1.00 20.73 ? 14  DG  B "C3'" 1 
ATOM   269 O "O3'" . DG  B 1 4  ? -4.543  4.816   -6.960  1.00 21.62 ? 14  DG  B "O3'" 1 
ATOM   270 C "C2'" . DG  B 1 4  ? -5.631  2.840   -6.001  1.00 19.77 ? 14  DG  B "C2'" 1 
ATOM   271 C "C1'" . DG  B 1 4  ? -5.608  1.392   -6.474  1.00 18.96 ? 14  DG  B "C1'" 1 
ATOM   272 N N9    . DG  B 1 4  ? -4.797  0.512   -5.639  1.00 18.70 ? 14  DG  B N9    1 
ATOM   273 C C8    . DG  B 1 4  ? -3.617  -0.126  -5.946  1.00 18.48 ? 14  DG  B C8    1 
ATOM   274 N N7    . DG  B 1 4  ? -3.161  -0.857  -4.964  1.00 19.05 ? 14  DG  B N7    1 
ATOM   275 C C5    . DG  B 1 4  ? -4.086  -0.677  -3.944  1.00 17.79 ? 14  DG  B C5    1 
ATOM   276 C C6    . DG  B 1 4  ? -4.129  -1.215  -2.627  1.00 17.53 ? 14  DG  B C6    1 
ATOM   277 O O6    . DG  B 1 4  ? -3.330  -1.984  -2.079  1.00 19.34 ? 14  DG  B O6    1 
ATOM   278 N N1    . DG  B 1 4  ? -5.252  -0.774  -1.931  1.00 17.40 ? 14  DG  B N1    1 
ATOM   279 C C2    . DG  B 1 4  ? -6.208  0.079   -2.432  1.00 16.09 ? 14  DG  B C2    1 
ATOM   280 N N2    . DG  B 1 4  ? -7.216  0.399   -1.608  1.00 17.49 ? 14  DG  B N2    1 
ATOM   281 N N3    . DG  B 1 4  ? -6.180  0.581   -3.653  1.00 17.27 ? 14  DG  B N3    1 
ATOM   282 C C4    . DG  B 1 4  ? -5.104  0.162   -4.350  1.00 18.51 ? 14  DG  B C4    1 
HETATM 283 P P     . 5FC B 1 5  ? -3.751  5.870   -5.886  1.00 21.19 ? 15  5FC B P     1 
HETATM 284 O OP2   . 5FC B 1 5  ? -2.402  5.254   -5.617  1.00 23.15 ? 15  5FC B OP2   1 
HETATM 285 O OP1   . 5FC B 1 5  ? -3.896  7.241   -6.502  1.00 24.60 ? 15  5FC B OP1   1 
HETATM 286 O "O5'" . 5FC B 1 5  ? -4.637  5.769   -4.565  1.00 21.31 ? 15  5FC B "O5'" 1 
HETATM 287 N N1    . 5FC B 1 5  ? -5.303  3.463   -1.419  1.00 17.16 ? 15  5FC B N1    1 
HETATM 288 C C6    . 5FC B 1 5  ? -4.394  3.292   -2.414  1.00 18.01 ? 15  5FC B C6    1 
HETATM 289 C C2    . 5FC B 1 5  ? -5.158  2.746   -0.229  1.00 16.88 ? 15  5FC B C2    1 
HETATM 290 O O2    . 5FC B 1 5  ? -6.042  2.937   0.748   1.00 18.46 ? 15  5FC B O2    1 
HETATM 291 N N3    . 5FC B 1 5  ? -4.136  1.875   -0.057  1.00 17.42 ? 15  5FC B N3    1 
HETATM 292 C C4    . 5FC B 1 5  ? -3.226  1.697   -1.054  1.00 17.71 ? 15  5FC B C4    1 
HETATM 293 N N4    . 5FC B 1 5  ? -2.225  0.809   -0.846  1.00 17.60 ? 15  5FC B N4    1 
HETATM 294 C C5    . 5FC B 1 5  ? -3.347  2.398   -2.260  1.00 18.54 ? 15  5FC B C5    1 
HETATM 295 C "C2'" . 5FC B 1 5  ? -6.202  5.672   -0.821  1.00 18.81 ? 15  5FC B "C2'" 1 
HETATM 296 C "C5'" . 5FC B 1 5  ? -5.935  6.335   -4.495  1.00 20.63 ? 15  5FC B "C5'" 1 
HETATM 297 C "C4'" . 5FC B 1 5  ? -6.522  6.055   -3.125  1.00 19.94 ? 15  5FC B "C4'" 1 
HETATM 298 O "O4'" . 5FC B 1 5  ? -6.680  4.654   -2.910  1.00 19.49 ? 15  5FC B "O4'" 1 
HETATM 299 C "C1'" . 5FC B 1 5  ? -6.457  4.370   -1.537  1.00 18.38 ? 15  5FC B "C1'" 1 
HETATM 300 C "C3'" . 5FC B 1 5  ? -5.643  6.469   -1.966  1.00 18.91 ? 15  5FC B "C3'" 1 
HETATM 301 O "O3'" . 5FC B 1 5  ? -5.776  7.877   -1.784  1.00 20.77 ? 15  5FC B "O3'" 1 
HETATM 302 C C5A   . 5FC B 1 5  ? -2.392  2.278   -3.394  1.00 20.77 ? 15  5FC B C5A   1 
HETATM 303 O O5A   . 5FC B 1 5  ? -1.408  1.570   -3.318  1.00 23.01 ? 15  5FC B O5A   1 
ATOM   304 P P     . DG  B 1 6  ? -4.518  8.736   -1.016  1.00 22.07 ? 16  DG  B P     1 
ATOM   305 O OP1   . DG  B 1 6  ? -4.835  10.192  -1.147  1.00 24.61 ? 16  DG  B OP1   1 
ATOM   306 O OP2   . DG  B 1 6  ? -3.181  8.236   -1.430  1.00 24.28 ? 16  DG  B OP2   1 
ATOM   307 O "O5'" . DG  B 1 6  ? -4.755  8.323   0.501   1.00 21.00 ? 16  DG  B "O5'" 1 
ATOM   308 C "C5'" . DG  B 1 6  ? -5.918  8.755   1.222   1.00 20.50 ? 16  DG  B "C5'" 1 
ATOM   309 C "C4'" . DG  B 1 6  ? -5.866  8.217   2.631   1.00 20.51 ? 16  DG  B "C4'" 1 
ATOM   310 O "O4'" . DG  B 1 6  ? -5.950  6.776   2.628   1.00 20.76 ? 16  DG  B "O4'" 1 
ATOM   311 C "C3'" . DG  B 1 6  ? -4.580  8.503   3.397   1.00 20.84 ? 16  DG  B "C3'" 1 
ATOM   312 O "O3'" . DG  B 1 6  ? -4.564  9.839   3.885   1.00 22.47 ? 16  DG  B "O3'" 1 
ATOM   313 C "C2'" . DG  B 1 6  ? -4.661  7.467   4.497   1.00 19.91 ? 16  DG  B "C2'" 1 
ATOM   314 C "C1'" . DG  B 1 6  ? -5.191  6.267   3.730   1.00 18.98 ? 16  DG  B "C1'" 1 
ATOM   315 N N9    . DG  B 1 6  ? -4.143  5.406   3.195   1.00 17.84 ? 16  DG  B N9    1 
ATOM   316 C C8    . DG  B 1 6  ? -3.642  5.392   1.915   1.00 17.71 ? 16  DG  B C8    1 
ATOM   317 N N7    . DG  B 1 6  ? -2.708  4.500   1.740   1.00 17.54 ? 16  DG  B N7    1 
ATOM   318 C C5    . DG  B 1 6  ? -2.586  3.883   2.978   1.00 16.75 ? 16  DG  B C5    1 
ATOM   319 C C6    . DG  B 1 6  ? -1.724  2.835   3.405   1.00 16.15 ? 16  DG  B C6    1 
ATOM   320 O O6    . DG  B 1 6  ? -0.893  2.197   2.739   1.00 17.14 ? 16  DG  B O6    1 
ATOM   321 N N1    . DG  B 1 6  ? -1.916  2.531   4.749   1.00 17.26 ? 16  DG  B N1    1 
ATOM   322 C C2    . DG  B 1 6  ? -2.802  3.169   5.585   1.00 17.52 ? 16  DG  B C2    1 
ATOM   323 N N2    . DG  B 1 6  ? -2.835  2.739   6.853   1.00 17.34 ? 16  DG  B N2    1 
ATOM   324 N N3    . DG  B 1 6  ? -3.617  4.139   5.198   1.00 18.61 ? 16  DG  B N3    1 
ATOM   325 C C4    . DG  B 1 6  ? -3.452  4.446   3.892   1.00 17.28 ? 16  DG  B C4    1 
ATOM   326 P P     . DC  B 1 7  ? -3.205  10.666  3.921   1.00 22.69 ? 17  DC  B P     1 
ATOM   327 O OP1   . DC  B 1 7  ? -3.547  12.043  4.363   1.00 27.50 ? 17  DC  B OP1   1 
ATOM   328 O OP2   . DC  B 1 7  ? -2.495  10.454  2.639   1.00 23.54 ? 17  DC  B OP2   1 
ATOM   329 O "O5'" . DC  B 1 7  ? -2.374  9.919   5.050   1.00 21.25 ? 17  DC  B "O5'" 1 
ATOM   330 C "C5'" . DC  B 1 7  ? -2.824  9.966   6.414   1.00 20.83 ? 17  DC  B "C5'" 1 
ATOM   331 C "C4'" . DC  B 1 7  ? -2.099  8.922   7.227   1.00 20.18 ? 17  DC  B "C4'" 1 
ATOM   332 O "O4'" . DC  B 1 7  ? -2.329  7.607   6.673   1.00 20.14 ? 17  DC  B "O4'" 1 
ATOM   333 C "C3'" . DC  B 1 7  ? -0.583  9.047   7.265   1.00 19.47 ? 17  DC  B "C3'" 1 
ATOM   334 O "O3'" . DC  B 1 7  ? -0.213  10.037  8.226   1.00 20.27 ? 17  DC  B "O3'" 1 
ATOM   335 C "C2'" . DC  B 1 7  ? -0.202  7.652   7.716   1.00 18.87 ? 17  DC  B "C2'" 1 
ATOM   336 C "C1'" . DC  B 1 7  ? -1.195  6.789   6.944   1.00 18.61 ? 17  DC  B "C1'" 1 
ATOM   337 N N1    . DC  B 1 7  ? -0.641  6.295   5.668   1.00 16.83 ? 17  DC  B N1    1 
ATOM   338 C C2    . DC  B 1 7  ? 0.211   5.187   5.724   1.00 15.73 ? 17  DC  B C2    1 
ATOM   339 O O2    . DC  B 1 7  ? 0.417   4.648   6.819   1.00 18.71 ? 17  DC  B O2    1 
ATOM   340 N N3    . DC  B 1 7  ? 0.766   4.717   4.585   1.00 17.05 ? 17  DC  B N3    1 
ATOM   341 C C4    . DC  B 1 7  ? 0.550   5.350   3.429   1.00 17.88 ? 17  DC  B C4    1 
ATOM   342 N N4    . DC  B 1 7  ? 1.127   4.860   2.329   1.00 17.52 ? 17  DC  B N4    1 
ATOM   343 C C5    . DC  B 1 7  ? -0.296  6.497   3.344   1.00 17.96 ? 17  DC  B C5    1 
ATOM   344 C C6    . DC  B 1 7  ? -0.855  6.939   4.479   1.00 17.03 ? 17  DC  B C6    1 
ATOM   345 P P     . DT  B 1 8  ? 1.224   10.745  8.191   1.00 21.05 ? 18  DT  B P     1 
ATOM   346 O OP1   . DT  B 1 8  ? 1.225   11.827  9.215   1.00 23.92 ? 18  DT  B OP1   1 
ATOM   347 O OP2   . DT  B 1 8  ? 1.583   11.045  6.782   1.00 21.56 ? 18  DT  B OP2   1 
ATOM   348 O "O5'" . DT  B 1 8  ? 2.218   9.599   8.662   1.00 19.12 ? 18  DT  B "O5'" 1 
ATOM   349 C "C5'" . DT  B 1 8  ? 2.172   9.072   9.995   1.00 18.49 ? 18  DT  B "C5'" 1 
ATOM   350 C "C4'" . DT  B 1 8  ? 3.078   7.868   10.103  1.00 19.23 ? 18  DT  B "C4'" 1 
ATOM   351 O "O4'" . DT  B 1 8  ? 2.681   6.873   9.137   1.00 20.05 ? 18  DT  B "O4'" 1 
ATOM   352 C "C3'" . DT  B 1 8  ? 4.554   8.102   9.806   1.00 20.18 ? 18  DT  B "C3'" 1 
ATOM   353 O "O3'" . DT  B 1 8  ? 5.198   8.615   10.968  1.00 21.68 ? 18  DT  B "O3'" 1 
ATOM   354 C "C2'" . DT  B 1 8  ? 5.023   6.700   9.474   1.00 19.28 ? 18  DT  B "C2'" 1 
ATOM   355 C "C1'" . DT  B 1 8  ? 3.835   6.139   8.714   1.00 19.42 ? 18  DT  B "C1'" 1 
ATOM   356 N N1    . DT  B 1 8  ? 3.930   6.216   7.238   1.00 18.98 ? 18  DT  B N1    1 
ATOM   357 C C2    . DT  B 1 8  ? 4.667   5.236   6.606   1.00 18.04 ? 18  DT  B C2    1 
ATOM   358 O O2    . DT  B 1 8  ? 5.268   4.362   7.207   1.00 20.05 ? 18  DT  B O2    1 
ATOM   359 N N3    . DT  B 1 8  ? 4.674   5.318   5.237   1.00 17.99 ? 18  DT  B N3    1 
ATOM   360 C C4    . DT  B 1 8  ? 4.063   6.276   4.454   1.00 17.90 ? 18  DT  B C4    1 
ATOM   361 O O4    . DT  B 1 8  ? 4.167   6.220   3.232   1.00 21.04 ? 18  DT  B O4    1 
ATOM   362 C C5    . DT  B 1 8  ? 3.326   7.290   5.181   1.00 17.39 ? 18  DT  B C5    1 
ATOM   363 C C7    . DT  B 1 8  ? 2.620   8.365   4.418   1.00 18.83 ? 18  DT  B C7    1 
ATOM   364 C C6    . DT  B 1 8  ? 3.300   7.211   6.519   1.00 17.61 ? 18  DT  B C6    1 
ATOM   365 P P     . DG  B 1 9  ? 6.606   9.360   10.844  1.00 26.40 ? 19  DG  B P     1 
ATOM   366 O OP1   . DG  B 1 9  ? 6.963   9.837   12.194  1.00 32.30 ? 19  DG  B OP1   1 
ATOM   367 O OP2   . DG  B 1 9  ? 6.537   10.321  9.721   1.00 28.97 ? 19  DG  B OP2   1 
ATOM   368 O "O5'" . DG  B 1 9  ? 7.597   8.187   10.434  1.00 22.11 ? 19  DG  B "O5'" 1 
ATOM   369 C "C5'" . DG  B 1 9  ? 7.808   7.053   11.288  1.00 21.49 ? 19  DG  B "C5'" 1 
ATOM   370 C "C4'" . DG  B 1 9  ? 8.873   6.196   10.659  1.00 21.49 ? 19  DG  B "C4'" 1 
ATOM   371 O "O4'" . DG  B 1 9  ? 8.401   5.748   9.368   1.00 22.00 ? 19  DG  B "O4'" 1 
ATOM   372 C "C3'" . DG  B 1 9  ? 10.158  6.987   10.400  1.00 22.06 ? 19  DG  B "C3'" 1 
ATOM   373 O "O3'" . DG  B 1 9  ? 11.284  6.296   10.911  1.00 21.36 ? 19  DG  B "O3'" 1 
ATOM   374 C "C2'" . DG  B 1 9  ? 10.201  7.145   8.897   1.00 22.99 ? 19  DG  B "C2'" 1 
ATOM   375 C "C1'" . DG  B 1 9  ? 9.415   5.949   8.407   1.00 22.65 ? 19  DG  B "C1'" 1 
ATOM   376 N N9    . DG  B 1 9  ? 8.777   6.224   7.128   1.00 20.50 ? 19  DG  B N9    1 
ATOM   377 C C8    . DG  B 1 9  ? 7.806   7.164   6.877   1.00 19.84 ? 19  DG  B C8    1 
ATOM   378 N N7    . DG  B 1 9  ? 7.476   7.233   5.617   1.00 18.68 ? 19  DG  B N7    1 
ATOM   379 C C5    . DG  B 1 9  ? 8.295   6.301   4.996   1.00 17.86 ? 19  DG  B C5    1 
ATOM   380 C C6    . DG  B 1 9  ? 8.395   5.931   3.630   1.00 17.79 ? 19  DG  B C6    1 
ATOM   381 O O6    . DG  B 1 9  ? 7.753   6.361   2.667   1.00 18.91 ? 19  DG  B O6    1 
ATOM   382 N N1    . DG  B 1 9  ? 9.359   4.945   3.436   1.00 18.28 ? 19  DG  B N1    1 
ATOM   383 C C2    . DG  B 1 9  ? 10.126  4.383   4.426   1.00 18.83 ? 19  DG  B C2    1 
ATOM   384 N N2    . DG  B 1 9  ? 11.011  3.450   4.037   1.00 19.53 ? 19  DG  B N2    1 
ATOM   385 N N3    . DG  B 1 9  ? 10.036  4.714   5.705   1.00 18.87 ? 19  DG  B N3    1 
ATOM   386 C C4    . DG  B 1 9  ? 9.113   5.678   5.914   1.00 18.64 ? 19  DG  B C4    1 
ATOM   387 P P     . DG  B 1 10 ? 12.724  6.998   10.940  1.00 22.82 ? 20  DG  B P     1 
ATOM   388 O OP1   . DG  B 1 10 ? 13.403  6.517   12.173  1.00 25.52 ? 20  DG  B OP1   1 
ATOM   389 O OP2   . DG  B 1 10 ? 12.539  8.451   10.697  1.00 25.93 ? 20  DG  B OP2   1 
ATOM   390 O "O5'" . DG  B 1 10 ? 13.422  6.399   9.641   1.00 23.54 ? 20  DG  B "O5'" 1 
ATOM   391 C "C5'" . DG  B 1 10 ? 14.192  5.188   9.683   1.00 21.47 ? 20  DG  B "C5'" 1 
ATOM   392 C "C4'" . DG  B 1 10 ? 15.097  5.115   8.475   1.00 20.90 ? 20  DG  B "C4'" 1 
ATOM   393 O "O4'" . DG  B 1 10 ? 14.311  4.813   7.307   1.00 19.96 ? 20  DG  B "O4'" 1 
ATOM   394 C "C3'" . DG  B 1 10 ? 15.825  6.407   8.131   1.00 21.24 ? 20  DG  B "C3'" 1 
ATOM   395 O "O3'" . DG  B 1 10 ? 17.022  6.516   8.911   1.00 24.14 ? 20  DG  B "O3'" 1 
ATOM   396 C "C2'" . DG  B 1 10 ? 16.066  6.266   6.639   1.00 19.18 ? 20  DG  B "C2'" 1 
ATOM   397 C "C1'" . DG  B 1 10 ? 14.873  5.446   6.157   1.00 19.16 ? 20  DG  B "C1'" 1 
ATOM   398 N N9    . DG  B 1 10 ? 13.798  6.183   5.501   1.00 17.73 ? 20  DG  B N9    1 
ATOM   399 C C8    . DG  B 1 10 ? 12.829  6.939   6.113   1.00 18.74 ? 20  DG  B C8    1 
ATOM   400 N N7    . DG  B 1 10 ? 11.950  7.422   5.276   1.00 19.28 ? 20  DG  B N7    1 
ATOM   401 C C5    . DG  B 1 10 ? 12.345  6.927   4.041   1.00 18.16 ? 20  DG  B C5    1 
ATOM   402 C C6    . DG  B 1 10 ? 11.763  7.089   2.755   1.00 18.80 ? 20  DG  B C6    1 
ATOM   403 O O6    . DG  B 1 10 ? 10.758  7.735   2.437   1.00 19.21 ? 20  DG  B O6    1 
ATOM   404 N N1    . DG  B 1 10 ? 12.482  6.407   1.779   1.00 17.35 ? 20  DG  B N1    1 
ATOM   405 C C2    . DG  B 1 10 ? 13.615  5.668   2.004   1.00 18.58 ? 20  DG  B C2    1 
ATOM   406 N N2    . DG  B 1 10 ? 14.174  5.099   0.924   1.00 18.90 ? 20  DG  B N2    1 
ATOM   407 N N3    . DG  B 1 10 ? 14.163  5.501   3.197   1.00 18.14 ? 20  DG  B N3    1 
ATOM   408 C C4    . DG  B 1 10 ? 13.473  6.145   4.165   1.00 18.14 ? 20  DG  B C4    1 
HETATM 409 C C     . BCT C 2 .  ? 1.225   -1.218  -0.970  1.00 29.12 ? 101 BCT A C     1 
HETATM 410 O O1    . BCT C 2 .  ? 0.837   -2.532  -1.175  1.00 38.87 ? 101 BCT A O1    1 
HETATM 411 O O2    . BCT C 2 .  ? 0.392   -0.302  -1.585  1.00 29.93 ? 101 BCT A O2    1 
HETATM 412 O O3    . BCT C 2 .  ? 1.471   -0.927  0.359   1.00 32.97 ? 101 BCT A O3    1 
HETATM 413 C C     . BCT D 2 .  ? 4.658   5.697   -1.912  1.00 23.02 ? 102 BCT A C     1 
HETATM 414 O O1    . BCT D 2 .  ? 4.428   4.727   -0.973  1.00 34.76 ? 102 BCT A O1    1 
HETATM 415 O O2    . BCT D 2 .  ? 3.910   6.769   -1.806  1.00 41.48 ? 102 BCT A O2    1 
HETATM 416 O O3    . BCT D 2 .  ? 6.000   5.953   -2.103  1.00 32.01 ? 102 BCT A O3    1 
HETATM 417 O O     . HOH E 3 .  ? -1.172  -3.448  -2.453  1.00 40.08 ? 201 HOH A O     1 
HETATM 418 O O     . HOH E 3 .  ? -9.318  -7.147  3.499   1.00 33.79 ? 202 HOH A O     1 
HETATM 419 O O     . HOH E 3 .  ? -5.002  -6.530  -0.982  1.00 27.89 ? 203 HOH A O     1 
HETATM 420 O O     . HOH E 3 .  ? 3.252   2.545   0.012   1.00 25.78 ? 204 HOH A O     1 
HETATM 421 O O     . HOH E 3 .  ? 7.300   5.708   -4.429  1.00 48.07 ? 205 HOH A O     1 
HETATM 422 O O     . HOH E 3 .  ? -10.188 -6.894  6.529   1.00 40.20 ? 206 HOH A O     1 
HETATM 423 O O     . HOH E 3 .  ? 7.659   4.398   -6.983  1.00 51.76 ? 207 HOH A O     1 
HETATM 424 O O     . HOH E 3 .  ? 8.388   -0.512  -2.180  1.00 23.79 ? 208 HOH A O     1 
HETATM 425 O O     . HOH E 3 .  ? 2.585   -4.518  -0.590  1.00 47.78 ? 209 HOH A O     1 
HETATM 426 O O     . HOH E 3 .  ? 13.286  -5.616  -0.609  1.00 26.98 ? 210 HOH A O     1 
HETATM 427 O O     . HOH E 3 .  ? -0.120  -7.736  12.874  1.00 48.13 ? 211 HOH A O     1 
HETATM 428 O O     . HOH E 3 .  ? 6.631   -4.249  -0.700  1.00 35.18 ? 212 HOH A O     1 
HETATM 429 O O     . HOH E 3 .  ? -3.869  -6.869  11.756  1.00 33.84 ? 213 HOH A O     1 
HETATM 430 O O     . HOH E 3 .  ? -9.495  -6.664  -1.981  1.00 21.04 ? 214 HOH A O     1 
HETATM 431 O O     . HOH E 3 .  ? -0.332  -2.705  1.449   1.00 29.78 ? 215 HOH A O     1 
HETATM 432 O O     . HOH E 3 .  ? -19.102 -7.151  -6.173  1.00 27.84 ? 216 HOH A O     1 
HETATM 433 O O     . HOH E 3 .  ? 3.922   -3.700  1.886   1.00 34.36 ? 217 HOH A O     1 
HETATM 434 O O     . HOH E 3 .  ? 6.889   -7.631  5.321   1.00 53.44 ? 218 HOH A O     1 
HETATM 435 O O     . HOH E 3 .  ? 7.459   1.239   -4.069  1.00 28.21 ? 219 HOH A O     1 
HETATM 436 O O     . HOH E 3 .  ? 13.422  1.127   2.258   1.00 26.51 ? 220 HOH A O     1 
HETATM 437 O O     . HOH E 3 .  ? -13.402 -7.369  -3.458  1.00 23.64 ? 221 HOH A O     1 
HETATM 438 O O     . HOH E 3 .  ? 13.667  -4.240  -4.794  1.00 27.81 ? 222 HOH A O     1 
HETATM 439 O O     . HOH E 3 .  ? -17.869 -8.448  -9.570  1.00 24.70 ? 223 HOH A O     1 
HETATM 440 O O     . HOH E 3 .  ? -15.083 -7.125  0.150   1.00 38.81 ? 224 HOH A O     1 
HETATM 441 O O     . HOH E 3 .  ? -11.478 -6.137  -0.042  1.00 23.66 ? 225 HOH A O     1 
HETATM 442 O O     . HOH E 3 .  ? -6.605  -6.789  3.620   1.00 30.83 ? 226 HOH A O     1 
HETATM 443 O O     . HOH E 3 .  ? 1.658   -7.290  9.403   1.00 34.11 ? 227 HOH A O     1 
HETATM 444 O O     . HOH E 3 .  ? -17.938 -5.037  -3.697  1.00 36.97 ? 228 HOH A O     1 
HETATM 445 O O     . HOH E 3 .  ? 4.336   -0.313  0.525   1.00 25.62 ? 229 HOH A O     1 
HETATM 446 O O     . HOH E 3 .  ? -10.146 -1.058  -6.364  1.00 28.50 ? 230 HOH A O     1 
HETATM 447 O O     . HOH E 3 .  ? 4.257   -6.684  4.378   1.00 52.10 ? 231 HOH A O     1 
HETATM 448 O O     . HOH E 3 .  ? -2.112  -7.669  7.724   1.00 40.60 ? 232 HOH A O     1 
HETATM 449 O O     . HOH E 3 .  ? 9.696   -2.892  -5.445  1.00 44.83 ? 233 HOH A O     1 
HETATM 450 O O     . HOH E 3 .  ? 9.864   0.529   6.045   1.00 25.74 ? 234 HOH A O     1 
HETATM 451 O O     . HOH E 3 .  ? -10.920 -8.715  -3.510  1.00 23.44 ? 235 HOH A O     1 
HETATM 452 O O     . HOH E 3 .  ? -17.022 -8.015  -3.666  1.00 27.57 ? 236 HOH A O     1 
HETATM 453 O O     . HOH E 3 .  ? -6.389  1.300   6.778   1.00 22.12 ? 237 HOH A O     1 
HETATM 454 O O     . HOH E 3 .  ? -3.203  -5.870  5.422   1.00 32.55 ? 238 HOH A O     1 
HETATM 455 O O     . HOH E 3 .  ? 0.455   -4.712  6.473   1.00 29.98 ? 239 HOH A O     1 
HETATM 456 O O     . HOH E 3 .  ? -2.054  -5.566  1.353   1.00 40.29 ? 240 HOH A O     1 
HETATM 457 O O     . HOH E 3 .  ? 6.003   2.341   -1.788  1.00 27.16 ? 241 HOH A O     1 
HETATM 458 O O     . HOH E 3 .  ? -7.199  -8.200  -2.500  1.00 30.22 ? 242 HOH A O     1 
HETATM 459 O O     . HOH E 3 .  ? 10.347  -6.398  5.034   1.00 52.77 ? 243 HOH A O     1 
HETATM 460 O O     . HOH E 3 .  ? 6.935   8.886   -0.752  1.00 36.77 ? 244 HOH A O     1 
HETATM 461 O O     . HOH E 3 .  ? 6.192   -5.197  10.990  1.00 30.68 ? 245 HOH A O     1 
HETATM 462 O O     . HOH E 3 .  ? 8.878   -4.954  -2.424  1.00 50.35 ? 246 HOH A O     1 
HETATM 463 O O     . HOH E 3 .  ? -17.036 -1.380  -1.793  1.00 42.33 ? 247 HOH A O     1 
HETATM 464 O O     . HOH E 3 .  ? 7.723   8.693   -8.043  1.00 56.79 ? 248 HOH A O     1 
HETATM 465 O O     . HOH E 3 .  ? -10.688 -4.055  -10.380 1.00 26.02 ? 249 HOH A O     1 
HETATM 466 O O     . HOH E 3 .  ? -0.313  -4.505  3.742   1.00 36.26 ? 250 HOH A O     1 
HETATM 467 O O     . HOH E 3 .  ? 1.344   -4.979  13.232  1.00 27.12 ? 251 HOH A O     1 
HETATM 468 O O     . HOH E 3 .  ? -8.576  -2.416  -10.711 1.00 23.22 ? 252 HOH A O     1 
HETATM 469 O O     . HOH E 3 .  ? 10.144  -1.832  7.388   1.00 40.08 ? 253 HOH A O     1 
HETATM 470 O O     . HOH E 3 .  ? 2.917   -6.969  11.885  1.00 45.37 ? 254 HOH A O     1 
HETATM 471 O O     . HOH E 3 .  ? -8.806  0.273   7.535   1.00 27.46 ? 255 HOH A O     1 
HETATM 472 O O     . HOH E 3 .  ? -12.544 -4.587  -12.361 1.00 28.20 ? 256 HOH A O     1 
HETATM 473 O O     . HOH E 3 .  ? -2.233  -6.179  -1.572  1.00 49.65 ? 257 HOH A O     1 
HETATM 474 O O     . HOH E 3 .  ? -16.322 -0.813  1.006   1.00 41.49 ? 258 HOH A O     1 
HETATM 475 O O     . HOH E 3 .  ? -18.278 -2.999  -5.830  1.00 34.66 ? 259 HOH A O     1 
HETATM 476 O O     . HOH E 3 .  ? 6.270   -1.617  -0.971  1.00 34.68 ? 260 HOH A O     1 
HETATM 477 O O     . HOH E 3 .  ? 8.494   11.570  1.303   1.00 44.04 ? 261 HOH A O     1 
HETATM 478 O O     . HOH E 3 .  ? -4.732  -7.279  1.676   1.00 37.28 ? 262 HOH A O     1 
HETATM 479 O O     . HOH E 3 .  ? 8.916   -4.847  10.171  1.00 45.18 ? 263 HOH A O     1 
HETATM 480 O O     . HOH E 3 .  ? -17.461 -6.553  -11.727 1.00 38.42 ? 264 HOH A O     1 
HETATM 481 O O     . HOH E 3 .  ? -9.259  -1.483  9.445   1.00 34.36 ? 265 HOH A O     1 
HETATM 482 O O     . HOH E 3 .  ? 1.279   9.278   0.555   1.00 44.63 ? 266 HOH A O     1 
HETATM 483 O O     . HOH E 3 .  ? -11.744 -8.921  0.213   1.00 39.52 ? 267 HOH A O     1 
HETATM 484 O O     . HOH E 3 .  ? 11.926  -8.078  -1.097  1.00 45.72 ? 268 HOH A O     1 
HETATM 485 O O     . HOH E 3 .  ? -14.509 0.975   2.051   1.00 34.41 ? 269 HOH A O     1 
HETATM 486 O O     . HOH F 3 .  ? -0.906  -4.439  -6.283  1.00 41.38 ? 101 HOH B O     1 
HETATM 487 O O     . HOH F 3 .  ? 17.753  5.054   10.942  1.00 31.86 ? 102 HOH B O     1 
HETATM 488 O O     . HOH F 3 .  ? 0.822   12.619  4.836   1.00 35.16 ? 103 HOH B O     1 
HETATM 489 O O     . HOH F 3 .  ? 0.358   -2.498  -8.060  1.00 37.87 ? 104 HOH B O     1 
HETATM 490 O O     . HOH F 3 .  ? -8.376  -0.808  -8.489  1.00 22.92 ? 105 HOH B O     1 
HETATM 491 O O     . HOH F 3 .  ? 0.270   -7.093  -5.250  1.00 43.68 ? 106 HOH B O     1 
HETATM 492 O O     . HOH F 3 .  ? 16.950  9.007   9.876   1.00 26.70 ? 107 HOH B O     1 
HETATM 493 O O     . HOH F 3 .  ? -1.061  -0.188  -8.088  1.00 28.26 ? 108 HOH B O     1 
HETATM 494 O O     . HOH F 3 .  ? 3.539   7.644   1.041   1.00 30.05 ? 109 HOH B O     1 
HETATM 495 O O     . HOH F 3 .  ? -0.398  4.075   -6.986  1.00 39.08 ? 110 HOH B O     1 
HETATM 496 O O     . HOH F 3 .  ? 6.234   8.582   2.121   1.00 30.31 ? 111 HOH B O     1 
HETATM 497 O O     . HOH F 3 .  ? 3.469   -5.723  -10.898 1.00 51.09 ? 112 HOH B O     1 
HETATM 498 O O     . HOH F 3 .  ? 6.092   9.448   4.715   1.00 27.33 ? 113 HOH B O     1 
HETATM 499 O O     . HOH F 3 .  ? 8.949   9.611   3.380   1.00 29.78 ? 114 HOH B O     1 
HETATM 500 O O     . HOH F 3 .  ? -1.463  8.533   0.726   1.00 26.24 ? 115 HOH B O     1 
HETATM 501 O O     . HOH F 3 .  ? -0.593  -1.913  -4.759  1.00 35.92 ? 116 HOH B O     1 
HETATM 502 O O     . HOH F 3 .  ? -0.123  -2.665  -15.343 1.00 49.29 ? 117 HOH B O     1 
HETATM 503 O O     . HOH F 3 .  ? 4.309   11.190  6.181   1.00 30.80 ? 118 HOH B O     1 
HETATM 504 O O     . HOH F 3 .  ? 0.456   2.069   0.259   1.00 24.97 ? 119 HOH B O     1 
HETATM 505 O O     . HOH F 3 .  ? -1.709  13.796  5.606   1.00 42.67 ? 120 HOH B O     1 
HETATM 506 O O     . HOH F 3 .  ? 13.211  9.502   8.148   1.00 39.76 ? 121 HOH B O     1 
HETATM 507 O O     . HOH F 3 .  ? 11.151  10.796  9.896   1.00 44.34 ? 122 HOH B O     1 
HETATM 508 O O     . HOH F 3 .  ? -3.447  12.069  0.473   1.00 36.82 ? 123 HOH B O     1 
HETATM 509 O O     . HOH F 3 .  ? 10.657  9.657   6.464   1.00 28.61 ? 124 HOH B O     1 
HETATM 510 O O     . HOH F 3 .  ? 4.202   -9.828  -11.279 1.00 42.55 ? 125 HOH B O     1 
HETATM 511 O O     . HOH F 3 .  ? -1.099  4.391   -0.621  1.00 24.87 ? 126 HOH B O     1 
HETATM 512 O O     . HOH F 3 .  ? 13.145  2.595   5.926   1.00 25.47 ? 127 HOH B O     1 
HETATM 513 O O     . HOH F 3 .  ? -5.821  8.369   -8.331  1.00 51.53 ? 128 HOH B O     1 
HETATM 514 O O     . HOH F 3 .  ? 10.168  2.668   7.735   1.00 25.20 ? 129 HOH B O     1 
HETATM 515 O O     . HOH F 3 .  ? 0.317   11.165  2.514   1.00 39.67 ? 130 HOH B O     1 
HETATM 516 O O     . HOH F 3 .  ? -0.235  1.423   -5.971  1.00 34.44 ? 131 HOH B O     1 
HETATM 517 O O     . HOH F 3 .  ? 1.382   0.684   -11.536 1.00 44.63 ? 132 HOH B O     1 
HETATM 518 O O     . HOH F 3 .  ? -1.826  5.862   -2.828  1.00 35.01 ? 133 HOH B O     1 
HETATM 519 O O     . HOH F 3 .  ? 1.251   -5.292  -7.473  1.00 46.77 ? 134 HOH B O     1 
HETATM 520 O O     . HOH F 3 .  ? 1.058   6.275   -0.235  1.00 29.97 ? 135 HOH B O     1 
HETATM 521 O O     . HOH F 3 .  ? 8.928   10.953  8.146   1.00 43.41 ? 136 HOH B O     1 
HETATM 522 O O     . HOH F 3 .  ? -4.635  4.512   -12.094 1.00 51.39 ? 137 HOH B O     1 
HETATM 523 O O     . HOH F 3 .  ? -2.521  -8.528  -3.470  1.00 34.64 ? 138 HOH B O     1 
HETATM 524 O O     . HOH F 3 .  ? -3.536  1.952   -14.852 1.00 48.44 ? 139 HOH B O     1 
HETATM 525 O O     . HOH F 3 .  ? 2.275   -4.524  -14.841 1.00 38.64 ? 140 HOH B O     1 
HETATM 526 O O     . HOH F 3 .  ? -1.756  -5.695  -4.274  1.00 44.09 ? 141 HOH B O     1 
HETATM 527 O O     . HOH F 3 .  ? -4.467  6.173   -9.768  1.00 61.87 ? 142 HOH B O     1 
HETATM 528 O O     . HOH F 3 .  ? -0.078  -15.669 -5.854  1.00 48.76 ? 143 HOH B O     1 
HETATM 529 O O     . HOH F 3 .  ? 1.550   -16.152 -8.323  1.00 42.23 ? 144 HOH B O     1 
HETATM 530 O O     . HOH F 3 .  ? 12.472  0.074   4.766   1.00 33.81 ? 145 HOH B O     1 
HETATM 531 O O     . HOH F 3 .  ? 8.451   11.007  5.572   1.00 42.31 ? 146 HOH B O     1 
HETATM 532 O O     . HOH F 3 .  ? 4.572   -12.452 -10.665 1.00 50.53 ? 147 HOH B O     1 
HETATM 533 O O     . HOH F 3 .  ? 16.595  2.572   10.835  1.00 39.82 ? 148 HOH B O     1 
HETATM 534 O O     . HOH F 3 .  ? 17.889  11.136  11.003  1.00 38.77 ? 149 HOH B O     1 
# 
loop_
_atom_site_anisotrop.id 
_atom_site_anisotrop.type_symbol 
_atom_site_anisotrop.pdbx_label_atom_id 
_atom_site_anisotrop.pdbx_label_alt_id 
_atom_site_anisotrop.pdbx_label_comp_id 
_atom_site_anisotrop.pdbx_label_asym_id 
_atom_site_anisotrop.pdbx_label_seq_id 
_atom_site_anisotrop.pdbx_PDB_ins_code 
_atom_site_anisotrop.U[1][1] 
_atom_site_anisotrop.U[2][2] 
_atom_site_anisotrop.U[3][3] 
_atom_site_anisotrop.U[1][2] 
_atom_site_anisotrop.U[1][3] 
_atom_site_anisotrop.U[2][3] 
_atom_site_anisotrop.pdbx_auth_seq_id 
_atom_site_anisotrop.pdbx_auth_comp_id 
_atom_site_anisotrop.pdbx_auth_asym_id 
_atom_site_anisotrop.pdbx_auth_atom_id 
1   O "O5'" . DC  A 1  ? 0.5262 0.5395 0.5331 0.0481  -0.2024 0.0338  1   DC  A "O5'" 
2   C "C5'" . DC  A 1  ? 0.6540 0.6964 0.6893 0.0090  -0.0188 0.0064  1   DC  A "C5'" 
3   C "C4'" . DC  A 1  ? 0.6440 0.6474 0.6610 0.0088  0.0016  0.0057  1   DC  A "C4'" 
4   O "O4'" . DC  A 1  ? 0.3705 0.4669 0.5799 -0.0046 0.1349  0.1111  1   DC  A "O4'" 
5   C "C3'" . DC  A 1  ? 0.6142 0.5842 0.6263 0.0207  -0.0088 -0.0403 1   DC  A "C3'" 
6   O "O3'" . DC  A 1  ? 0.3525 0.5095 0.3419 -0.0461 -0.1469 0.0647  1   DC  A "O3'" 
7   C "C2'" . DC  A 1  ? 0.5982 0.6093 0.5441 0.0188  0.0329  -0.0118 1   DC  A "C2'" 
8   C "C1'" . DC  A 1  ? 0.5849 0.6082 0.4878 0.0566  0.0784  -0.0028 1   DC  A "C1'" 
9   N N1    . DC  A 1  ? 0.3568 0.3444 0.3579 -0.0359 -0.0497 0.0475  1   DC  A N1    
10  C C2    . DC  A 1  ? 0.2540 0.2645 0.3005 0.0097  0.0439  0.0134  1   DC  A C2    
11  O O2    . DC  A 1  ? 0.2602 0.2485 0.2531 -0.0040 -0.0028 -0.0091 1   DC  A O2    
12  N N3    . DC  A 1  ? 0.2373 0.2501 0.2462 -0.0089 0.0014  0.0088  1   DC  A N3    
13  C C4    . DC  A 1  ? 0.2499 0.2834 0.3202 0.0086  0.0023  0.0080  1   DC  A C4    
14  N N4    . DC  A 1  ? 0.2465 0.2794 0.3007 -0.0157 -0.0145 0.0068  1   DC  A N4    
15  C C5    . DC  A 1  ? 0.3165 0.3518 0.3201 -0.0123 -0.0182 0.0237  1   DC  A C5    
16  C C6    . DC  A 1  ? 0.3457 0.3671 0.3585 -0.0087 0.0114  0.0054  1   DC  A C6    
17  P P     . DC  A 2  ? 0.4290 0.3734 0.4801 -0.0436 -0.1344 -0.0195 2   DC  A P     
18  O OP1   . DC  A 2  ? 0.2831 0.3636 0.5209 -0.0557 -0.0773 0.0102  2   DC  A OP1   
19  O OP2   . DC  A 2  ? 0.5314 0.3605 0.2342 -0.0207 -0.1270 -0.0246 2   DC  A OP2   
20  O "O5'" . DC  A 2  ? 0.5384 0.3098 0.3566 -0.0605 -0.0456 -0.0807 2   DC  A "O5'" 
21  C "C5'" . DC  A 2  ? 0.5909 0.5407 0.6626 0.0106  -0.0799 0.0002  2   DC  A "C5'" 
22  C "C4'" . DC  A 2  ? 0.6368 0.5417 0.6348 0.0158  -0.0407 -0.0123 2   DC  A "C4'" 
23  O "O4'" . DC  A 2  ? 0.1768 0.3970 0.5757 -0.0352 -0.0470 0.1214  2   DC  A "O4'" 
24  C "C3'" . DC  A 2  ? 0.6343 0.5903 0.6487 0.0099  -0.0159 -0.0061 2   DC  A "C3'" 
25  O "O3'" . DC  A 2  ? 0.4367 0.5199 0.1964 -0.0965 -0.0015 -0.0255 2   DC  A "O3'" 
26  C "C2'" . DC  A 2  ? 0.6206 0.6008 0.6423 0.0161  0.0071  0.0031  2   DC  A "C2'" 
27  C "C1'" . DC  A 2  ? 0.3413 0.5753 0.5473 0.0945  0.0268  -0.0229 2   DC  A "C1'" 
28  N N1    . DC  A 2  ? 0.2890 0.3213 0.3083 -0.0180 -0.0047 0.0110  2   DC  A N1    
29  C C2    . DC  A 2  ? 0.2004 0.2937 0.3157 0.0173  -0.0182 0.0207  2   DC  A C2    
30  O O2    . DC  A 2  ? 0.2102 0.2604 0.2565 -0.0044 0.0056  0.0129  2   DC  A O2    
31  N N3    . DC  A 2  ? 0.2196 0.2464 0.2548 -0.0059 0.0007  -0.0260 2   DC  A N3    
32  C C4    . DC  A 2  ? 0.2317 0.2631 0.2692 0.0035  0.0001  0.0091  2   DC  A C4    
33  N N4    . DC  A 2  ? 0.2466 0.2621 0.2401 0.0088  -0.0079 -0.0053 2   DC  A N4    
34  C C5    . DC  A 2  ? 0.2569 0.3241 0.2605 -0.0149 0.0133  0.0084  2   DC  A C5    
35  C C6    . DC  A 2  ? 0.2398 0.3115 0.3422 -0.0192 0.0118  0.0360  2   DC  A C6    
36  P P     . DA  A 3  ? 0.4440 0.4044 0.3748 -0.0233 0.0525  0.0144  3   DA  A P     
37  O OP1   . DA  A 3  ? 0.4145 0.4580 0.3357 -0.0400 -0.0145 -0.0691 3   DA  A OP1   
38  O OP2   . DA  A 3  ? 0.5234 0.2740 0.2617 -0.0198 0.0870  -0.0441 3   DA  A OP2   
39  O "O5'" . DA  A 3  ? 0.5702 0.3634 0.3615 0.0760  -0.0394 0.0144  3   DA  A "O5'" 
40  C "C5'" . DA  A 3  ? 0.6234 0.6101 0.6536 -0.0047 0.0509  -0.0129 3   DA  A "C5'" 
41  C "C4'" . DA  A 3  ? 0.6268 0.5773 0.6505 -0.0290 0.0204  0.0048  3   DA  A "C4'" 
42  O "O4'" . DA  A 3  ? 0.2372 0.5470 0.4311 0.0028  0.0268  0.1152  3   DA  A "O4'" 
43  C "C3'" . DA  A 3  ? 0.6398 0.5662 0.6274 -0.0262 0.0217  0.0254  3   DA  A "C3'" 
44  O "O3'" . DA  A 3  ? 0.3981 0.4615 0.3454 -0.0772 0.0662  -0.1480 3   DA  A "O3'" 
45  C "C2'" . DA  A 3  ? 0.5997 0.6061 0.6249 -0.0103 0.0136  0.0087  3   DA  A "C2'" 
46  C "C1'" . DA  A 3  ? 0.3495 0.5676 0.5551 0.0608  0.0122  -0.0158 3   DA  A "C1'" 
47  N N9    . DA  A 3  ? 0.3025 0.3263 0.2803 -0.0551 0.0716  -0.0614 3   DA  A N9    
48  C C8    . DA  A 3  ? 0.2503 0.2525 0.3488 0.0059  0.0178  -0.0157 3   DA  A C8    
49  N N7    . DA  A 3  ? 0.2397 0.2633 0.2636 0.0013  0.0170  -0.0156 3   DA  A N7    
50  C C5    . DA  A 3  ? 0.2223 0.2357 0.2575 -0.0142 0.0042  -0.0054 3   DA  A C5    
51  C C6    . DA  A 3  ? 0.2099 0.2151 0.2211 -0.0280 -0.0023 0.0034  3   DA  A C6    
52  N N6    . DA  A 3  ? 0.2468 0.2371 0.2420 -0.0072 -0.0151 0.0029  3   DA  A N6    
53  N N1    . DA  A 3  ? 0.2181 0.2154 0.2242 -0.0100 -0.0026 -0.0057 3   DA  A N1    
54  C C2    . DA  A 3  ? 0.2353 0.2120 0.2015 -0.0177 -0.0088 -0.0074 3   DA  A C2    
55  N N3    . DA  A 3  ? 0.2374 0.2395 0.2513 0.0030  -0.0115 0.0019  3   DA  A N3    
56  C C4    . DA  A 3  ? 0.2102 0.2476 0.2461 -0.0245 0.0081  0.0104  3   DA  A C4    
57  P P     . DG  A 4  ? 0.3554 0.2790 0.2843 0.0209  0.0236  -0.0206 4   DG  A P     
58  O OP1   . DG  A 4  ? 0.4209 0.2932 0.3671 0.0581  0.0381  -0.0022 4   DG  A OP1   
59  O OP2   . DG  A 4  ? 0.3231 0.3162 0.3146 0.0018  0.0316  -0.0008 4   DG  A OP2   
60  O "O5'" . DG  A 4  ? 0.2853 0.2855 0.2867 0.0184  0.0196  -0.0124 4   DG  A "O5'" 
61  C "C5'" . DG  A 4  ? 0.3055 0.2876 0.2822 0.0054  0.0176  -0.0065 4   DG  A "C5'" 
62  C "C4'" . DG  A 4  ? 0.2452 0.2799 0.2606 0.0013  0.0150  0.0171  4   DG  A "C4'" 
63  O "O4'" . DG  A 4  ? 0.2303 0.2689 0.2510 0.0241  0.0213  -0.0044 4   DG  A "O4'" 
64  C "C3'" . DG  A 4  ? 0.2428 0.2550 0.2431 0.0076  0.0052  0.0037  4   DG  A "C3'" 
65  O "O3'" . DG  A 4  ? 0.2553 0.2575 0.2521 0.0186  0.0046  0.0106  4   DG  A "O3'" 
66  C "C2'" . DG  A 4  ? 0.2372 0.2534 0.2250 0.0122  0.0063  0.0186  4   DG  A "C2'" 
67  C "C1'" . DG  A 4  ? 0.2306 0.2297 0.2361 0.0137  0.0180  -0.0030 4   DG  A "C1'" 
68  N N9    . DG  A 4  ? 0.2320 0.2333 0.2324 0.0075  0.0106  -0.0061 4   DG  A N9    
69  C C8    . DG  A 4  ? 0.2440 0.2550 0.2302 0.0151  0.0070  0.0056  4   DG  A C8    
70  N N7    . DG  A 4  ? 0.2236 0.2318 0.2420 0.0049  0.0028  -0.0086 4   DG  A N7    
71  C C5    . DG  A 4  ? 0.2249 0.2412 0.2285 0.0064  0.0030  -0.0034 4   DG  A C5    
72  C C6    . DG  A 4  ? 0.1946 0.2272 0.2213 -0.0122 -0.0027 -0.0117 4   DG  A C6    
73  O O6    . DG  A 4  ? 0.2024 0.2130 0.2325 -0.0231 -0.0084 -0.0050 4   DG  A O6    
74  N N1    . DG  A 4  ? 0.1957 0.2088 0.2316 0.0103  0.0004  -0.0091 4   DG  A N1    
75  C C2    . DG  A 4  ? 0.1846 0.2237 0.2297 -0.0045 -0.0048 -0.0143 4   DG  A C2    
76  N N2    . DG  A 4  ? 0.2024 0.2307 0.2355 0.0200  -0.0111 -0.0175 4   DG  A N2    
77  N N3    . DG  A 4  ? 0.2140 0.2094 0.2394 0.0046  0.0072  0.0008  4   DG  A N3    
78  C C4    . DG  A 4  ? 0.2156 0.2225 0.2280 -0.0039 0.0027  -0.0012 4   DG  A C4    
79  P P     . 5FC A 5  ? 0.2779 0.2579 0.2566 0.0147  0.0059  0.0046  5   5FC A P     
80  O OP2   . 5FC A 5  ? 0.2790 0.2542 0.2620 -0.0052 0.0087  -0.0067 5   5FC A OP2   
81  O OP1   . 5FC A 5  ? 0.3086 0.2668 0.2651 0.0134  0.0089  0.0180  5   5FC A OP1   
82  O "O5'" . 5FC A 5  ? 0.2532 0.2527 0.2498 0.0196  -0.0155 0.0108  5   5FC A "O5'" 
83  N N1    . 5FC A 5  ? 0.1985 0.2513 0.2278 0.0144  -0.0054 0.0034  5   5FC A N1    
84  C C6    . 5FC A 5  ? 0.2198 0.2605 0.2268 0.0127  -0.0021 -0.0025 5   5FC A C6    
85  C C2    . 5FC A 5  ? 0.2263 0.2205 0.2377 -0.0074 -0.0214 0.0057  5   5FC A C2    
86  O O2    . 5FC A 5  ? 0.1920 0.2634 0.2696 -0.0064 -0.0252 -0.0083 5   5FC A O2    
87  N N3    . 5FC A 5  ? 0.1932 0.2312 0.2342 -0.0145 -0.0152 -0.0041 5   5FC A N3    
88  C C4    . 5FC A 5  ? 0.1910 0.2253 0.2368 -0.0074 -0.0277 -0.0092 5   5FC A C4    
89  N N4    . 5FC A 5  ? 0.2320 0.2458 0.2401 -0.0068 -0.0111 0.0115  5   5FC A N4    
90  C C5    . 5FC A 5  ? 0.2148 0.2218 0.2279 0.0046  -0.0160 0.0017  5   5FC A C5    
91  C "C2'" . 5FC A 5  ? 0.2189 0.2543 0.2290 -0.0042 0.0053  -0.0010 5   5FC A "C2'" 
92  C "C5'" . 5FC A 5  ? 0.2770 0.2556 0.2631 0.0293  0.0069  -0.0178 5   5FC A "C5'" 
93  C "C4'" . 5FC A 5  ? 0.2314 0.2478 0.2176 0.0100  0.0024  0.0063  5   5FC A "C4'" 
94  O "O4'" . 5FC A 5  ? 0.2078 0.2462 0.2432 0.0084  0.0033  0.0091  5   5FC A "O4'" 
95  C "C1'" . 5FC A 5  ? 0.2161 0.2319 0.2339 0.0091  -0.0035 0.0007  5   5FC A "C1'" 
96  C "C3'" . 5FC A 5  ? 0.2474 0.2598 0.2398 0.0018  -0.0058 0.0101  5   5FC A "C3'" 
97  O "O3'" . 5FC A 5  ? 0.2539 0.2536 0.2609 0.0039  -0.0065 0.0189  5   5FC A "O3'" 
98  C C5A   . 5FC A 5  ? 0.2309 0.2481 0.2547 0.0176  -0.0161 -0.0136 5   5FC A C5A   
99  O O5A   . 5FC A 5  ? 0.2695 0.2888 0.2631 0.0271  -0.0305 -0.0111 5   5FC A O5A   
100 P P     . DG  A 6  ? 0.2680 0.2624 0.2512 0.0141  -0.0017 0.0125  6   DG  A P     
101 O OP1   . DG  A 6  ? 0.3208 0.2898 0.2560 -0.0203 0.0161  0.0205  6   DG  A OP1   
102 O OP2   . DG  A 6  ? 0.2937 0.2696 0.2468 0.0011  0.0055  0.0103  6   DG  A OP2   
103 O "O5'" . DG  A 6  ? 0.2315 0.2616 0.2761 -0.0070 -0.0187 -0.0038 6   DG  A "O5'" 
104 C "C5'" . DG  A 6  ? 0.2502 0.2550 0.2507 -0.0030 -0.0081 0.0062  6   DG  A "C5'" 
105 C "C4'" . DG  A 6  ? 0.2469 0.2546 0.2453 -0.0039 -0.0040 0.0083  6   DG  A "C4'" 
106 O "O4'" . DG  A 6  ? 0.2424 0.2626 0.2563 -0.0143 -0.0166 0.0117  6   DG  A "O4'" 
107 C "C3'" . DG  A 6  ? 0.2423 0.2505 0.2411 -0.0189 0.0012  0.0079  6   DG  A "C3'" 
108 O "O3'" . DG  A 6  ? 0.2695 0.2732 0.2493 -0.0345 0.0014  0.0244  6   DG  A "O3'" 
109 C "C2'" . DG  A 6  ? 0.2265 0.2551 0.2426 -0.0160 -0.0079 0.0021  6   DG  A "C2'" 
110 C "C1'" . DG  A 6  ? 0.2263 0.2398 0.2445 -0.0174 -0.0102 0.0073  6   DG  A "C1'" 
111 N N9    . DG  A 6  ? 0.2206 0.2359 0.2457 -0.0019 -0.0120 0.0040  6   DG  A N9    
112 C C8    . DG  A 6  ? 0.2354 0.2378 0.2419 0.0063  -0.0069 0.0047  6   DG  A C8    
113 N N7    . DG  A 6  ? 0.1982 0.2334 0.2526 -0.0098 -0.0110 0.0126  6   DG  A N7    
114 C C5    . DG  A 6  ? 0.2131 0.2239 0.2319 -0.0038 -0.0104 0.0009  6   DG  A C5    
115 C C6    . DG  A 6  ? 0.1800 0.2121 0.2232 0.0023  -0.0065 -0.0045 6   DG  A C6    
116 O O6    . DG  A 6  ? 0.2051 0.2090 0.2110 -0.0039 -0.0063 -0.0134 6   DG  A O6    
117 N N1    . DG  A 6  ? 0.1844 0.2033 0.2271 0.0012  -0.0178 -0.0010 6   DG  A N1    
118 C C2    . DG  A 6  ? 0.1908 0.2156 0.2279 -0.0009 -0.0144 -0.0014 6   DG  A C2    
119 N N2    . DG  A 6  ? 0.2025 0.2248 0.2433 0.0126  -0.0049 -0.0015 6   DG  A N2    
120 N N3    . DG  A 6  ? 0.2107 0.2261 0.2271 -0.0047 -0.0102 0.0009  6   DG  A N3    
121 C C4    . DG  A 6  ? 0.2116 0.2416 0.2370 0.0017  -0.0093 0.0026  6   DG  A C4    
122 P P     . DC  A 7  ? 0.2695 0.2712 0.2716 -0.0224 -0.0205 0.0218  7   DC  A P     
123 O OP1   . DC  A 7  ? 0.2925 0.3628 0.2681 -0.0395 -0.0214 0.0525  7   DC  A OP1   
124 O OP2   . DC  A 7  ? 0.3160 0.2782 0.2819 -0.0123 -0.0277 -0.0116 7   DC  A OP2   
125 O "O5'" . DC  A 7  ? 0.2404 0.2436 0.2533 -0.0166 -0.0128 0.0061  7   DC  A "O5'" 
126 C "C5'" . DC  A 7  ? 0.2497 0.2504 0.2386 -0.0108 -0.0090 0.0046  7   DC  A "C5'" 
127 C "C4'" . DC  A 7  ? 0.2407 0.2281 0.2335 -0.0071 -0.0092 -0.0031 7   DC  A "C4'" 
128 O "O4'" . DC  A 7  ? 0.2353 0.2577 0.2144 -0.0061 -0.0126 0.0082  7   DC  A "O4'" 
129 C "C3'" . DC  A 7  ? 0.2239 0.2340 0.2317 -0.0068 -0.0067 0.0040  7   DC  A "C3'" 
130 O "O3'" . DC  A 7  ? 0.2225 0.2713 0.2319 -0.0067 0.0110  -0.0188 7   DC  A "O3'" 
131 C "C2'" . DC  A 7  ? 0.2051 0.2218 0.2225 -0.0095 -0.0110 -0.0082 7   DC  A "C2'" 
132 C "C1'" . DC  A 7  ? 0.1987 0.2122 0.2140 0.0013  -0.0103 0.0040  7   DC  A "C1'" 
133 N N1    . DC  A 7  ? 0.1981 0.2185 0.2239 -0.0011 -0.0079 0.0061  7   DC  A N1    
134 C C2    . DC  A 7  ? 0.1816 0.1971 0.2130 -0.0121 -0.0032 -0.0083 7   DC  A C2    
135 O O2    . DC  A 7  ? 0.1959 0.2160 0.2511 0.0048  -0.0234 -0.0028 7   DC  A O2    
136 N N3    . DC  A 7  ? 0.2001 0.2095 0.2226 0.0082  -0.0049 -0.0116 7   DC  A N3    
137 C C4    . DC  A 7  ? 0.2162 0.2106 0.2282 0.0017  -0.0151 -0.0058 7   DC  A C4    
138 N N4    . DC  A 7  ? 0.2371 0.2295 0.2438 0.0019  0.0129  -0.0022 7   DC  A N4    
139 C C5    . DC  A 7  ? 0.2119 0.2025 0.2315 -0.0001 -0.0014 -0.0095 7   DC  A C5    
140 C C6    . DC  A 7  ? 0.2032 0.2226 0.2386 0.0074  -0.0001 0.0059  7   DC  A C6    
141 P P     . DT  A 8  ? 0.2399 0.2595 0.2432 -0.0205 0.0011  -0.0003 8   DT  A P     
142 O OP1   . DT  A 8  ? 0.2493 0.3074 0.2876 -0.0244 0.0256  0.0152  8   DT  A OP1   
143 O OP2   . DT  A 8  ? 0.2592 0.2538 0.2326 -0.0183 -0.0258 0.0062  8   DT  A OP2   
144 O "O5'" . DT  A 8  ? 0.2335 0.2582 0.2521 -0.0160 -0.0301 0.0098  8   DT  A "O5'" 
145 C "C5'" . DT  A 8  ? 0.2257 0.2517 0.2468 -0.0087 0.0061  -0.0090 8   DT  A "C5'" 
146 C "C4'" . DT  A 8  ? 0.2293 0.2454 0.2534 -0.0008 0.0010  -0.0032 8   DT  A "C4'" 
147 O "O4'" . DT  A 8  ? 0.2314 0.2304 0.2327 -0.0068 -0.0099 -0.0099 8   DT  A "O4'" 
148 C "C3'" . DT  A 8  ? 0.2351 0.2696 0.2199 -0.0077 -0.0093 0.0057  8   DT  A "C3'" 
149 O "O3'" . DT  A 8  ? 0.2409 0.2750 0.2498 -0.0033 -0.0319 -0.0182 8   DT  A "O3'" 
150 C "C2'" . DT  A 8  ? 0.2134 0.2215 0.2263 -0.0012 -0.0040 -0.0126 8   DT  A "C2'" 
151 C "C1'" . DT  A 8  ? 0.2179 0.2343 0.2262 -0.0095 -0.0068 0.0004  8   DT  A "C1'" 
152 N N1    . DT  A 8  ? 0.2117 0.2209 0.1980 -0.0171 -0.0155 -0.0018 8   DT  A N1    
153 C C2    . DT  A 8  ? 0.2251 0.2189 0.2180 -0.0128 -0.0015 -0.0058 8   DT  A C2    
154 O O2    . DT  A 8  ? 0.2537 0.2428 0.2259 -0.0184 0.0081  0.0158  8   DT  A O2    
155 N N3    . DT  A 8  ? 0.2059 0.2132 0.2189 -0.0240 -0.0081 0.0007  8   DT  A N3    
156 C C4    . DT  A 8  ? 0.2382 0.2087 0.2233 -0.0154 -0.0065 -0.0029 8   DT  A C4    
157 O O4    . DT  A 8  ? 0.2402 0.2754 0.2759 -0.0005 0.0140  0.0055  8   DT  A O4    
158 C C5    . DT  A 8  ? 0.2116 0.2121 0.2140 -0.0112 -0.0202 -0.0164 8   DT  A C5    
159 C C7    . DT  A 8  ? 0.2270 0.2271 0.2423 -0.0078 -0.0116 0.0000  8   DT  A C7    
160 C C6    . DT  A 8  ? 0.2061 0.2095 0.2173 -0.0163 -0.0042 0.0012  8   DT  A C6    
161 P P     . DG  A 9  ? 0.2394 0.2640 0.2479 -0.0202 0.0027  -0.0084 9   DG  A P     
162 O OP1   . DG  A 9  ? 0.2317 0.3422 0.2715 0.0079  0.0186  -0.0199 9   DG  A OP1   
163 O OP2   . DG  A 9  ? 0.2709 0.2617 0.2639 -0.0055 -0.0044 -0.0203 9   DG  A OP2   
164 O "O5'" . DG  A 9  ? 0.2389 0.2731 0.2402 -0.0214 -0.0131 0.0043  9   DG  A "O5'" 
165 C "C5'" . DG  A 9  ? 0.2356 0.2630 0.2507 -0.0090 -0.0032 0.0041  9   DG  A "C5'" 
166 C "C4'" . DG  A 9  ? 0.2438 0.2477 0.2374 -0.0054 -0.0116 -0.0110 9   DG  A "C4'" 
167 O "O4'" . DG  A 9  ? 0.2372 0.2377 0.2371 0.0069  0.0046  -0.0240 9   DG  A "O4'" 
168 C "C3'" . DG  A 9  ? 0.2462 0.2494 0.2259 -0.0170 -0.0005 -0.0169 9   DG  A "C3'" 
169 O "O3'" . DG  A 9  ? 0.2387 0.2591 0.2566 -0.0074 -0.0050 -0.0279 9   DG  A "O3'" 
170 C "C2'" . DG  A 9  ? 0.2373 0.2592 0.2384 0.0059  0.0024  -0.0126 9   DG  A "C2'" 
171 C "C1'" . DG  A 9  ? 0.2212 0.2361 0.2381 0.0227  -0.0001 0.0020  9   DG  A "C1'" 
172 N N9    . DG  A 9  ? 0.2189 0.2223 0.2251 0.0054  -0.0057 0.0034  9   DG  A N9    
173 C C8    . DG  A 9  ? 0.2204 0.2290 0.2212 -0.0117 0.0150  -0.0077 9   DG  A C8    
174 N N7    . DG  A 9  ? 0.2337 0.2280 0.2349 -0.0018 0.0157  -0.0012 9   DG  A N7    
175 C C5    . DG  A 9  ? 0.2093 0.2260 0.2256 0.0059  -0.0015 -0.0173 9   DG  A C5    
176 C C6    . DG  A 9  ? 0.1969 0.1946 0.2282 -0.0061 -0.0067 -0.0074 9   DG  A C6    
177 O O6    . DG  A 9  ? 0.1945 0.2294 0.2348 -0.0316 -0.0183 0.0060  9   DG  A O6    
178 N N1    . DG  A 9  ? 0.1773 0.2082 0.2346 0.0034  0.0028  -0.0054 9   DG  A N1    
179 C C2    . DG  A 9  ? 0.1971 0.2384 0.2247 0.0004  0.0040  0.0107  9   DG  A C2    
180 N N2    . DG  A 9  ? 0.1985 0.2619 0.2271 0.0038  0.0072  -0.0030 9   DG  A N2    
181 N N3    . DG  A 9  ? 0.1985 0.2249 0.2215 0.0053  -0.0022 -0.0003 9   DG  A N3    
182 C C4    . DG  A 9  ? 0.2202 0.2328 0.2248 -0.0036 0.0019  0.0004  9   DG  A C4    
183 P P     . DG  A 10 ? 0.2310 0.2574 0.2519 -0.0011 -0.0049 -0.0193 10  DG  A P     
184 O OP1   . DG  A 10 ? 0.2464 0.3116 0.2816 -0.0141 -0.0294 -0.0563 10  DG  A OP1   
185 O OP2   . DG  A 10 ? 0.2551 0.2492 0.2507 -0.0081 -0.0011 -0.0063 10  DG  A OP2   
186 O "O5'" . DG  A 10 ? 0.2369 0.2689 0.2321 -0.0111 -0.0003 -0.0222 10  DG  A "O5'" 
187 C "C5'" . DG  A 10 ? 0.2745 0.2912 0.2545 0.0088  0.0000  0.0105  10  DG  A "C5'" 
188 C "C4'" . DG  A 10 ? 0.2612 0.2825 0.2648 0.0054  -0.0047 -0.0114 10  DG  A "C4'" 
189 O "O4'" . DG  A 10 ? 0.2441 0.2594 0.2667 0.0267  -0.0031 -0.0311 10  DG  A "O4'" 
190 C "C3'" . DG  A 10 ? 0.2547 0.2751 0.2611 -0.0099 0.0048  -0.0060 10  DG  A "C3'" 
191 O "O3'" . DG  A 10 ? 0.2585 0.3058 0.2869 -0.0018 -0.0152 -0.0193 10  DG  A "O3'" 
192 C "C2'" . DG  A 10 ? 0.2514 0.2392 0.2512 0.0177  -0.0087 -0.0120 10  DG  A "C2'" 
193 C "C1'" . DG  A 10 ? 0.2258 0.2290 0.2494 0.0038  0.0004  0.0036  10  DG  A "C1'" 
194 N N9    . DG  A 10 ? 0.2249 0.2281 0.2312 -0.0023 0.0055  -0.0179 10  DG  A N9    
195 C C8    . DG  A 10 ? 0.2453 0.2403 0.2255 -0.0123 0.0031  -0.0017 10  DG  A C8    
196 N N7    . DG  A 10 ? 0.2387 0.2229 0.2127 -0.0185 -0.0067 -0.0219 10  DG  A N7    
197 C C5    . DG  A 10 ? 0.2391 0.2346 0.2367 -0.0089 -0.0030 0.0018  10  DG  A C5    
198 C C6    . DG  A 10 ? 0.2310 0.2398 0.2409 -0.0339 -0.0218 0.0042  10  DG  A C6    
199 O O6    . DG  A 10 ? 0.2588 0.2860 0.2465 -0.0361 -0.0279 0.0207  10  DG  A O6    
200 N N1    . DG  A 10 ? 0.2310 0.2563 0.2344 -0.0161 -0.0318 0.0108  10  DG  A N1    
201 C C2    . DG  A 10 ? 0.2370 0.2427 0.2177 0.0004  -0.0142 -0.0042 10  DG  A C2    
202 N N2    . DG  A 10 ? 0.2451 0.2444 0.2411 0.0114  -0.0040 0.0101  10  DG  A N2    
203 N N3    . DG  A 10 ? 0.2229 0.2392 0.2468 0.0035  -0.0034 0.0003  10  DG  A N3    
204 C C4    . DG  A 10 ? 0.2312 0.2240 0.2349 -0.0023 -0.0079 -0.0021 10  DG  A C4    
205 O "O5'" . DC  B 1  ? 0.4109 0.4814 0.4726 0.0336  -0.0256 -0.0245 11  DC  B "O5'" 
206 C "C5'" . DC  B 1  ? 0.3967 0.4051 0.4444 0.0084  -0.0364 -0.0125 11  DC  B "C5'" 
207 C "C4'" . DC  B 1  ? 0.3981 0.3492 0.4383 0.0220  -0.0243 -0.0017 11  DC  B "C4'" 
208 O "O4'" . DC  B 1  ? 0.3442 0.3975 0.5309 0.0580  -0.0554 0.0366  11  DC  B "O4'" 
209 C "C3'" . DC  B 1  ? 0.3273 0.3331 0.3864 -0.0117 -0.0223 -0.0151 11  DC  B "C3'" 
210 O "O3'" . DC  B 1  ? 0.2455 0.3499 0.4135 0.0378  -0.0020 -0.0136 11  DC  B "O3'" 
211 C "C2'" . DC  B 1  ? 0.3189 0.3335 0.3779 0.0129  -0.0195 0.0080  11  DC  B "C2'" 
212 C "C1'" . DC  B 1  ? 0.3149 0.3397 0.3630 0.0054  -0.0410 0.0155  11  DC  B "C1'" 
213 N N1    . DC  B 1  ? 0.2836 0.3160 0.3832 0.0190  -0.0462 0.0105  11  DC  B N1    
214 C C2    . DC  B 1  ? 0.2621 0.2664 0.3265 -0.0068 -0.0426 0.0057  11  DC  B C2    
215 O O2    . DC  B 1  ? 0.2533 0.2848 0.3227 0.0230  -0.0343 -0.0045 11  DC  B O2    
216 N N3    . DC  B 1  ? 0.3185 0.2985 0.3327 0.0041  -0.0225 0.0044  11  DC  B N3    
217 C C4    . DC  B 1  ? 0.3148 0.3253 0.3464 -0.0046 -0.0400 0.0066  11  DC  B C4    
218 N N4    . DC  B 1  ? 0.3228 0.3417 0.3352 -0.0175 -0.0529 -0.0096 11  DC  B N4    
219 C C5    . DC  B 1  ? 0.3423 0.3484 0.3557 0.0266  -0.0411 0.0254  11  DC  B C5    
220 C C6    . DC  B 1  ? 0.3095 0.3485 0.3708 0.0035  -0.0422 0.0124  11  DC  B C6    
221 P P     . DC  B 2  ? 0.2362 0.3565 0.3398 0.0062  -0.0075 -0.0160 12  DC  B P     
222 O OP1   . DC  B 2  ? 0.3075 0.4091 0.3835 -0.0065 0.0630  -0.0111 12  DC  B OP1   
223 O OP2   . DC  B 2  ? 0.2827 0.3965 0.3392 0.0105  -0.0277 -0.0118 12  DC  B OP2   
224 O "O5'" . DC  B 2  ? 0.2698 0.3236 0.3278 0.0167  -0.0220 -0.0159 12  DC  B "O5'" 
225 C "C5'" . DC  B 2  ? 0.2702 0.3110 0.3164 0.0288  0.0109  -0.0141 12  DC  B "C5'" 
226 C "C4'" . DC  B 2  ? 0.2809 0.2969 0.3085 0.0050  -0.0041 -0.0045 12  DC  B "C4'" 
227 O "O4'" . DC  B 2  ? 0.2661 0.2776 0.2954 0.0204  0.0156  -0.0403 12  DC  B "O4'" 
228 C "C3'" . DC  B 2  ? 0.2601 0.3021 0.2925 0.0084  -0.0112 -0.0065 12  DC  B "C3'" 
229 O "O3'" . DC  B 2  ? 0.2628 0.3344 0.3065 0.0261  0.0295  0.0008  12  DC  B "O3'" 
230 C "C2'" . DC  B 2  ? 0.2613 0.2686 0.2734 0.0118  0.0000  -0.0087 12  DC  B "C2'" 
231 C "C1'" . DC  B 2  ? 0.2182 0.2757 0.2593 0.0020  0.0031  -0.0123 12  DC  B "C1'" 
232 N N1    . DC  B 2  ? 0.2275 0.2462 0.2558 0.0176  0.0079  -0.0114 12  DC  B N1    
233 C C2    . DC  B 2  ? 0.2070 0.2429 0.2362 0.0018  -0.0009 -0.0030 12  DC  B C2    
234 O O2    . DC  B 2  ? 0.1985 0.2606 0.2428 -0.0073 -0.0062 -0.0001 12  DC  B O2    
235 N N3    . DC  B 2  ? 0.1992 0.2319 0.2367 -0.0019 0.0017  -0.0015 12  DC  B N3    
236 C C4    . DC  B 2  ? 0.2105 0.2360 0.2388 -0.0116 -0.0160 -0.0144 12  DC  B C4    
237 N N4    . DC  B 2  ? 0.2171 0.2594 0.2478 0.0084  -0.0143 0.0072  12  DC  B N4    
238 C C5    . DC  B 2  ? 0.2181 0.2485 0.2620 0.0056  -0.0156 -0.0021 12  DC  B C5    
239 C C6    . DC  B 2  ? 0.2281 0.2624 0.2613 -0.0002 -0.0152 -0.0220 12  DC  B C6    
240 P P     . DA  B 3  ? 0.2966 0.3531 0.3697 -0.0086 0.0197  0.0153  13  DA  B P     
241 O OP1   . DA  B 3  ? 0.3273 0.4007 0.4396 -0.0155 0.0622  0.0607  13  DA  B OP1   
242 O OP2   . DA  B 3  ? 0.3042 0.3945 0.3922 -0.0283 -0.0131 0.0135  13  DA  B OP2   
243 O "O5'" . DA  B 3  ? 0.3090 0.3146 0.2872 0.0025  0.0084  -0.0057 13  DA  B "O5'" 
244 C "C5'" . DA  B 3  ? 0.2906 0.2743 0.2915 -0.0080 0.0159  0.0035  13  DA  B "C5'" 
245 C "C4'" . DA  B 3  ? 0.2920 0.2903 0.2960 0.0016  0.0082  0.0004  13  DA  B "C4'" 
246 O "O4'" . DA  B 3  ? 0.2711 0.2884 0.2881 -0.0062 0.0134  -0.0258 13  DA  B "O4'" 
247 C "C3'" . DA  B 3  ? 0.2775 0.3025 0.2843 -0.0003 0.0214  -0.0038 13  DA  B "C3'" 
248 O "O3'" . DA  B 3  ? 0.3565 0.3032 0.2968 -0.0032 0.0412  -0.0062 13  DA  B "O3'" 
249 C "C2'" . DA  B 3  ? 0.2792 0.2658 0.2780 0.0002  0.0188  -0.0160 13  DA  B "C2'" 
250 C "C1'" . DA  B 3  ? 0.2364 0.2745 0.2710 -0.0053 0.0114  -0.0009 13  DA  B "C1'" 
251 N N9    . DA  B 3  ? 0.2272 0.2563 0.2586 -0.0141 0.0156  -0.0092 13  DA  B N9    
252 C C8    . DA  B 3  ? 0.2472 0.2326 0.2603 -0.0066 0.0125  0.0000  13  DA  B C8    
253 N N7    . DA  B 3  ? 0.2475 0.2491 0.2581 -0.0135 0.0066  -0.0117 13  DA  B N7    
254 C C5    . DA  B 3  ? 0.2449 0.2358 0.2417 -0.0074 0.0028  -0.0025 13  DA  B C5    
255 C C6    . DA  B 3  ? 0.2177 0.2316 0.2438 -0.0128 -0.0005 -0.0058 13  DA  B C6    
256 N N6    . DA  B 3  ? 0.2372 0.2606 0.2308 -0.0193 0.0143  0.0079  13  DA  B N6    
257 N N1    . DA  B 3  ? 0.2190 0.2390 0.2482 -0.0121 0.0091  -0.0060 13  DA  B N1    
258 C C2    . DA  B 3  ? 0.2167 0.2217 0.2421 -0.0082 0.0122  -0.0045 13  DA  B C2    
259 N N3    . DA  B 3  ? 0.2506 0.2290 0.2510 -0.0121 0.0173  0.0039  13  DA  B N3    
260 C C4    . DA  B 3  ? 0.2397 0.2446 0.2358 -0.0120 0.0033  -0.0040 13  DA  B C4    
261 P P     . DG  B 4  ? 0.3314 0.3178 0.3146 -0.0115 0.0410  -0.0011 14  DG  B P     
262 O OP1   . DG  B 4  ? 0.4194 0.3586 0.3587 0.0001  0.0617  0.0391  14  DG  B OP1   
263 O OP2   . DG  B 4  ? 0.3180 0.3562 0.2673 -0.0261 0.0396  -0.0206 14  DG  B OP2   
264 O "O5'" . DG  B 4  ? 0.3174 0.3207 0.3008 -0.0192 0.0335  0.0023  14  DG  B "O5'" 
265 C "C5'" . DG  B 4  ? 0.3080 0.3012 0.3119 -0.0155 0.0164  -0.0009 14  DG  B "C5'" 
266 C "C4'" . DG  B 4  ? 0.2917 0.2811 0.2669 -0.0175 -0.0078 -0.0074 14  DG  B "C4'" 
267 O "O4'" . DG  B 4  ? 0.2828 0.2809 0.2325 -0.0207 0.0024  -0.0132 14  DG  B "O4'" 
268 C "C3'" . DG  B 4  ? 0.2637 0.2678 0.2560 -0.0065 -0.0044 0.0022  14  DG  B "C3'" 
269 O "O3'" . DG  B 4  ? 0.2829 0.2741 0.2644 -0.0217 -0.0171 0.0114  14  DG  B "O3'" 
270 C "C2'" . DG  B 4  ? 0.2660 0.2369 0.2481 -0.0056 -0.0041 -0.0082 14  DG  B "C2'" 
271 C "C1'" . DG  B 4  ? 0.2547 0.2277 0.2381 -0.0014 0.0063  0.0018  14  DG  B "C1'" 
272 N N9    . DG  B 4  ? 0.2231 0.2540 0.2334 -0.0036 -0.0028 -0.0023 14  DG  B N9    
273 C C8    . DG  B 4  ? 0.2363 0.2339 0.2318 -0.0066 0.0095  -0.0070 14  DG  B C8    
274 N N7    . DG  B 4  ? 0.2210 0.2668 0.2360 -0.0045 0.0036  -0.0033 14  DG  B N7    
275 C C5    . DG  B 4  ? 0.2213 0.2242 0.2303 -0.0123 0.0002  -0.0208 14  DG  B C5    
276 C C6    . DG  B 4  ? 0.2093 0.2176 0.2389 -0.0037 -0.0014 -0.0095 14  DG  B C6    
277 O O6    . DG  B 4  ? 0.2187 0.2471 0.2690 -0.0014 0.0073  0.0137  14  DG  B O6    
278 N N1    . DG  B 4  ? 0.2239 0.2200 0.2170 0.0026  0.0026  -0.0018 14  DG  B N1    
279 C C2    . DG  B 4  ? 0.2095 0.1963 0.2053 -0.0144 -0.0069 -0.0144 14  DG  B C2    
280 N N2    . DG  B 4  ? 0.2116 0.2263 0.2265 0.0027  0.0036  -0.0131 14  DG  B N2    
281 N N3    . DG  B 4  ? 0.2260 0.2198 0.2102 -0.0133 0.0027  -0.0057 14  DG  B N3    
282 C C4    . DG  B 4  ? 0.2252 0.2467 0.2314 -0.0020 0.0019  -0.0065 14  DG  B C4    
283 P P     . 5FC B 5  ? 0.2829 0.2443 0.2777 -0.0167 0.0099  0.0149  15  5FC B P     
284 O OP2   . 5FC B 5  ? 0.2798 0.2722 0.3276 -0.0124 0.0286  0.0283  15  5FC B OP2   
285 O OP1   . 5FC B 5  ? 0.3562 0.2733 0.3051 -0.0225 0.0044  0.0618  15  5FC B OP1   
286 O "O5'" . 5FC B 5  ? 0.2709 0.2642 0.2744 0.0068  0.0079  0.0047  15  5FC B "O5'" 
287 N N1    . 5FC B 5  ? 0.2114 0.2259 0.2144 0.0094  -0.0052 0.0001  15  5FC B N1    
288 C C6    . 5FC B 5  ? 0.2239 0.2442 0.2160 0.0009  -0.0007 -0.0024 15  5FC B C6    
289 C C2    . 5FC B 5  ? 0.2076 0.2079 0.2261 -0.0051 -0.0158 -0.0021 15  5FC B C2    
290 O O2    . 5FC B 5  ? 0.2217 0.2276 0.2520 0.0006  0.0008  0.0069  15  5FC B O2    
291 N N3    . 5FC B 5  ? 0.2189 0.2046 0.2384 0.0039  0.0012  0.0011  15  5FC B N3    
292 C C4    . 5FC B 5  ? 0.2102 0.2330 0.2296 -0.0116 0.0003  -0.0028 15  5FC B C4    
293 N N4    . 5FC B 5  ? 0.2165 0.2262 0.2258 -0.0133 -0.0080 -0.0013 15  5FC B N4    
294 C C5    . 5FC B 5  ? 0.2325 0.2329 0.2391 -0.0045 -0.0029 0.0014  15  5FC B C5    
295 C "C2'" . 5FC B 5  ? 0.2351 0.2391 0.2402 0.0220  -0.0139 -0.0016 15  5FC B "C2'" 
296 C "C5'" . 5FC B 5  ? 0.2482 0.2769 0.2586 -0.0101 -0.0081 0.0087  15  5FC B "C5'" 
297 C "C4'" . 5FC B 5  ? 0.2531 0.2512 0.2533 -0.0143 -0.0178 0.0006  15  5FC B "C4'" 
298 O "O4'" . 5FC B 5  ? 0.2555 0.2426 0.2423 0.0024  -0.0229 0.0096  15  5FC B "O4'" 
299 C "C1'" . 5FC B 5  ? 0.2227 0.2374 0.2382 0.0148  -0.0102 0.0007  15  5FC B "C1'" 
300 C "C3'" . 5FC B 5  ? 0.2379 0.2367 0.2437 0.0009  -0.0112 -0.0030 15  5FC B "C3'" 
301 O "O3'" . 5FC B 5  ? 0.2759 0.2404 0.2726 0.0006  -0.0400 0.0019  15  5FC B "O3'" 
302 C C5A   . 5FC B 5  ? 0.2670 0.2727 0.2495 -0.0031 0.0155  0.0013  15  5FC B C5A   
303 O O5A   . 5FC B 5  ? 0.2519 0.3141 0.3079 -0.0038 -0.0007 -0.0056 15  5FC B O5A   
304 P P     . DG  B 6  ? 0.2976 0.2387 0.3023 0.0013  -0.0099 -0.0059 16  DG  B P     
305 O OP1   . DG  B 6  ? 0.3372 0.2306 0.3670 -0.0053 -0.0242 0.0050  16  DG  B OP1   
306 O OP2   . DG  B 6  ? 0.2935 0.2899 0.3391 0.0003  -0.0012 -0.0092 16  DG  B OP2   
307 O "O5'" . DG  B 6  ? 0.2451 0.2651 0.2874 -0.0231 -0.0118 -0.0290 16  DG  B "O5'" 
308 C "C5'" . DG  B 6  ? 0.2564 0.2452 0.2770 -0.0036 -0.0101 -0.0055 16  DG  B "C5'" 
309 C "C4'" . DG  B 6  ? 0.2529 0.2571 0.2691 -0.0061 -0.0107 -0.0158 16  DG  B "C4'" 
310 O "O4'" . DG  B 6  ? 0.2619 0.2561 0.2706 0.0131  -0.0275 0.0062  16  DG  B "O4'" 
311 C "C3'" . DG  B 6  ? 0.2586 0.2635 0.2698 -0.0048 -0.0143 -0.0151 16  DG  B "C3'" 
312 O "O3'" . DG  B 6  ? 0.2811 0.2540 0.3184 0.0229  -0.0076 -0.0100 16  DG  B "O3'" 
313 C "C2'" . DG  B 6  ? 0.2420 0.2433 0.2709 -0.0008 -0.0031 -0.0195 16  DG  B "C2'" 
314 C "C1'" . DG  B 6  ? 0.2429 0.2375 0.2406 0.0120  -0.0053 -0.0079 16  DG  B "C1'" 
315 N N9    . DG  B 6  ? 0.2183 0.2195 0.2398 -0.0026 -0.0165 -0.0138 16  DG  B N9    
316 C C8    . DG  B 6  ? 0.2165 0.2207 0.2356 0.0023  -0.0223 -0.0042 16  DG  B C8    
317 N N7    . DG  B 6  ? 0.2123 0.2052 0.2487 -0.0095 -0.0161 0.0041  16  DG  B N7    
318 C C5    . DG  B 6  ? 0.2009 0.2131 0.2221 -0.0111 -0.0208 -0.0119 16  DG  B C5    
319 C C6    . DG  B 6  ? 0.1810 0.2063 0.2260 -0.0214 -0.0122 -0.0100 16  DG  B C6    
320 O O6    . DG  B 6  ? 0.1960 0.2111 0.2441 -0.0045 -0.0202 -0.0105 16  DG  B O6    
321 N N1    . DG  B 6  ? 0.2063 0.2260 0.2234 0.0006  -0.0238 0.0085  16  DG  B N1    
322 C C2    . DG  B 6  ? 0.2023 0.2315 0.2317 -0.0162 -0.0054 0.0107  16  DG  B C2    
323 N N2    . DG  B 6  ? 0.1914 0.2439 0.2233 0.0117  0.0047  -0.0020 16  DG  B N2    
324 N N3    . DG  B 6  ? 0.2328 0.2332 0.2408 0.0014  -0.0098 -0.0052 16  DG  B N3    
325 C C4    . DG  B 6  ? 0.1962 0.2257 0.2345 -0.0045 -0.0133 -0.0069 16  DG  B C4    
326 P P     . DC  B 7  ? 0.2967 0.2640 0.3014 0.0132  -0.0251 -0.0150 17  DC  B P     
327 O OP1   . DC  B 7  ? 0.3677 0.2810 0.3960 0.0336  -0.0573 -0.0428 17  DC  B OP1   
328 O OP2   . DC  B 7  ? 0.3129 0.2747 0.3065 -0.0141 -0.0117 -0.0073 17  DC  B OP2   
329 O "O5'" . DC  B 7  ? 0.2844 0.2541 0.2687 -0.0016 -0.0152 -0.0142 17  DC  B "O5'" 
330 C "C5'" . DC  B 7  ? 0.2656 0.2520 0.2737 0.0101  -0.0102 0.0090  17  DC  B "C5'" 
331 C "C4'" . DC  B 7  ? 0.2451 0.2679 0.2538 0.0052  -0.0136 0.0009  17  DC  B "C4'" 
332 O "O4'" . DC  B 7  ? 0.2315 0.2698 0.2634 0.0181  0.0008  -0.0182 17  DC  B "O4'" 
333 C "C3'" . DC  B 7  ? 0.2406 0.2468 0.2521 0.0124  -0.0128 -0.0070 17  DC  B "C3'" 
334 O "O3'" . DC  B 7  ? 0.2528 0.2376 0.2796 0.0157  -0.0154 -0.0196 17  DC  B "O3'" 
335 C "C2'" . DC  B 7  ? 0.2295 0.2454 0.2419 0.0146  -0.0110 -0.0131 17  DC  B "C2'" 
336 C "C1'" . DC  B 7  ? 0.2422 0.2198 0.2447 0.0059  0.0008  -0.0104 17  DC  B "C1'" 
337 N N1    . DC  B 7  ? 0.1928 0.2162 0.2303 0.0145  -0.0145 -0.0023 17  DC  B N1    
338 C C2    . DC  B 7  ? 0.1873 0.1772 0.2330 -0.0132 -0.0035 -0.0078 17  DC  B C2    
339 O O2    . DC  B 7  ? 0.2205 0.2503 0.2400 0.0174  0.0062  0.0082  17  DC  B O2    
340 N N3    . DC  B 7  ? 0.2044 0.2129 0.2305 -0.0169 0.0000  -0.0094 17  DC  B N3    
341 C C4    . DC  B 7  ? 0.2178 0.2289 0.2323 0.0060  -0.0025 -0.0045 17  DC  B C4    
342 N N4    . DC  B 7  ? 0.1976 0.2341 0.2338 0.0044  0.0042  0.0047  17  DC  B N4    
343 C C5    . DC  B 7  ? 0.2268 0.2227 0.2327 0.0061  -0.0116 -0.0019 17  DC  B C5    
344 C C6    . DC  B 7  ? 0.2083 0.2026 0.2361 -0.0079 -0.0074 0.0017  17  DC  B C6    
345 P P     . DT  B 8  ? 0.2680 0.2503 0.2814 0.0016  0.0034  -0.0216 18  DT  B P     
346 O OP1   . DT  B 8  ? 0.3097 0.2895 0.3096 0.0274  0.0055  -0.0528 18  DT  B OP1   
347 O OP2   . DT  B 8  ? 0.2636 0.2585 0.2968 -0.0100 0.0139  -0.0074 18  DT  B OP2   
348 O "O5'" . DT  B 8  ? 0.2536 0.2402 0.2326 -0.0211 -0.0084 -0.0077 18  DT  B "O5'" 
349 C "C5'" . DT  B 8  ? 0.2299 0.2410 0.2315 -0.0074 -0.0143 -0.0042 18  DT  B "C5'" 
350 C "C4'" . DT  B 8  ? 0.2238 0.2460 0.2606 -0.0038 0.0061  0.0009  18  DT  B "C4'" 
351 O "O4'" . DT  B 8  ? 0.2452 0.2637 0.2527 0.0073  0.0290  -0.0172 18  DT  B "O4'" 
352 C "C3'" . DT  B 8  ? 0.2294 0.2709 0.2664 0.0060  0.0171  -0.0038 18  DT  B "C3'" 
353 O "O3'" . DT  B 8  ? 0.2319 0.3024 0.2891 0.0056  0.0093  -0.0376 18  DT  B "O3'" 
354 C "C2'" . DT  B 8  ? 0.2241 0.2607 0.2476 0.0012  0.0090  0.0050  18  DT  B "C2'" 
355 C "C1'" . DT  B 8  ? 0.2394 0.2477 0.2508 0.0201  -0.0020 -0.0030 18  DT  B "C1'" 
356 N N1    . DT  B 8  ? 0.2289 0.2428 0.2494 0.0134  0.0093  -0.0011 18  DT  B N1    
357 C C2    . DT  B 8  ? 0.2289 0.2161 0.2405 -0.0100 0.0173  -0.0047 18  DT  B C2    
358 O O2    . DT  B 8  ? 0.2346 0.2370 0.2899 0.0015  0.0048  0.0054  18  DT  B O2    
359 N N3    . DT  B 8  ? 0.2037 0.2390 0.2405 -0.0048 0.0003  -0.0109 18  DT  B N3    
360 C C4    . DT  B 8  ? 0.1914 0.2344 0.2544 -0.0125 0.0089  -0.0016 18  DT  B C4    
361 O O4    . DT  B 8  ? 0.2340 0.3101 0.2552 -0.0048 -0.0191 -0.0214 18  DT  B O4    
362 C C5    . DT  B 8  ? 0.2082 0.2206 0.2317 -0.0169 -0.0003 -0.0104 18  DT  B C5    
363 C C7    . DT  B 8  ? 0.2326 0.2259 0.2569 0.0003  -0.0061 -0.0177 18  DT  B C7    
364 C C6    . DT  B 8  ? 0.2044 0.2258 0.2390 -0.0070 0.0098  0.0005  18  DT  B C6    
365 P P     . DG  B 9  ? 0.2488 0.3549 0.3992 -0.0098 -0.0302 -0.0617 19  DG  B P     
366 O OP1   . DG  B 9  ? 0.3098 0.5043 0.4132 0.0197  -0.0552 -0.1268 19  DG  B OP1   
367 O OP2   . DG  B 9  ? 0.2982 0.3347 0.4676 -0.0566 -0.0310 -0.0224 19  DG  B OP2   
368 O "O5'" . DG  B 9  ? 0.2514 0.3016 0.2870 -0.0213 0.0056  -0.0045 19  DG  B "O5'" 
369 C "C5'" . DG  B 9  ? 0.2480 0.2957 0.2729 -0.0046 -0.0142 -0.0188 19  DG  B "C5'" 
370 C "C4'" . DG  B 9  ? 0.2576 0.2669 0.2917 -0.0124 -0.0108 -0.0198 19  DG  B "C4'" 
371 O "O4'" . DG  B 9  ? 0.2709 0.3008 0.2642 -0.0172 -0.0022 0.0189  19  DG  B "O4'" 
372 C "C3'" . DG  B 9  ? 0.2707 0.2771 0.2904 -0.0128 0.0001  -0.0018 19  DG  B "C3'" 
373 O "O3'" . DG  B 9  ? 0.2351 0.2981 0.2784 -0.0167 0.0030  -0.0191 19  DG  B "O3'" 
374 C "C2'" . DG  B 9  ? 0.2619 0.3171 0.2944 -0.0135 -0.0111 0.0154  19  DG  B "C2'" 
375 C "C1'" . DG  B 9  ? 0.3090 0.2886 0.2628 -0.0026 0.0132  0.0051  19  DG  B "C1'" 
376 N N9    . DG  B 9  ? 0.2469 0.2627 0.2692 0.0096  0.0026  -0.0186 19  DG  B N9    
377 C C8    . DG  B 9  ? 0.2331 0.2538 0.2668 -0.0046 -0.0071 -0.0126 19  DG  B C8    
378 N N7    . DG  B 9  ? 0.2188 0.2391 0.2515 -0.0234 0.0090  -0.0168 19  DG  B N7    
379 C C5    . DG  B 9  ? 0.2120 0.2231 0.2433 -0.0214 0.0066  -0.0058 19  DG  B C5    
380 C C6    . DG  B 9  ? 0.2137 0.2228 0.2392 -0.0246 -0.0112 -0.0016 19  DG  B C6    
381 O O6    . DG  B 9  ? 0.2321 0.2606 0.2255 -0.0150 -0.0126 -0.0022 19  DG  B O6    
382 N N1    . DG  B 9  ? 0.1997 0.2642 0.2306 -0.0160 0.0024  -0.0192 19  DG  B N1    
383 C C2    . DG  B 9  ? 0.2272 0.2350 0.2530 -0.0202 -0.0031 -0.0044 19  DG  B C2    
384 N N2    . DG  B 9  ? 0.2341 0.2575 0.2504 -0.0115 -0.0044 -0.0151 19  DG  B N2    
385 N N3    . DG  B 9  ? 0.2187 0.2487 0.2494 -0.0208 0.0009  -0.0008 19  DG  B N3    
386 C C4    . DG  B 9  ? 0.2177 0.2431 0.2473 -0.0206 0.0015  -0.0005 19  DG  B C4    
387 P P     . DG  B 10 ? 0.2523 0.3202 0.2946 -0.0284 0.0179  -0.0177 20  DG  B P     
388 O OP1   . DG  B 10 ? 0.2933 0.3600 0.3160 -0.0036 0.0006  0.0176  20  DG  B OP1   
389 O OP2   . DG  B 10 ? 0.3077 0.3213 0.3563 -0.0147 0.0471  -0.0147 20  DG  B OP2   
390 O "O5'" . DG  B 10 ? 0.2880 0.3246 0.2816 0.0102  0.0083  -0.0253 20  DG  B "O5'" 
391 C "C5'" . DG  B 10 ? 0.2751 0.2980 0.2426 -0.0104 -0.0051 0.0154  20  DG  B "C5'" 
392 C "C4'" . DG  B 10 ? 0.2697 0.2862 0.2381 0.0070  -0.0120 -0.0166 20  DG  B "C4'" 
393 O "O4'" . DG  B 10 ? 0.2232 0.2748 0.2601 -0.0250 -0.0139 0.0077  20  DG  B "O4'" 
394 C "C3'" . DG  B 10 ? 0.2699 0.2827 0.2543 0.0081  -0.0025 -0.0078 20  DG  B "C3'" 
395 O "O3'" . DG  B 10 ? 0.2622 0.3414 0.3135 -0.0144 -0.0119 -0.0438 20  DG  B "O3'" 
396 C "C2'" . DG  B 10 ? 0.2366 0.2327 0.2594 -0.0034 0.0039  -0.0038 20  DG  B "C2'" 
397 C "C1'" . DG  B 10 ? 0.2406 0.2551 0.2322 0.0029  -0.0141 -0.0034 20  DG  B "C1'" 
398 N N9    . DG  B 10 ? 0.2139 0.2313 0.2282 -0.0055 0.0027  0.0026  20  DG  B N9    
399 C C8    . DG  B 10 ? 0.2282 0.2428 0.2410 -0.0050 0.0101  -0.0063 20  DG  B C8    
400 N N7    . DG  B 10 ? 0.2367 0.2589 0.2370 -0.0143 -0.0007 -0.0027 20  DG  B N7    
401 C C5    . DG  B 10 ? 0.2218 0.2291 0.2388 -0.0104 0.0082  0.0008  20  DG  B C5    
402 C C6    . DG  B 10 ? 0.2432 0.2262 0.2448 -0.0108 0.0035  0.0059  20  DG  B C6    
403 O O6    . DG  B 10 ? 0.2145 0.2557 0.2594 -0.0108 0.0170  0.0112  20  DG  B O6    
404 N N1    . DG  B 10 ? 0.2192 0.2054 0.2346 -0.0210 -0.0193 -0.0121 20  DG  B N1    
405 C C2    . DG  B 10 ? 0.2435 0.2172 0.2452 -0.0060 -0.0162 -0.0060 20  DG  B C2    
406 N N2    . DG  B 10 ? 0.2313 0.2525 0.2341 0.0051  -0.0110 0.0037  20  DG  B N2    
407 N N3    . DG  B 10 ? 0.2312 0.2296 0.2283 -0.0046 -0.0009 0.0024  20  DG  B N3    
408 C C4    . DG  B 10 ? 0.2312 0.2253 0.2327 -0.0089 -0.0044 0.0001  20  DG  B C4    
409 C C     . BCT C .  ? 0.3419 0.3755 0.3887 0.0061  -0.0268 0.0104  101 BCT A C     
410 O O1    . BCT C .  ? 0.5367 0.4086 0.5313 -0.0368 -0.0591 0.0065  101 BCT A O1    
411 O O2    . BCT C .  ? 0.3781 0.3418 0.4170 0.0148  -0.0236 0.0118  101 BCT A O2    
412 O O3    . BCT C .  ? 0.3949 0.4731 0.3842 -0.0267 0.0178  -0.0093 101 BCT A O3    
413 C C     . BCT D .  ? 0.2905 0.1990 0.3851 0.1710  0.0030  -0.0628 102 BCT A C     
414 O O1    . BCT D .  ? 0.5127 0.3840 0.4238 -0.0382 -0.0450 -0.0005 102 BCT A O1    
415 O O2    . BCT D .  ? 0.4705 0.3971 0.7085 0.2681  -0.1010 -0.2123 102 BCT A O2    
416 O O3    . BCT D .  ? 0.3490 0.4750 0.3920 0.0377  -0.0103 0.0458  102 BCT A O3    
417 O O     . HOH E .  ? 0.3611 0.6456 0.5160 0.0439  0.0457  -0.0064 201 HOH A O     
418 O O     . HOH E .  ? 0.4694 0.3934 0.4209 -0.0644 -0.0815 -0.0164 202 HOH A O     
419 O O     . HOH E .  ? 0.3473 0.3349 0.3775 0.0463  0.0456  0.0212  203 HOH A O     
420 O O     . HOH E .  ? 0.2901 0.3680 0.3214 -0.0170 0.0070  0.0060  204 HOH A O     
421 O O     . HOH E .  ? 0.4472 0.8623 0.5170 -0.0926 -0.0843 0.0034  205 HOH A O     
422 O O     . HOH E .  ? 0.4463 0.5117 0.5695 -0.1386 -0.0617 0.0781  206 HOH A O     
423 O O     . HOH E .  ? 0.4947 0.6622 0.8095 0.1766  -0.1396 0.0937  207 HOH A O     
424 O O     . HOH E .  ? 0.2214 0.3815 0.3008 0.0166  0.0023  -0.0385 208 HOH A O     
425 O O     . HOH E .  ? 0.5699 0.5673 0.6780 0.0356  0.0356  -0.0764 209 HOH A O     
426 O O     . HOH E .  ? 0.3541 0.2997 0.3710 -0.0218 0.0464  0.0045  210 HOH A O     
427 O O     . HOH E .  ? 0.6977 0.6244 0.5066 0.0245  -0.0653 0.0860  211 HOH A O     
428 O O     . HOH E .  ? 0.4110 0.5248 0.4008 -0.0770 0.0019  -0.0540 212 HOH A O     
429 O O     . HOH E .  ? 0.3826 0.3657 0.5373 -0.1062 0.0250  0.0290  213 HOH A O     
430 O O     . HOH E .  ? 0.2633 0.2686 0.2675 -0.0268 -0.0233 -0.0040 214 HOH A O     
431 O O     . HOH E .  ? 0.3268 0.3265 0.4780 0.0102  -0.0050 -0.0637 215 HOH A O     
432 O O     . HOH E .  ? 0.3326 0.3173 0.4077 -0.0055 0.0380  -0.0576 216 HOH A O     
433 O O     . HOH E .  ? 0.3331 0.5945 0.3779 0.0476  -0.0326 -0.0998 217 HOH A O     
434 O O     . HOH E .  ? 0.7283 0.4782 0.8239 0.0605  0.0952  -0.0119 218 HOH A O     
435 O O     . HOH E .  ? 0.2640 0.4537 0.3539 -0.0141 -0.0154 -0.0103 219 HOH A O     
436 O O     . HOH E .  ? 0.3434 0.3361 0.3277 0.0161  -0.0551 -0.0405 220 HOH A O     
437 O O     . HOH E .  ? 0.2895 0.2936 0.3149 -0.0498 -0.0278 -0.0307 221 HOH A O     
438 O O     . HOH E .  ? 0.3276 0.3669 0.3619 0.0448  0.0746  -0.0789 222 HOH A O     
439 O O     . HOH E .  ? 0.2885 0.3511 0.2989 -0.0155 -0.0282 -0.0260 223 HOH A O     
440 O O     . HOH E .  ? 0.4720 0.4910 0.5115 -0.1356 -0.0665 -0.0303 224 HOH A O     
441 O O     . HOH E .  ? 0.3028 0.3356 0.2603 -0.0139 0.0005  -0.0261 225 HOH A O     
442 O O     . HOH E .  ? 0.3942 0.4141 0.3631 -0.0131 -0.0268 -0.0497 226 HOH A O     
443 O O     . HOH E .  ? 0.4566 0.4216 0.4176 0.0712  0.0555  0.0097  227 HOH A O     
444 O O     . HOH E .  ? 0.4052 0.4606 0.5388 -0.0312 0.0025  -0.0995 228 HOH A O     
445 O O     . HOH E .  ? 0.2875 0.4054 0.2804 -0.0241 0.0062  -0.0383 229 HOH A O     
446 O O     . HOH E .  ? 0.3263 0.3561 0.4004 -0.0116 0.0167  0.0208  230 HOH A O     
447 O O     . HOH E .  ? 0.6993 0.6701 0.6101 -0.1620 -0.0323 -0.1021 231 HOH A O     
448 O O     . HOH E .  ? 0.4858 0.4331 0.6236 0.0073  -0.1321 -0.1427 232 HOH A O     
449 O O     . HOH E .  ? 0.6296 0.7718 0.3016 0.0001  -0.0641 -0.1297 233 HOH A O     
450 O O     . HOH E .  ? 0.3382 0.3108 0.3290 -0.0050 -0.0151 -0.0180 234 HOH A O     
451 O O     . HOH E .  ? 0.2894 0.3269 0.2744 -0.0509 -0.0133 -0.0395 235 HOH A O     
452 O O     . HOH E .  ? 0.3304 0.3954 0.3216 -0.0568 0.0401  -0.0281 236 HOH A O     
453 O O     . HOH E .  ? 0.2512 0.3066 0.2825 0.0309  0.0012  0.0101  237 HOH A O     
454 O O     . HOH E .  ? 0.3908 0.3853 0.4605 -0.0064 -0.0169 -0.0924 238 HOH A O     
455 O O     . HOH E .  ? 0.4254 0.3473 0.3661 -0.0103 -0.0197 -0.0139 239 HOH A O     
456 O O     . HOH E .  ? 0.4136 0.4619 0.6552 0.1257  -0.1228 -0.0258 240 HOH A O     
457 O O     . HOH E .  ? 0.3304 0.3747 0.3266 0.0023  -0.0067 -0.0167 241 HOH A O     
458 O O     . HOH E .  ? 0.3462 0.4348 0.3670 0.0221  -0.0224 0.0784  242 HOH A O     
459 O O     . HOH E .  ? 0.6550 0.4569 0.8929 0.1616  -0.0941 0.0932  243 HOH A O     
460 O O     . HOH E .  ? 0.3762 0.5702 0.4505 0.1147  0.0747  0.0560  244 HOH A O     
461 O O     . HOH E .  ? 0.5258 0.3394 0.3002 0.0779  -0.0753 -0.0061 245 HOH A O     
462 O O     . HOH E .  ? 0.5377 0.6210 0.7543 -0.2590 0.0545  -0.1806 246 HOH A O     
463 O O     . HOH E .  ? 0.4266 0.4290 0.7525 0.0245  -0.0022 -0.1123 247 HOH A O     
464 O O     . HOH E .  ? 0.7054 0.6828 0.7695 0.0326  0.0500  0.0392  248 HOH A O     
465 O O     . HOH E .  ? 0.4223 0.2819 0.2842 0.0330  0.0098  0.0126  249 HOH A O     
466 O O     . HOH E .  ? 0.3647 0.4813 0.5314 -0.0581 -0.0150 -0.0740 250 HOH A O     
467 O O     . HOH E .  ? 0.4114 0.3381 0.2809 -0.0211 -0.0704 0.0089  251 HOH A O     
468 O O     . HOH E .  ? 0.2671 0.2897 0.3252 0.0377  0.0195  -0.0306 252 HOH A O     
469 O O     . HOH E .  ? 0.5077 0.4287 0.5864 -0.0339 -0.0822 0.1524  253 HOH A O     
470 O O     . HOH E .  ? 0.6671 0.5673 0.4892 0.2690  -0.1273 -0.1403 254 HOH A O     
471 O O     . HOH E .  ? 0.2824 0.4086 0.3523 -0.0213 -0.0003 -0.0296 255 HOH A O     
472 O O     . HOH E .  ? 0.3697 0.3101 0.3917 0.0113  -0.0118 -0.0166 256 HOH A O     
473 O O     . HOH E .  ? 0.5423 0.5299 0.8143 0.0425  0.0738  0.1038  257 HOH A O     
474 O O     . HOH E .  ? 0.4273 0.4934 0.6558 0.0419  -0.0614 -0.0850 258 HOH A O     
475 O O     . HOH E .  ? 0.4557 0.3783 0.4830 -0.0330 0.0153  -0.0515 259 HOH A O     
476 O O     . HOH E .  ? 0.3738 0.4356 0.5082 -0.0098 0.0793  -0.0696 260 HOH A O     
477 O O     . HOH E .  ? 0.3979 0.6384 0.6368 0.1693  -0.0141 0.0515  261 HOH A O     
478 O O     . HOH E .  ? 0.6239 0.3980 0.3945 0.1108  0.0766  0.0324  262 HOH A O     
479 O O     . HOH E .  ? 0.6334 0.5226 0.5606 0.0341  -0.0128 0.0359  263 HOH A O     
480 O O     . HOH E .  ? 0.5645 0.3890 0.5061 -0.0344 -0.0129 0.0578  264 HOH A O     
481 O O     . HOH E .  ? 0.4468 0.4714 0.3873 -0.0105 0.0689  0.0015  265 HOH A O     
482 O O     . HOH E .  ? 0.4986 0.5795 0.6177 0.0039  -0.0127 0.0784  266 HOH A O     
483 O O     . HOH E .  ? 0.6059 0.3868 0.5087 0.0162  -0.0545 -0.0765 267 HOH A O     
484 O O     . HOH E .  ? 0.5188 0.4206 0.7979 -0.0676 0.0182  -0.0366 268 HOH A O     
485 O O     . HOH E .  ? 0.3406 0.4293 0.5372 0.0574  0.0886  -0.0543 269 HOH A O     
486 O O     . HOH F .  ? 0.3560 0.4640 0.7521 0.0643  -0.0661 -0.0697 101 HOH B O     
487 O O     . HOH F .  ? 0.3860 0.4646 0.3599 0.0287  -0.0598 -0.0139 102 HOH B O     
488 O O     . HOH F .  ? 0.4673 0.3849 0.4832 -0.0603 -0.0250 0.0951  103 HOH B O     
489 O O     . HOH F .  ? 0.3725 0.5447 0.5214 0.0428  0.0426  0.0426  104 HOH B O     
490 O O     . HOH F .  ? 0.2988 0.2944 0.2776 0.0213  -0.0138 0.0013  105 HOH B O     
491 O O     . HOH F .  ? 0.4726 0.6669 0.5200 0.1485  -0.0187 -0.1084 106 HOH B O     
492 O O     . HOH F .  ? 0.3004 0.3148 0.3992 -0.0440 0.0248  0.0845  107 HOH B O     
493 O O     . HOH F .  ? 0.3142 0.4034 0.3561 -0.0134 0.0167  -0.0437 108 HOH B O     
494 O O     . HOH F .  ? 0.3563 0.4502 0.3351 0.0029  -0.0277 -0.0162 109 HOH B O     
495 O O     . HOH F .  ? 0.3759 0.5980 0.5108 0.0345  -0.0034 -0.0481 110 HOH B O     
496 O O     . HOH F .  ? 0.3636 0.4008 0.3871 0.0416  -0.0026 0.0039  111 HOH B O     
497 O O     . HOH F .  ? 0.5357 0.6952 0.7102 -0.1593 -0.1176 -0.0489 112 HOH B O     
498 O O     . HOH F .  ? 0.2845 0.3467 0.4071 0.0065  -0.0146 0.0480  113 HOH B O     
499 O O     . HOH F .  ? 0.2850 0.3770 0.4692 0.0269  0.0132  -0.0904 114 HOH B O     
500 O O     . HOH F .  ? 0.2994 0.3025 0.3950 0.0048  -0.0358 -0.0505 115 HOH B O     
501 O O     . HOH F .  ? 0.2896 0.5440 0.5309 0.0966  0.0351  0.0517  116 HOH B O     
502 O O     . HOH F .  ? 0.5682 0.7454 0.5590 0.0122  0.1989  -0.0059 117 HOH B O     
503 O O     . HOH F .  ? 0.3520 0.4082 0.4100 -0.0196 0.0066  -0.0148 118 HOH B O     
504 O O     . HOH F .  ? 0.2829 0.3402 0.3256 -0.0525 0.0091  -0.0255 119 HOH B O     
505 O O     . HOH F .  ? 0.5737 0.4166 0.6307 0.0283  -0.0716 -0.0357 120 HOH B O     
506 O O     . HOH F .  ? 0.6727 0.3385 0.4991 -0.0456 -0.0099 -0.0432 121 HOH B O     
507 O O     . HOH F .  ? 0.4960 0.5291 0.6593 -0.0671 -0.0596 0.0866  122 HOH B O     
508 O O     . HOH F .  ? 0.5381 0.4109 0.4499 0.0157  -0.0401 -0.0091 123 HOH B O     
509 O O     . HOH F .  ? 0.3781 0.3234 0.3853 0.0320  0.0810  -0.0484 124 HOH B O     
510 O O     . HOH F .  ? 0.5082 0.6408 0.4677 0.0668  0.0745  -0.0299 125 HOH B O     
511 O O     . HOH F .  ? 0.3036 0.3496 0.2915 -0.0172 0.0076  -0.0011 126 HOH B O     
512 O O     . HOH F .  ? 0.3091 0.3136 0.3448 0.0130  -0.0123 -0.0203 127 HOH B O     
513 O O     . HOH F .  ? 0.6785 0.4923 0.7869 -0.1871 -0.0831 0.2000  128 HOH B O     
514 O O     . HOH F .  ? 0.2775 0.3881 0.2918 -0.0021 0.0236  0.0191  129 HOH B O     
515 O O     . HOH F .  ? 0.4677 0.4824 0.5571 -0.0504 -0.0120 0.0184  130 HOH B O     
516 O O     . HOH F .  ? 0.4540 0.4822 0.3724 -0.1196 0.0613  -0.0574 131 HOH B O     
517 O O     . HOH F .  ? 0.4602 0.5782 0.6574 0.0825  0.1694  0.0833  132 HOH B O     
518 O O     . HOH F .  ? 0.4225 0.5065 0.4009 -0.0681 -0.0378 0.0123  133 HOH B O     
519 O O     . HOH F .  ? 0.5963 0.4560 0.7247 -0.0026 0.0966  -0.1488 134 HOH B O     
520 O O     . HOH F .  ? 0.3744 0.4795 0.2846 -0.0612 -0.0427 0.0384  135 HOH B O     
521 O O     . HOH F .  ? 0.5259 0.4768 0.6466 -0.0026 0.0388  -0.0562 136 HOH B O     
522 O O     . HOH F .  ? 0.5966 0.5293 0.8265 0.0358  -0.0743 0.0447  137 HOH B O     
523 O O     . HOH F .  ? 0.3909 0.4759 0.4491 -0.0668 -0.1016 0.0376  138 HOH B O     
524 O O     . HOH F .  ? 0.9978 0.5010 0.3416 -0.0582 0.0100  0.0510  139 HOH B O     
525 O O     . HOH F .  ? 0.4378 0.4494 0.5808 -0.0312 -0.0388 0.0087  140 HOH B O     
526 O O     . HOH F .  ? 0.3308 0.6289 0.7155 0.0076  -0.0709 -0.1558 141 HOH B O     
527 O O     . HOH F .  ? 0.5181 0.9810 0.8513 -0.0221 -0.0268 0.1561  142 HOH B O     
528 O O     . HOH F .  ? 0.4474 0.5902 0.8147 -0.0780 -0.1205 0.1282  143 HOH B O     
529 O O     . HOH F .  ? 0.4115 0.5309 0.6621 0.0518  -0.0653 -0.0452 144 HOH B O     
530 O O     . HOH F .  ? 0.3470 0.4845 0.4530 0.0085  -0.0183 -0.0205 145 HOH B O     
531 O O     . HOH F .  ? 0.4618 0.5358 0.6102 -0.0205 -0.0715 -0.0092 146 HOH B O     
532 O O     . HOH F .  ? 0.7434 0.3916 0.7846 0.1167  -0.1063 -0.1517 147 HOH B O     
533 O O     . HOH F .  ? 0.5289 0.6064 0.3777 0.1023  -0.0583 0.0507  148 HOH B O     
534 O O     . HOH F .  ? 0.5294 0.5193 0.4242 -0.0173 0.0644  0.0848  149 HOH B O     
# 
